data_8BIB
#
_entry.id   8BIB
#
_cell.length_a   63.060
_cell.length_b   77.050
_cell.length_c   167.220
_cell.angle_alpha   90.000
_cell.angle_beta   95.500
_cell.angle_gamma   90.000
#
_symmetry.space_group_name_H-M   'P 1 21 1'
#
loop_
_entity.id
_entity.type
_entity.pdbx_description
1 polymer 'Methyltransferase Plu4890'
2 non-polymer S-ADENOSYL-L-HOMOCYSTEINE
3 non-polymer 1,3,8-tris(oxidanyl)anthracene-9,10-dione
4 non-polymer 'SODIUM ION'
5 non-polymer 'CARBONATE ION'
6 non-polymer GLYCEROL
7 non-polymer 'CHLORIDE ION'
8 water water
#
_entity_poly.entity_id   1
_entity_poly.type   'polypeptide(L)'
_entity_poly.pdbx_seq_one_letter_code
;SMLTELIASNRRSAAIHAFVDTGLSTHFKDGIYVDISELSRKSGVNYARFSRLCDFLVEMGVLVSNDNKFRLSDECHVFA
NPESFESFMIKLEICSHYSNAWLMYGKSLFEDDGKSAFEMAHGRPFFEYLDGNKFLKSNFDALMTRVSNLIVEKLLGIYD
FNQHNRILDVGGGEGELLVRISEKVKGKHYAVLDRYSELPVSDNIDFINGNFLNSIPSGYDLYILKNVLHNWSDSDSILI
LENFRKAMDKNSSLLLINMVKEPEFSRSFDILMDVLFLGKERSFTEFEYLANQAGLVVQETKVIDQSYSPYSFIKLQIK
;
_entity_poly.pdbx_strand_id   A,B,C,D
#
loop_
_chem_comp.id
_chem_comp.type
_chem_comp.name
_chem_comp.formula
CL non-polymer 'CHLORIDE ION' 'Cl -1'
CO3 non-polymer 'CARBONATE ION' 'C O3 -2'
GOL non-polymer GLYCEROL 'C3 H8 O3'
NA non-polymer 'SODIUM ION' 'Na 1'
QOI non-polymer 1,3,8-tris(oxidanyl)anthracene-9,10-dione 'C14 H8 O5'
SAH non-polymer S-ADENOSYL-L-HOMOCYSTEINE 'C14 H20 N6 O5 S'
#
# COMPACT_ATOMS: atom_id res chain seq x y z
N SER A 1 4.58 6.30 22.17
CA SER A 1 5.49 7.11 23.03
C SER A 1 4.68 7.83 24.12
N MET A 2 5.37 8.37 25.12
CA MET A 2 4.76 9.14 26.24
C MET A 2 4.75 10.64 25.89
N LEU A 3 5.71 11.10 25.08
CA LEU A 3 5.80 12.51 24.62
C LEU A 3 4.70 12.81 23.60
N THR A 4 4.44 11.90 22.66
CA THR A 4 3.41 12.06 21.59
C THR A 4 2.02 12.05 22.22
N GLU A 5 1.80 11.29 23.29
CA GLU A 5 0.52 11.24 24.05
C GLU A 5 0.42 12.47 24.97
N LEU A 6 1.55 13.05 25.37
CA LEU A 6 1.60 14.35 26.10
C LEU A 6 1.24 15.47 25.13
N ILE A 7 1.81 15.43 23.91
CA ILE A 7 1.45 16.35 22.79
C ILE A 7 -0.05 16.22 22.50
N ALA A 8 -0.57 14.99 22.53
CA ALA A 8 -1.96 14.63 22.17
C ALA A 8 -2.86 14.60 23.42
N SER A 9 -2.54 15.40 24.45
CA SER A 9 -3.30 15.48 25.72
C SER A 9 -4.69 16.07 25.47
N ASN A 10 -4.80 17.02 24.53
CA ASN A 10 -6.08 17.69 24.15
C ASN A 10 -7.13 16.65 23.71
N ARG A 11 -6.69 15.53 23.14
CA ARG A 11 -7.58 14.43 22.67
C ARG A 11 -8.37 13.86 23.85
N ARG A 12 -7.77 13.84 25.04
CA ARG A 12 -8.41 13.35 26.30
C ARG A 12 -9.57 14.28 26.66
N SER A 13 -9.34 15.60 26.63
CA SER A 13 -10.35 16.65 26.90
C SER A 13 -11.50 16.55 25.90
N ALA A 14 -11.16 16.50 24.60
CA ALA A 14 -12.12 16.52 23.46
C ALA A 14 -13.00 15.26 23.48
N ALA A 15 -12.47 14.12 23.89
CA ALA A 15 -13.19 12.83 24.00
C ALA A 15 -14.26 12.93 25.10
N ILE A 16 -13.90 13.50 26.26
CA ILE A 16 -14.82 13.74 27.40
C ILE A 16 -15.89 14.76 26.98
N HIS A 17 -15.49 15.82 26.28
CA HIS A 17 -16.39 16.89 25.75
C HIS A 17 -17.48 16.25 24.90
N ALA A 18 -17.11 15.39 23.94
CA ALA A 18 -18.03 14.69 23.01
C ALA A 18 -18.98 13.78 23.79
N PHE A 19 -18.50 13.19 24.89
CA PHE A 19 -19.26 12.25 25.76
C PHE A 19 -20.27 13.03 26.62
N VAL A 20 -19.89 14.22 27.10
CA VAL A 20 -20.67 15.02 28.10
C VAL A 20 -21.58 16.02 27.37
N ASP A 21 -21.05 16.76 26.40
CA ASP A 21 -21.75 17.90 25.74
C ASP A 21 -22.94 17.38 24.92
N THR A 22 -22.86 16.17 24.37
CA THR A 22 -23.96 15.52 23.60
C THR A 22 -25.09 15.09 24.53
N GLY A 23 -24.77 14.78 25.79
CA GLY A 23 -25.72 14.29 26.81
C GLY A 23 -25.70 12.77 26.92
N LEU A 24 -24.77 12.10 26.23
CA LEU A 24 -24.62 10.63 26.25
C LEU A 24 -24.24 10.16 27.66
N SER A 25 -23.47 10.98 28.39
CA SER A 25 -22.97 10.69 29.76
C SER A 25 -24.13 10.63 30.76
N THR A 26 -25.26 11.30 30.48
CA THR A 26 -26.46 11.37 31.36
C THR A 26 -27.27 10.07 31.30
N HIS A 27 -26.85 9.09 30.50
CA HIS A 27 -27.44 7.73 30.44
C HIS A 27 -26.76 6.79 31.45
N PHE A 28 -25.68 7.27 32.11
CA PHE A 28 -24.83 6.48 33.03
C PHE A 28 -25.06 6.92 34.48
N LYS A 29 -26.32 7.22 34.84
CA LYS A 29 -26.71 7.70 36.19
C LYS A 29 -26.70 6.51 37.18
N ASP A 30 -26.32 6.77 38.42
CA ASP A 30 -26.40 5.82 39.57
C ASP A 30 -25.47 4.62 39.34
N GLY A 31 -24.41 4.79 38.54
CA GLY A 31 -23.39 3.76 38.28
C GLY A 31 -23.96 2.50 37.64
N ILE A 32 -24.92 2.66 36.72
CA ILE A 32 -25.53 1.54 35.94
C ILE A 32 -24.56 1.12 34.83
N TYR A 33 -24.55 -0.18 34.50
CA TYR A 33 -23.85 -0.76 33.31
C TYR A 33 -24.75 -0.61 32.09
N VAL A 34 -24.32 0.23 31.12
CA VAL A 34 -25.09 0.59 29.90
C VAL A 34 -24.68 -0.35 28.77
N ASP A 35 -25.67 -0.96 28.09
CA ASP A 35 -25.50 -1.69 26.81
C ASP A 35 -25.47 -0.66 25.68
N ILE A 36 -24.34 -0.57 24.97
CA ILE A 36 -24.07 0.49 23.95
C ILE A 36 -24.96 0.25 22.72
N SER A 37 -25.27 -1.01 22.41
CA SER A 37 -26.17 -1.42 21.30
C SER A 37 -27.59 -0.90 21.56
N GLU A 38 -28.07 -0.99 22.80
CA GLU A 38 -29.40 -0.49 23.23
C GLU A 38 -29.38 1.05 23.27
N LEU A 39 -28.25 1.64 23.68
CA LEU A 39 -28.04 3.12 23.68
C LEU A 39 -28.07 3.62 22.23
N SER A 40 -27.48 2.86 21.30
CA SER A 40 -27.44 3.16 19.84
C SER A 40 -28.86 3.17 19.27
N ARG A 41 -29.70 2.21 19.66
CA ARG A 41 -31.10 2.07 19.18
C ARG A 41 -31.97 3.18 19.79
N LYS A 42 -31.74 3.52 21.06
CA LYS A 42 -32.54 4.54 21.80
C LYS A 42 -32.21 5.94 21.28
N SER A 43 -30.94 6.36 21.40
CA SER A 43 -30.47 7.76 21.19
C SER A 43 -30.12 8.00 19.70
N GLY A 44 -29.80 6.94 18.95
CA GLY A 44 -29.46 7.03 17.52
C GLY A 44 -27.99 7.30 17.28
N VAL A 45 -27.15 7.20 18.33
CA VAL A 45 -25.67 7.36 18.23
C VAL A 45 -25.12 6.13 17.48
N ASN A 46 -24.09 6.31 16.66
CA ASN A 46 -23.46 5.23 15.86
C ASN A 46 -22.79 4.24 16.81
N TYR A 47 -23.26 2.99 16.82
CA TYR A 47 -22.80 1.90 17.72
C TYR A 47 -21.28 1.72 17.60
N ALA A 48 -20.82 1.41 16.39
CA ALA A 48 -19.41 1.05 16.06
C ALA A 48 -18.46 2.18 16.51
N ARG A 49 -18.80 3.43 16.18
CA ARG A 49 -17.92 4.61 16.40
C ARG A 49 -17.93 5.02 17.88
N PHE A 50 -19.09 5.00 18.54
CA PHE A 50 -19.22 5.36 19.97
C PHE A 50 -18.55 4.29 20.84
N SER A 51 -18.61 3.02 20.41
CA SER A 51 -17.92 1.88 21.07
C SER A 51 -16.41 2.14 21.11
N ARG A 52 -15.86 2.74 20.03
CA ARG A 52 -14.42 3.10 19.93
C ARG A 52 -14.11 4.22 20.93
N LEU A 53 -15.02 5.18 21.09
CA LEU A 53 -14.88 6.31 22.06
C LEU A 53 -14.91 5.76 23.50
N CYS A 54 -15.81 4.82 23.79
CA CYS A 54 -15.97 4.16 25.12
C CYS A 54 -14.66 3.46 25.49
N ASP A 55 -14.00 2.78 24.54
CA ASP A 55 -12.71 2.07 24.75
C ASP A 55 -11.64 3.08 25.18
N PHE A 56 -11.63 4.27 24.58
CA PHE A 56 -10.69 5.38 24.92
C PHE A 56 -11.08 5.98 26.28
N LEU A 57 -12.38 6.02 26.59
CA LEU A 57 -12.90 6.51 27.90
C LEU A 57 -12.53 5.52 29.00
N VAL A 58 -12.51 4.21 28.70
CA VAL A 58 -12.06 3.15 29.64
C VAL A 58 -10.56 3.33 29.93
N GLU A 59 -9.76 3.64 28.90
CA GLU A 59 -8.30 3.90 28.99
C GLU A 59 -8.04 5.07 29.95
N MET A 60 -8.86 6.13 29.86
CA MET A 60 -8.73 7.38 30.67
C MET A 60 -9.23 7.15 32.10
N GLY A 61 -10.00 6.09 32.34
CA GLY A 61 -10.56 5.74 33.65
C GLY A 61 -11.89 6.43 33.91
N VAL A 62 -12.51 6.98 32.86
CA VAL A 62 -13.85 7.64 32.93
C VAL A 62 -14.92 6.54 32.99
N LEU A 63 -14.83 5.56 32.10
CA LEU A 63 -15.74 4.37 32.05
C LEU A 63 -15.01 3.14 32.60
N VAL A 64 -15.78 2.12 32.99
CA VAL A 64 -15.29 0.80 33.48
C VAL A 64 -16.05 -0.29 32.71
N SER A 65 -15.32 -1.23 32.10
CA SER A 65 -15.86 -2.29 31.20
C SER A 65 -16.03 -3.60 31.98
N ASN A 66 -17.26 -4.13 32.01
CA ASN A 66 -17.60 -5.46 32.57
C ASN A 66 -18.92 -5.96 31.96
N ASP A 67 -18.99 -7.26 31.66
CA ASP A 67 -20.21 -7.97 31.17
C ASP A 67 -20.68 -7.35 29.85
N ASN A 68 -19.75 -7.01 28.95
CA ASN A 68 -20.01 -6.46 27.60
C ASN A 68 -20.74 -5.11 27.71
N LYS A 69 -20.55 -4.38 28.80
CA LYS A 69 -21.25 -3.10 29.10
C LYS A 69 -20.27 -2.12 29.77
N PHE A 70 -20.68 -0.86 29.94
CA PHE A 70 -19.86 0.25 30.47
C PHE A 70 -20.63 1.01 31.56
N ARG A 71 -19.97 1.29 32.68
CA ARG A 71 -20.45 2.20 33.75
C ARG A 71 -19.45 3.35 33.91
N LEU A 72 -19.91 4.52 34.34
CA LEU A 72 -19.04 5.64 34.79
C LEU A 72 -18.28 5.19 36.04
N SER A 73 -16.99 5.53 36.14
CA SER A 73 -16.14 5.26 37.33
C SER A 73 -16.68 6.03 38.53
N ASP A 74 -16.25 5.66 39.74
CA ASP A 74 -16.73 6.24 41.02
C ASP A 74 -16.51 7.76 41.00
N GLU A 75 -15.30 8.21 40.64
CA GLU A 75 -14.91 9.64 40.67
C GLU A 75 -15.60 10.42 39.54
N CYS A 76 -15.97 9.74 38.44
CA CYS A 76 -16.54 10.36 37.21
C CYS A 76 -18.08 10.23 37.17
N HIS A 77 -18.72 9.96 38.31
CA HIS A 77 -20.20 9.92 38.44
C HIS A 77 -20.79 11.29 38.09
N VAL A 78 -20.03 12.37 38.35
CA VAL A 78 -20.42 13.80 38.14
C VAL A 78 -20.85 14.04 36.68
N PHE A 79 -20.29 13.31 35.71
CA PHE A 79 -20.57 13.48 34.25
C PHE A 79 -22.00 13.05 33.92
N ALA A 80 -22.61 12.19 34.75
CA ALA A 80 -24.02 11.75 34.62
C ALA A 80 -24.97 12.92 34.93
N ASN A 81 -24.53 13.87 35.76
CA ASN A 81 -25.29 15.09 36.13
C ASN A 81 -24.86 16.24 35.23
N PRO A 82 -25.75 16.74 34.33
CA PRO A 82 -25.42 17.90 33.50
C PRO A 82 -25.39 19.20 34.30
N GLU A 83 -25.94 19.18 35.52
CA GLU A 83 -26.00 20.32 36.47
C GLU A 83 -24.68 20.45 37.24
N SER A 84 -23.83 19.41 37.20
CA SER A 84 -22.53 19.35 37.94
C SER A 84 -21.55 20.38 37.40
N PHE A 85 -20.60 20.82 38.23
CA PHE A 85 -19.59 21.86 37.89
C PHE A 85 -18.58 21.30 36.89
N GLU A 86 -18.34 19.98 36.93
CA GLU A 86 -17.42 19.27 35.99
C GLU A 86 -18.00 19.34 34.57
N SER A 87 -19.32 19.25 34.42
CA SER A 87 -20.04 19.32 33.12
C SER A 87 -19.85 20.71 32.50
N PHE A 88 -19.96 21.77 33.30
CA PHE A 88 -19.77 23.19 32.87
C PHE A 88 -18.29 23.44 32.56
N MET A 89 -17.38 22.77 33.28
CA MET A 89 -15.92 22.94 33.13
C MET A 89 -15.49 22.52 31.72
N ILE A 90 -15.82 21.29 31.31
CA ILE A 90 -15.40 20.71 29.99
C ILE A 90 -16.08 21.47 28.84
N LYS A 91 -17.33 21.92 29.05
CA LYS A 91 -18.12 22.69 28.04
C LYS A 91 -17.38 24.00 27.71
N LEU A 92 -16.74 24.62 28.70
CA LEU A 92 -15.95 25.87 28.55
C LEU A 92 -14.52 25.54 28.11
N GLU A 93 -13.94 24.45 28.63
CA GLU A 93 -12.49 24.14 28.55
C GLU A 93 -12.00 24.23 27.09
N ILE A 94 -12.64 23.53 26.17
CA ILE A 94 -12.17 23.39 24.75
C ILE A 94 -13.17 24.02 23.78
N CYS A 95 -13.97 25.00 24.22
CA CYS A 95 -14.88 25.79 23.35
C CYS A 95 -14.03 26.70 22.46
N SER A 96 -14.54 27.06 21.28
CA SER A 96 -13.82 27.81 20.21
C SER A 96 -13.14 29.06 20.79
N HIS A 97 -13.83 29.79 21.67
CA HIS A 97 -13.35 31.05 22.31
C HIS A 97 -12.07 30.77 23.10
N TYR A 98 -12.06 29.70 23.91
CA TYR A 98 -10.91 29.26 24.73
C TYR A 98 -9.78 28.78 23.79
N SER A 99 -10.12 27.99 22.77
CA SER A 99 -9.19 27.46 21.74
C SER A 99 -8.43 28.61 21.05
N ASN A 100 -9.17 29.65 20.62
CA ASN A 100 -8.60 30.83 19.93
C ASN A 100 -7.75 31.65 20.90
N ALA A 101 -8.13 31.70 22.18
CA ALA A 101 -7.38 32.36 23.27
C ALA A 101 -6.03 31.65 23.46
N TRP A 102 -6.04 30.31 23.48
CA TRP A 102 -4.83 29.46 23.63
C TRP A 102 -3.88 29.67 22.44
N LEU A 103 -4.42 29.88 21.23
CA LEU A 103 -3.63 30.05 19.98
C LEU A 103 -2.94 31.42 19.97
N MET A 104 -3.38 32.36 20.80
CA MET A 104 -2.77 33.72 20.94
C MET A 104 -1.86 33.77 22.17
N TYR A 105 -1.83 32.71 22.98
CA TYR A 105 -1.06 32.64 24.26
C TYR A 105 0.43 32.83 23.96
N GLY A 106 0.98 32.04 23.04
CA GLY A 106 2.39 32.13 22.61
C GLY A 106 2.76 33.54 22.21
N LYS A 107 1.94 34.17 21.36
CA LYS A 107 2.16 35.55 20.83
C LYS A 107 2.04 36.57 21.97
N SER A 108 1.15 36.32 22.94
CA SER A 108 0.82 37.27 24.05
C SER A 108 2.01 37.42 25.01
N LEU A 109 2.92 36.44 25.07
CA LEU A 109 4.09 36.44 25.97
C LEU A 109 5.08 37.53 25.57
N PHE A 110 5.12 37.89 24.27
CA PHE A 110 6.07 38.88 23.69
C PHE A 110 5.50 40.30 23.78
N GLU A 111 4.19 40.45 23.96
CA GLU A 111 3.49 41.76 24.01
C GLU A 111 3.58 42.35 25.42
N ASP A 112 3.76 43.67 25.51
CA ASP A 112 3.76 44.46 26.78
C ASP A 112 2.58 45.44 26.72
N ASP A 113 1.45 45.01 26.15
CA ASP A 113 0.23 45.83 25.92
C ASP A 113 -0.59 45.92 27.21
N GLY A 114 -0.63 44.82 27.99
CA GLY A 114 -1.53 44.64 29.14
C GLY A 114 -2.82 43.94 28.71
N LYS A 115 -2.85 43.43 27.47
CA LYS A 115 -3.98 42.65 26.90
C LYS A 115 -3.71 41.16 27.08
N SER A 116 -4.71 40.40 27.54
CA SER A 116 -4.66 38.93 27.68
C SER A 116 -4.74 38.29 26.28
N ALA A 117 -4.33 37.02 26.16
CA ALA A 117 -4.41 36.21 24.94
C ALA A 117 -5.86 36.12 24.47
N PHE A 118 -6.81 36.11 25.41
CA PHE A 118 -8.27 36.14 25.15
C PHE A 118 -8.64 37.44 24.41
N GLU A 119 -8.17 38.58 24.91
CA GLU A 119 -8.49 39.92 24.35
C GLU A 119 -7.90 40.06 22.94
N MET A 120 -6.71 39.49 22.70
CA MET A 120 -6.01 39.54 21.38
C MET A 120 -6.83 38.77 20.34
N ALA A 121 -7.49 37.68 20.74
CA ALA A 121 -8.30 36.80 19.86
C ALA A 121 -9.68 37.42 19.60
N HIS A 122 -10.28 38.09 20.59
CA HIS A 122 -11.73 38.45 20.62
C HIS A 122 -11.95 39.97 20.55
N GLY A 123 -11.04 40.77 21.12
CA GLY A 123 -11.05 42.25 21.01
C GLY A 123 -11.48 42.96 22.28
N ARG A 124 -11.89 42.21 23.31
CA ARG A 124 -12.32 42.75 24.63
C ARG A 124 -11.79 41.85 25.74
N PRO A 125 -11.57 42.37 26.97
CA PRO A 125 -11.23 41.52 28.12
C PRO A 125 -12.39 40.56 28.46
N PHE A 126 -12.06 39.45 29.12
CA PHE A 126 -12.94 38.26 29.30
C PHE A 126 -14.36 38.68 29.72
N PHE A 127 -14.49 39.41 30.83
CA PHE A 127 -15.79 39.73 31.47
C PHE A 127 -16.60 40.69 30.61
N GLU A 128 -15.94 41.63 29.92
CA GLU A 128 -16.59 42.60 28.99
C GLU A 128 -17.16 41.84 27.78
N TYR A 129 -16.43 40.84 27.28
CA TYR A 129 -16.84 40.00 26.13
C TYR A 129 -18.03 39.12 26.52
N LEU A 130 -18.04 38.61 27.76
CA LEU A 130 -19.11 37.73 28.31
C LEU A 130 -20.46 38.46 28.29
N ASP A 131 -20.47 39.79 28.44
CA ASP A 131 -21.69 40.63 28.48
C ASP A 131 -22.53 40.42 27.21
N GLY A 132 -21.87 40.22 26.05
CA GLY A 132 -22.54 40.06 24.74
C GLY A 132 -22.51 38.63 24.24
N ASN A 133 -22.28 37.64 25.11
CA ASN A 133 -22.17 36.21 24.74
C ASN A 133 -22.85 35.34 25.80
N LYS A 134 -24.05 34.83 25.51
CA LYS A 134 -24.88 34.00 26.42
C LYS A 134 -24.12 32.70 26.77
N PHE A 135 -23.54 32.04 25.77
CA PHE A 135 -22.86 30.71 25.92
C PHE A 135 -21.79 30.81 27.01
N LEU A 136 -20.83 31.73 26.85
CA LEU A 136 -19.68 31.91 27.78
C LEU A 136 -20.20 32.34 29.16
N LYS A 137 -21.09 33.34 29.21
CA LYS A 137 -21.55 33.97 30.48
C LYS A 137 -22.37 32.96 31.29
N SER A 138 -23.37 32.32 30.68
CA SER A 138 -24.29 31.36 31.35
C SER A 138 -23.50 30.17 31.89
N ASN A 139 -22.57 29.61 31.11
CA ASN A 139 -21.74 28.45 31.49
C ASN A 139 -20.74 28.85 32.59
N PHE A 140 -20.11 30.03 32.47
CA PHE A 140 -19.13 30.55 33.45
C PHE A 140 -19.83 30.82 34.78
N ASP A 141 -20.89 31.63 34.75
CA ASP A 141 -21.69 32.02 35.94
C ASP A 141 -22.25 30.77 36.62
N ALA A 142 -22.68 29.77 35.83
CA ALA A 142 -23.19 28.47 36.32
C ALA A 142 -22.06 27.72 37.05
N LEU A 143 -20.88 27.64 36.45
CA LEU A 143 -19.68 26.98 37.05
C LEU A 143 -19.36 27.63 38.40
N MET A 144 -19.26 28.96 38.43
CA MET A 144 -18.96 29.76 39.66
C MET A 144 -20.02 29.47 40.73
N THR A 145 -21.29 29.29 40.33
CA THR A 145 -22.44 29.00 41.23
C THR A 145 -22.26 27.62 41.88
N ARG A 146 -21.89 26.61 41.08
CA ARG A 146 -21.77 25.20 41.55
C ARG A 146 -20.64 25.08 42.58
N VAL A 147 -19.48 25.68 42.30
CA VAL A 147 -18.28 25.63 43.21
C VAL A 147 -18.59 26.45 44.47
N SER A 148 -19.37 27.53 44.36
CA SER A 148 -19.88 28.34 45.50
C SER A 148 -20.79 27.46 46.37
N ASN A 149 -21.65 26.67 45.73
CA ASN A 149 -22.64 25.77 46.40
C ASN A 149 -21.90 24.65 47.13
N LEU A 150 -20.74 24.21 46.62
CA LEU A 150 -19.95 23.07 47.18
C LEU A 150 -19.23 23.51 48.47
N ILE A 151 -18.68 24.72 48.52
CA ILE A 151 -17.76 25.17 49.62
C ILE A 151 -18.55 25.72 50.81
N VAL A 152 -19.79 26.21 50.60
CA VAL A 152 -20.55 27.03 51.58
C VAL A 152 -20.67 26.31 52.93
N GLU A 153 -20.93 24.99 52.92
CA GLU A 153 -21.14 24.17 54.16
C GLU A 153 -19.91 24.29 55.06
N LYS A 154 -18.70 24.21 54.48
CA LYS A 154 -17.41 24.24 55.21
C LYS A 154 -17.11 25.67 55.71
N LEU A 155 -17.45 26.70 54.93
CA LEU A 155 -17.24 28.12 55.30
C LEU A 155 -17.97 28.44 56.62
N LEU A 156 -19.24 28.06 56.72
CA LEU A 156 -20.10 28.27 57.91
C LEU A 156 -19.50 27.54 59.12
N GLY A 157 -18.87 26.38 58.88
CA GLY A 157 -18.25 25.53 59.92
C GLY A 157 -17.01 26.17 60.53
N ILE A 158 -16.16 26.80 59.71
CA ILE A 158 -14.81 27.29 60.12
C ILE A 158 -14.91 28.74 60.63
N TYR A 159 -15.94 29.50 60.22
CA TYR A 159 -16.12 30.93 60.57
C TYR A 159 -17.53 31.18 61.11
N ASP A 160 -17.64 31.92 62.22
CA ASP A 160 -18.91 32.35 62.83
C ASP A 160 -19.42 33.59 62.08
N PHE A 161 -20.56 33.46 61.40
CA PHE A 161 -21.20 34.52 60.58
C PHE A 161 -22.26 35.27 61.39
N ASN A 162 -22.72 34.69 62.51
CA ASN A 162 -23.80 35.24 63.37
C ASN A 162 -23.31 36.49 64.11
N GLN A 163 -22.00 36.66 64.27
CA GLN A 163 -21.39 37.83 64.98
C GLN A 163 -21.53 39.10 64.13
N HIS A 164 -21.87 38.98 62.84
CA HIS A 164 -22.00 40.11 61.87
C HIS A 164 -23.47 40.52 61.71
N ASN A 165 -23.69 41.68 61.08
CA ASN A 165 -25.01 42.31 60.86
C ASN A 165 -25.21 42.58 59.36
N ARG A 166 -24.32 43.39 58.75
CA ARG A 166 -24.40 43.83 57.33
C ARG A 166 -23.28 43.15 56.54
N ILE A 167 -23.66 42.29 55.59
CA ILE A 167 -22.72 41.43 54.81
C ILE A 167 -22.82 41.80 53.32
N LEU A 168 -21.67 42.00 52.67
CA LEU A 168 -21.55 42.27 51.21
C LEU A 168 -20.60 41.24 50.59
N ASP A 169 -21.03 40.55 49.54
CA ASP A 169 -20.20 39.64 48.71
C ASP A 169 -19.80 40.39 47.42
N VAL A 170 -18.55 40.87 47.37
CA VAL A 170 -18.01 41.67 46.23
C VAL A 170 -17.59 40.69 45.12
N GLY A 171 -18.15 40.88 43.91
CA GLY A 171 -17.98 39.97 42.76
C GLY A 171 -18.62 38.61 43.02
N GLY A 172 -19.84 38.60 43.55
CA GLY A 172 -20.55 37.40 44.01
C GLY A 172 -21.22 36.62 42.88
N GLY A 173 -21.25 37.19 41.67
CA GLY A 173 -21.82 36.54 40.47
C GLY A 173 -23.33 36.46 40.55
N GLU A 174 -23.88 35.24 40.47
CA GLU A 174 -25.34 34.98 40.57
C GLU A 174 -25.79 35.11 42.03
N GLY A 175 -24.83 35.13 42.97
CA GLY A 175 -25.05 35.50 44.38
C GLY A 175 -25.36 34.31 45.27
N GLU A 176 -24.97 33.10 44.83
CA GLU A 176 -25.39 31.82 45.47
C GLU A 176 -24.64 31.59 46.79
N LEU A 177 -23.50 32.28 47.02
CA LEU A 177 -22.75 32.15 48.29
C LEU A 177 -23.61 32.68 49.44
N LEU A 178 -24.08 33.93 49.34
CA LEU A 178 -24.86 34.61 50.41
C LEU A 178 -26.29 34.06 50.47
N VAL A 179 -26.87 33.65 49.33
CA VAL A 179 -28.23 33.04 49.28
C VAL A 179 -28.23 31.80 50.19
N ARG A 180 -27.26 30.91 50.03
CA ARG A 180 -27.13 29.65 50.82
C ARG A 180 -26.73 29.97 52.27
N ILE A 181 -25.92 31.01 52.48
CA ILE A 181 -25.48 31.47 53.83
C ILE A 181 -26.68 32.08 54.57
N SER A 182 -27.51 32.88 53.87
CA SER A 182 -28.69 33.57 54.43
C SER A 182 -29.76 32.56 54.86
N GLU A 183 -29.79 31.38 54.23
CA GLU A 183 -30.75 30.29 54.54
C GLU A 183 -30.44 29.70 55.92
N LYS A 184 -29.15 29.60 56.30
CA LYS A 184 -28.69 28.95 57.55
C LYS A 184 -28.26 30.02 58.58
N VAL A 185 -28.05 31.27 58.16
CA VAL A 185 -27.79 32.44 59.06
C VAL A 185 -28.87 33.49 58.78
N LYS A 186 -29.87 33.58 59.66
CA LYS A 186 -31.12 34.36 59.44
C LYS A 186 -31.00 35.75 60.08
N GLY A 187 -31.85 36.69 59.62
CA GLY A 187 -32.05 38.02 60.22
C GLY A 187 -30.84 38.92 60.09
N LYS A 188 -30.22 38.96 58.90
CA LYS A 188 -29.05 39.82 58.57
C LYS A 188 -29.34 40.55 57.26
N HIS A 189 -28.71 41.72 57.05
CA HIS A 189 -28.72 42.44 55.75
C HIS A 189 -27.70 41.78 54.81
N TYR A 190 -28.17 41.28 53.67
CA TYR A 190 -27.35 40.61 52.63
C TYR A 190 -27.35 41.45 51.36
N ALA A 191 -26.17 41.64 50.76
CA ALA A 191 -25.95 42.37 49.49
C ALA A 191 -24.89 41.66 48.65
N VAL A 192 -25.07 41.64 47.34
CA VAL A 192 -24.14 41.02 46.35
C VAL A 192 -23.80 42.09 45.30
N LEU A 193 -22.52 42.46 45.19
CA LEU A 193 -22.02 43.43 44.18
C LEU A 193 -21.37 42.67 43.02
N ASP A 194 -21.72 43.05 41.78
CA ASP A 194 -21.14 42.48 40.53
C ASP A 194 -21.50 43.42 39.38
N ARG A 195 -21.13 43.06 38.15
CA ARG A 195 -21.49 43.80 36.90
C ARG A 195 -22.79 43.20 36.35
N TYR A 196 -23.91 43.90 36.56
CA TYR A 196 -25.27 43.49 36.13
C TYR A 196 -25.84 44.51 35.13
N SER A 197 -26.15 44.05 33.91
CA SER A 197 -26.96 44.79 32.91
C SER A 197 -28.42 44.79 33.37
N GLU A 198 -28.87 43.65 33.92
CA GLU A 198 -30.18 43.46 34.60
C GLU A 198 -29.94 42.88 36.00
N LEU A 199 -30.41 43.57 37.04
CA LEU A 199 -30.23 43.15 38.46
C LEU A 199 -30.95 41.82 38.69
N PRO A 200 -30.25 40.78 39.22
CA PRO A 200 -30.94 39.57 39.69
C PRO A 200 -31.91 39.88 40.83
N VAL A 201 -32.83 38.95 41.12
CA VAL A 201 -33.85 39.08 42.20
C VAL A 201 -33.82 37.82 43.07
N SER A 202 -33.86 38.00 44.40
CA SER A 202 -33.94 36.93 45.42
C SER A 202 -34.43 37.54 46.75
N ASP A 203 -35.13 36.74 47.56
CA ASP A 203 -35.72 37.18 48.85
C ASP A 203 -34.59 37.59 49.81
N ASN A 204 -34.67 38.82 50.34
CA ASN A 204 -33.71 39.46 51.28
C ASN A 204 -32.27 39.31 50.76
N ILE A 205 -32.04 39.64 49.48
CA ILE A 205 -30.69 39.83 48.87
C ILE A 205 -30.72 41.16 48.09
N ASP A 206 -29.82 42.09 48.46
CA ASP A 206 -29.67 43.42 47.80
C ASP A 206 -28.61 43.32 46.70
N PHE A 207 -29.02 43.10 45.45
CA PHE A 207 -28.13 43.02 44.27
C PHE A 207 -27.72 44.44 43.85
N ILE A 208 -26.41 44.68 43.74
CA ILE A 208 -25.80 46.00 43.40
C ILE A 208 -25.07 45.86 42.06
N ASN A 209 -25.31 46.79 41.13
CA ASN A 209 -24.49 46.97 39.90
C ASN A 209 -23.37 47.96 40.22
N GLY A 210 -22.11 47.52 40.15
CA GLY A 210 -20.93 48.35 40.50
C GLY A 210 -19.65 47.81 39.88
N ASN A 211 -18.51 48.38 40.31
CA ASN A 211 -17.15 48.08 39.80
C ASN A 211 -16.17 48.19 40.96
N PHE A 212 -15.56 47.08 41.38
CA PHE A 212 -14.66 47.01 42.57
C PHE A 212 -13.31 47.68 42.25
N LEU A 213 -13.01 47.90 40.97
CA LEU A 213 -11.82 48.67 40.52
C LEU A 213 -12.01 50.16 40.87
N ASN A 214 -13.26 50.65 40.78
CA ASN A 214 -13.61 52.08 41.01
C ASN A 214 -13.79 52.32 42.51
N SER A 215 -14.66 51.55 43.17
CA SER A 215 -15.02 51.75 44.60
C SER A 215 -15.80 50.54 45.16
N ILE A 216 -15.68 50.32 46.47
CA ILE A 216 -16.54 49.41 47.29
C ILE A 216 -17.41 50.30 48.18
N PRO A 217 -18.72 50.00 48.35
CA PRO A 217 -19.55 50.77 49.28
C PRO A 217 -19.18 50.50 50.74
N SER A 218 -19.08 51.57 51.55
CA SER A 218 -18.77 51.53 53.00
C SER A 218 -20.03 51.16 53.78
N GLY A 219 -19.90 50.95 55.11
CA GLY A 219 -21.03 50.78 56.04
C GLY A 219 -21.29 49.32 56.39
N TYR A 220 -20.70 48.37 55.67
CA TYR A 220 -20.81 46.91 55.94
C TYR A 220 -19.68 46.50 56.89
N ASP A 221 -19.94 45.50 57.75
CA ASP A 221 -18.99 45.01 58.79
C ASP A 221 -18.40 43.65 58.38
N LEU A 222 -18.99 42.97 57.39
CA LEU A 222 -18.42 41.74 56.76
C LEU A 222 -18.37 41.94 55.24
N TYR A 223 -17.17 41.86 54.67
CA TYR A 223 -16.91 41.83 53.20
C TYR A 223 -16.39 40.45 52.82
N ILE A 224 -16.86 39.92 51.68
CA ILE A 224 -16.41 38.62 51.12
C ILE A 224 -15.90 38.86 49.69
N LEU A 225 -14.78 38.23 49.35
CA LEU A 225 -14.14 38.29 48.01
C LEU A 225 -13.64 36.90 47.64
N LYS A 226 -14.52 36.06 47.07
CA LYS A 226 -14.21 34.64 46.73
C LYS A 226 -13.88 34.53 45.24
N ASN A 227 -12.69 34.01 44.93
CA ASN A 227 -12.22 33.67 43.56
C ASN A 227 -12.35 34.89 42.63
N VAL A 228 -11.82 36.04 43.06
CA VAL A 228 -11.78 37.30 42.25
C VAL A 228 -10.32 37.62 41.88
N LEU A 229 -9.44 37.73 42.88
CA LEU A 229 -8.07 38.29 42.74
C LEU A 229 -7.25 37.51 41.69
N HIS A 230 -7.50 36.20 41.53
CA HIS A 230 -6.75 35.34 40.57
C HIS A 230 -7.18 35.64 39.12
N ASN A 231 -8.18 36.50 38.93
CA ASN A 231 -8.59 37.05 37.61
C ASN A 231 -7.94 38.41 37.36
N TRP A 232 -6.97 38.83 38.18
CA TRP A 232 -6.33 40.18 38.11
C TRP A 232 -4.81 40.08 38.33
N SER A 233 -4.09 41.11 37.88
CA SER A 233 -2.63 41.32 38.11
C SER A 233 -2.41 41.81 39.54
N ASP A 234 -1.15 41.91 39.96
CA ASP A 234 -0.73 42.35 41.32
C ASP A 234 -1.24 43.78 41.58
N SER A 235 -1.05 44.69 40.61
CA SER A 235 -1.42 46.13 40.71
C SER A 235 -2.94 46.28 40.83
N ASP A 236 -3.70 45.56 39.99
CA ASP A 236 -5.20 45.56 40.01
C ASP A 236 -5.69 44.93 41.32
N SER A 237 -5.05 43.84 41.76
CA SER A 237 -5.35 43.15 43.04
C SER A 237 -5.14 44.12 44.21
N ILE A 238 -4.05 44.89 44.19
CA ILE A 238 -3.74 45.94 45.20
C ILE A 238 -4.82 47.04 45.13
N LEU A 239 -5.23 47.44 43.92
CA LEU A 239 -6.25 48.50 43.68
C LEU A 239 -7.59 48.08 44.31
N ILE A 240 -7.96 46.80 44.18
CA ILE A 240 -9.22 46.22 44.74
C ILE A 240 -9.13 46.25 46.27
N LEU A 241 -8.04 45.71 46.84
CA LEU A 241 -7.83 45.62 48.31
C LEU A 241 -7.67 47.02 48.91
N GLU A 242 -7.17 47.99 48.13
CA GLU A 242 -7.10 49.43 48.52
C GLU A 242 -8.52 49.99 48.68
N ASN A 243 -9.42 49.66 47.75
CA ASN A 243 -10.82 50.16 47.72
C ASN A 243 -11.61 49.56 48.89
N PHE A 244 -11.25 48.35 49.34
CA PHE A 244 -11.80 47.72 50.57
C PHE A 244 -11.37 48.53 51.80
N ARG A 245 -10.09 48.91 51.88
CA ARG A 245 -9.49 49.63 53.03
C ARG A 245 -10.15 51.01 53.18
N LYS A 246 -10.44 51.70 52.08
CA LYS A 246 -11.15 53.01 52.06
C LYS A 246 -12.57 52.84 52.61
N ALA A 247 -13.24 51.76 52.22
CA ALA A 247 -14.66 51.45 52.57
C ALA A 247 -14.75 50.95 54.02
N MET A 248 -13.85 50.04 54.41
CA MET A 248 -13.88 49.32 55.72
C MET A 248 -13.55 50.29 56.87
N ASP A 249 -14.26 50.15 58.00
CA ASP A 249 -13.98 50.86 59.27
C ASP A 249 -13.11 49.94 60.16
N LYS A 250 -12.89 50.33 61.42
CA LYS A 250 -12.05 49.59 62.39
C LYS A 250 -12.67 48.23 62.73
N ASN A 251 -14.00 48.18 62.86
CA ASN A 251 -14.76 46.98 63.32
C ASN A 251 -14.95 45.99 62.16
N SER A 252 -14.83 46.45 60.92
CA SER A 252 -15.13 45.66 59.68
C SER A 252 -14.12 44.53 59.51
N SER A 253 -14.51 43.49 58.76
CA SER A 253 -13.69 42.31 58.40
C SER A 253 -13.87 41.97 56.92
N LEU A 254 -12.81 41.52 56.25
CA LEU A 254 -12.80 41.09 54.83
C LEU A 254 -12.31 39.64 54.75
N LEU A 255 -13.17 38.73 54.29
CA LEU A 255 -12.83 37.30 54.05
C LEU A 255 -12.33 37.14 52.62
N LEU A 256 -11.02 37.32 52.41
CA LEU A 256 -10.35 36.97 51.13
C LEU A 256 -10.28 35.44 51.05
N ILE A 257 -11.18 34.85 50.26
CA ILE A 257 -11.29 33.38 50.01
C ILE A 257 -10.90 33.13 48.56
N ASN A 258 -10.03 32.15 48.30
CA ASN A 258 -9.49 31.91 46.93
C ASN A 258 -8.80 30.54 46.88
N MET A 259 -8.80 29.92 45.70
CA MET A 259 -7.92 28.78 45.35
C MET A 259 -6.47 29.22 45.57
N VAL A 260 -5.67 28.40 46.25
CA VAL A 260 -4.30 28.78 46.73
C VAL A 260 -3.26 27.94 45.98
N LYS A 261 -2.08 28.51 45.74
CA LYS A 261 -0.92 27.88 45.07
C LYS A 261 -0.17 27.01 46.07
N GLU A 262 -0.32 25.68 45.97
CA GLU A 262 0.42 24.66 46.75
C GLU A 262 1.32 23.87 45.80
N PRO A 263 2.63 23.75 46.08
CA PRO A 263 3.54 22.98 45.22
C PRO A 263 3.02 21.63 44.72
N GLU A 264 2.32 20.88 45.58
CA GLU A 264 1.88 19.48 45.32
C GLU A 264 0.92 19.43 44.11
N PHE A 265 0.07 20.44 43.94
CA PHE A 265 -1.01 20.49 42.92
C PHE A 265 -0.48 21.09 41.62
N SER A 266 -1.26 20.98 40.54
CA SER A 266 -0.91 21.32 39.15
C SER A 266 -0.82 22.85 38.96
N ARG A 267 0.07 23.29 38.08
CA ARG A 267 0.25 24.72 37.69
C ARG A 267 -0.63 25.06 36.49
N SER A 268 -1.41 24.09 35.98
CA SER A 268 -2.20 24.21 34.73
C SER A 268 -3.17 25.40 34.82
N PHE A 269 -3.84 25.55 35.97
CA PHE A 269 -4.84 26.62 36.23
C PHE A 269 -4.15 27.99 36.20
N ASP A 270 -2.92 28.08 36.72
CA ASP A 270 -2.11 29.33 36.72
C ASP A 270 -1.97 29.85 35.29
N ILE A 271 -1.78 28.95 34.31
CA ILE A 271 -1.60 29.30 32.87
C ILE A 271 -2.93 29.76 32.30
N LEU A 272 -4.04 29.10 32.66
CA LEU A 272 -5.41 29.45 32.17
C LEU A 272 -5.75 30.88 32.61
N MET A 273 -5.43 31.24 33.85
CA MET A 273 -5.69 32.59 34.42
C MET A 273 -4.84 33.64 33.67
N ASP A 274 -3.65 33.25 33.21
CA ASP A 274 -2.77 34.12 32.38
C ASP A 274 -3.43 34.34 31.01
N VAL A 275 -3.95 33.26 30.41
CA VAL A 275 -4.55 33.26 29.03
C VAL A 275 -5.85 34.09 29.03
N LEU A 276 -6.75 33.82 29.98
CA LEU A 276 -8.12 34.40 30.00
C LEU A 276 -8.08 35.84 30.52
N PHE A 277 -7.32 36.10 31.59
CA PHE A 277 -7.43 37.33 32.42
C PHE A 277 -6.11 38.12 32.52
N LEU A 278 -4.97 37.53 32.14
CA LEU A 278 -3.62 38.07 32.43
C LEU A 278 -3.44 38.14 33.95
N GLY A 279 -4.03 37.17 34.66
CA GLY A 279 -3.94 37.02 36.13
C GLY A 279 -3.03 35.86 36.50
N LYS A 280 -3.14 35.35 37.73
CA LYS A 280 -2.26 34.27 38.26
C LYS A 280 -2.86 33.67 39.54
N GLU A 281 -2.45 32.44 39.86
CA GLU A 281 -2.67 31.82 41.20
C GLU A 281 -1.61 32.38 42.15
N ARG A 282 -1.91 32.42 43.45
CA ARG A 282 -1.03 33.00 44.50
C ARG A 282 -1.01 32.10 45.73
N SER A 283 0.09 32.13 46.48
CA SER A 283 0.26 31.45 47.80
C SER A 283 -0.29 32.37 48.91
N PHE A 284 -0.34 31.87 50.14
CA PHE A 284 -0.81 32.61 51.35
C PHE A 284 0.02 33.89 51.54
N THR A 285 1.33 33.79 51.40
CA THR A 285 2.31 34.90 51.65
C THR A 285 2.24 35.93 50.50
N GLU A 286 1.91 35.48 49.27
CA GLU A 286 1.72 36.36 48.10
C GLU A 286 0.43 37.17 48.28
N PHE A 287 -0.67 36.51 48.68
CA PHE A 287 -1.95 37.16 49.04
C PHE A 287 -1.71 38.15 50.19
N GLU A 288 -0.97 37.73 51.22
CA GLU A 288 -0.65 38.54 52.42
C GLU A 288 0.14 39.80 52.01
N TYR A 289 1.09 39.66 51.09
CA TYR A 289 1.96 40.77 50.61
C TYR A 289 1.10 41.86 49.97
N LEU A 290 0.21 41.47 49.04
CA LEU A 290 -0.68 42.41 48.30
C LEU A 290 -1.60 43.13 49.30
N ALA A 291 -2.11 42.41 50.31
CA ALA A 291 -2.96 42.94 51.39
C ALA A 291 -2.18 43.99 52.20
N ASN A 292 -0.90 43.73 52.48
CA ASN A 292 0.00 44.64 53.25
C ASN A 292 0.22 45.93 52.46
N GLN A 293 0.36 45.84 51.13
CA GLN A 293 0.54 47.00 50.22
C GLN A 293 -0.74 47.84 50.20
N ALA A 294 -1.91 47.20 50.31
CA ALA A 294 -3.24 47.84 50.28
C ALA A 294 -3.54 48.52 51.62
N GLY A 295 -2.88 48.08 52.70
CA GLY A 295 -3.03 48.62 54.07
C GLY A 295 -3.95 47.76 54.92
N LEU A 296 -3.92 46.44 54.71
CA LEU A 296 -4.73 45.43 55.45
C LEU A 296 -3.78 44.49 56.21
N VAL A 297 -4.29 43.87 57.29
CA VAL A 297 -3.52 42.95 58.18
C VAL A 297 -4.24 41.60 58.23
N VAL A 298 -3.49 40.50 58.22
CA VAL A 298 -4.01 39.10 58.32
C VAL A 298 -4.20 38.78 59.80
N GLN A 299 -5.45 38.52 60.22
CA GLN A 299 -5.82 38.18 61.62
C GLN A 299 -5.89 36.65 61.77
N GLU A 300 -6.68 36.01 60.91
CA GLU A 300 -6.82 34.52 60.85
C GLU A 300 -6.33 34.02 59.49
N THR A 301 -5.83 32.78 59.44
CA THR A 301 -5.42 32.06 58.20
C THR A 301 -5.73 30.56 58.38
N LYS A 302 -6.71 30.06 57.64
CA LYS A 302 -7.11 28.62 57.63
C LYS A 302 -7.11 28.11 56.18
N VAL A 303 -6.96 26.80 55.99
CA VAL A 303 -7.04 26.11 54.68
C VAL A 303 -8.37 25.35 54.62
N ILE A 304 -9.05 25.39 53.46
CA ILE A 304 -10.29 24.61 53.18
C ILE A 304 -9.98 23.63 52.04
N ASP A 305 -10.17 22.33 52.29
CA ASP A 305 -9.89 21.24 51.31
C ASP A 305 -11.15 20.94 50.50
N GLN A 306 -11.19 21.42 49.25
CA GLN A 306 -12.20 21.01 48.23
C GLN A 306 -11.56 19.92 47.35
N SER A 307 -12.40 19.14 46.66
CA SER A 307 -11.98 18.00 45.80
C SER A 307 -10.94 18.46 44.78
N TYR A 308 -11.22 19.56 44.07
CA TYR A 308 -10.50 20.00 42.85
C TYR A 308 -9.24 20.81 43.19
N SER A 309 -9.24 21.52 44.32
CA SER A 309 -8.13 22.44 44.72
C SER A 309 -8.21 22.78 46.20
N PRO A 310 -7.07 23.02 46.88
CA PRO A 310 -7.08 23.63 48.20
C PRO A 310 -7.46 25.11 48.13
N TYR A 311 -8.13 25.63 49.17
CA TYR A 311 -8.58 27.04 49.28
C TYR A 311 -7.84 27.73 50.42
N SER A 312 -7.70 29.05 50.33
CA SER A 312 -7.02 29.94 51.31
C SER A 312 -8.04 30.90 51.93
N PHE A 313 -8.50 30.59 53.15
CA PHE A 313 -9.41 31.45 53.96
C PHE A 313 -8.57 32.47 54.73
N ILE A 314 -8.65 33.75 54.36
CA ILE A 314 -7.86 34.86 54.97
C ILE A 314 -8.83 35.93 55.48
N LYS A 315 -8.96 36.06 56.80
CA LYS A 315 -9.71 37.15 57.49
C LYS A 315 -8.79 38.38 57.58
N LEU A 316 -9.14 39.45 56.85
CA LEU A 316 -8.35 40.72 56.79
C LEU A 316 -9.12 41.83 57.52
N GLN A 317 -8.38 42.73 58.18
CA GLN A 317 -8.91 43.97 58.82
C GLN A 317 -7.94 45.12 58.50
N ILE A 318 -8.38 46.38 58.66
CA ILE A 318 -7.56 47.58 58.33
C ILE A 318 -6.56 47.82 59.47
N LYS A 319 -5.58 48.70 59.23
CA LYS A 319 -4.52 49.07 60.20
C LYS A 319 -5.13 49.93 61.30
N SER B 1 -7.14 18.03 42.03
CA SER B 1 -7.94 16.79 41.74
C SER B 1 -7.43 16.09 40.49
N MET B 2 -7.72 14.79 40.36
CA MET B 2 -7.29 13.94 39.23
C MET B 2 -8.30 14.07 38.07
N LEU B 3 -9.59 14.23 38.37
CA LEU B 3 -10.65 14.34 37.33
C LEU B 3 -10.56 15.70 36.62
N THR B 4 -10.37 16.79 37.38
CA THR B 4 -10.33 18.18 36.84
C THR B 4 -9.06 18.38 36.00
N GLU B 5 -7.97 17.68 36.32
CA GLU B 5 -6.69 17.76 35.56
C GLU B 5 -6.81 16.89 34.29
N LEU B 6 -7.64 15.84 34.32
CA LEU B 6 -7.96 15.02 33.11
C LEU B 6 -8.86 15.84 32.17
N ILE B 7 -9.83 16.56 32.73
CA ILE B 7 -10.70 17.53 32.00
C ILE B 7 -9.81 18.64 31.41
N ALA B 8 -8.81 19.09 32.17
CA ALA B 8 -7.88 20.18 31.80
C ALA B 8 -6.63 19.63 31.12
N SER B 9 -6.76 18.54 30.34
CA SER B 9 -5.65 17.88 29.61
C SER B 9 -5.21 18.75 28.42
N ASN B 10 -6.14 19.52 27.83
CA ASN B 10 -5.88 20.44 26.69
C ASN B 10 -4.83 21.49 27.08
N ARG B 11 -4.75 21.86 28.36
CA ARG B 11 -3.82 22.89 28.89
C ARG B 11 -2.37 22.44 28.67
N ARG B 12 -2.09 21.14 28.77
CA ARG B 12 -0.74 20.55 28.55
C ARG B 12 -0.33 20.77 27.09
N SER B 13 -1.18 20.36 26.14
CA SER B 13 -0.98 20.53 24.67
C SER B 13 -0.73 22.01 24.34
N ALA B 14 -1.63 22.89 24.79
CA ALA B 14 -1.61 24.34 24.50
C ALA B 14 -0.35 25.00 25.07
N ALA B 15 0.10 24.57 26.25
CA ALA B 15 1.32 25.08 26.92
C ALA B 15 2.55 24.70 26.08
N ILE B 16 2.62 23.44 25.61
CA ILE B 16 3.71 22.93 24.71
C ILE B 16 3.64 23.70 23.38
N HIS B 17 2.43 23.93 22.85
CA HIS B 17 2.20 24.65 21.57
C HIS B 17 2.81 26.06 21.63
N ALA B 18 2.51 26.81 22.70
CA ALA B 18 3.00 28.19 22.93
C ALA B 18 4.53 28.19 23.06
N PHE B 19 5.09 27.11 23.62
CA PHE B 19 6.55 26.93 23.85
C PHE B 19 7.25 26.66 22.52
N VAL B 20 6.64 25.85 21.65
CA VAL B 20 7.24 25.34 20.37
C VAL B 20 6.94 26.34 19.24
N ASP B 21 5.66 26.70 19.05
CA ASP B 21 5.17 27.47 17.87
C ASP B 21 5.86 28.85 17.80
N THR B 22 6.13 29.47 18.96
CA THR B 22 6.82 30.78 19.08
C THR B 22 8.29 30.64 18.68
N GLY B 23 8.88 29.46 18.88
CA GLY B 23 10.30 29.17 18.61
C GLY B 23 11.17 29.39 19.83
N LEU B 24 10.57 29.47 21.03
CA LEU B 24 11.29 29.65 22.31
C LEU B 24 12.04 28.36 22.66
N SER B 25 11.51 27.20 22.25
CA SER B 25 12.10 25.86 22.48
C SER B 25 13.44 25.71 21.72
N THR B 26 13.64 26.45 20.63
CA THR B 26 14.86 26.39 19.77
C THR B 26 16.07 27.00 20.50
N HIS B 27 15.83 27.69 21.63
CA HIS B 27 16.88 28.25 22.51
C HIS B 27 17.42 27.18 23.47
N PHE B 28 16.81 25.99 23.50
CA PHE B 28 17.14 24.89 24.45
C PHE B 28 17.85 23.74 23.70
N LYS B 29 18.75 24.06 22.78
CA LYS B 29 19.47 23.07 21.93
C LYS B 29 20.63 22.45 22.70
N ASP B 30 20.83 21.13 22.52
CA ASP B 30 22.00 20.35 23.03
C ASP B 30 22.02 20.34 24.56
N GLY B 31 20.84 20.36 25.19
CA GLY B 31 20.65 20.19 26.64
C GLY B 31 21.28 21.30 27.47
N ILE B 32 21.44 22.51 26.90
CA ILE B 32 21.99 23.70 27.62
C ILE B 32 20.95 24.22 28.61
N TYR B 33 21.39 24.67 29.78
CA TYR B 33 20.54 25.31 30.82
C TYR B 33 20.33 26.79 30.48
N VAL B 34 19.10 27.16 30.13
CA VAL B 34 18.71 28.54 29.71
C VAL B 34 18.37 29.35 30.97
N ASP B 35 19.03 30.50 31.15
CA ASP B 35 18.63 31.57 32.11
C ASP B 35 17.48 32.34 31.48
N ILE B 36 16.31 32.37 32.13
CA ILE B 36 15.06 32.98 31.59
C ILE B 36 15.22 34.50 31.56
N SER B 37 15.94 35.08 32.53
CA SER B 37 16.25 36.53 32.61
C SER B 37 17.06 36.96 31.38
N GLU B 38 18.05 36.15 30.99
CA GLU B 38 18.88 36.37 29.77
C GLU B 38 18.00 36.24 28.52
N LEU B 39 17.12 35.23 28.49
CA LEU B 39 16.20 34.94 27.36
C LEU B 39 15.19 36.07 27.20
N SER B 40 14.80 36.72 28.31
CA SER B 40 13.84 37.86 28.36
C SER B 40 14.43 39.08 27.62
N ARG B 41 15.68 39.42 27.92
CA ARG B 41 16.41 40.58 27.31
C ARG B 41 16.64 40.33 25.82
N LYS B 42 17.01 39.09 25.47
CA LYS B 42 17.39 38.68 24.09
C LYS B 42 16.16 38.67 23.17
N SER B 43 15.21 37.76 23.43
CA SER B 43 14.06 37.46 22.53
C SER B 43 12.89 38.43 22.78
N GLY B 44 12.75 38.93 24.02
CA GLY B 44 11.74 39.96 24.38
C GLY B 44 10.52 39.38 25.08
N VAL B 45 10.54 38.09 25.45
CA VAL B 45 9.45 37.42 26.23
C VAL B 45 9.38 38.07 27.62
N ASN B 46 8.17 38.15 28.17
CA ASN B 46 7.92 38.56 29.58
C ASN B 46 8.61 37.55 30.50
N TYR B 47 9.46 38.02 31.42
CA TYR B 47 10.26 37.18 32.34
C TYR B 47 9.33 36.36 33.25
N ALA B 48 8.47 37.05 34.01
CA ALA B 48 7.59 36.48 35.05
C ALA B 48 6.62 35.46 34.43
N ARG B 49 6.01 35.80 33.29
CA ARG B 49 4.93 35.00 32.66
C ARG B 49 5.50 33.75 32.00
N PHE B 50 6.65 33.85 31.33
CA PHE B 50 7.31 32.69 30.67
C PHE B 50 7.90 31.77 31.74
N SER B 51 8.44 32.34 32.83
CA SER B 51 8.95 31.60 34.01
C SER B 51 7.84 30.70 34.57
N ARG B 52 6.61 31.21 34.63
CA ARG B 52 5.41 30.47 35.11
C ARG B 52 5.08 29.34 34.12
N LEU B 53 5.19 29.60 32.81
CA LEU B 53 4.97 28.58 31.74
C LEU B 53 6.02 27.47 31.88
N CYS B 54 7.28 27.84 32.13
CA CYS B 54 8.42 26.92 32.34
C CYS B 54 8.16 26.01 33.55
N ASP B 55 7.62 26.57 34.65
CA ASP B 55 7.29 25.82 35.89
C ASP B 55 6.24 24.75 35.58
N PHE B 56 5.28 25.05 34.70
CA PHE B 56 4.22 24.10 34.24
C PHE B 56 4.85 23.04 33.33
N LEU B 57 5.82 23.44 32.51
CA LEU B 57 6.57 22.53 31.60
C LEU B 57 7.44 21.57 32.43
N VAL B 58 7.98 22.03 33.57
CA VAL B 58 8.75 21.18 34.53
C VAL B 58 7.84 20.09 35.09
N GLU B 59 6.62 20.46 35.48
CA GLU B 59 5.57 19.53 36.00
C GLU B 59 5.27 18.45 34.96
N MET B 60 5.16 18.84 33.69
CA MET B 60 4.84 17.93 32.55
C MET B 60 6.02 17.01 32.25
N GLY B 61 7.25 17.43 32.59
CA GLY B 61 8.49 16.67 32.34
C GLY B 61 9.13 17.07 31.02
N VAL B 62 8.71 18.20 30.44
CA VAL B 62 9.26 18.77 29.17
C VAL B 62 10.58 19.47 29.48
N LEU B 63 10.61 20.27 30.57
CA LEU B 63 11.82 20.94 31.07
C LEU B 63 12.26 20.30 32.39
N VAL B 64 13.56 20.45 32.72
CA VAL B 64 14.15 20.10 34.05
C VAL B 64 14.69 21.39 34.67
N SER B 65 14.38 21.63 35.94
CA SER B 65 14.76 22.85 36.70
C SER B 65 15.91 22.54 37.66
N ASN B 66 17.00 23.31 37.58
CA ASN B 66 18.16 23.26 38.50
C ASN B 66 18.75 24.67 38.66
N ASP B 67 18.73 25.21 39.88
CA ASP B 67 19.35 26.51 40.25
C ASP B 67 18.69 27.65 39.44
N ASN B 68 17.35 27.62 39.33
CA ASN B 68 16.52 28.64 38.64
C ASN B 68 16.96 28.76 37.17
N LYS B 69 17.29 27.62 36.54
CA LYS B 69 17.62 27.52 35.09
C LYS B 69 16.95 26.27 34.53
N PHE B 70 16.54 26.32 33.25
CA PHE B 70 15.71 25.28 32.58
C PHE B 70 16.45 24.74 31.34
N ARG B 71 16.47 23.41 31.21
CA ARG B 71 16.89 22.69 29.99
C ARG B 71 15.76 21.73 29.58
N LEU B 72 15.73 21.31 28.31
CA LEU B 72 14.81 20.26 27.80
C LEU B 72 15.22 18.90 28.38
N SER B 73 14.26 17.99 28.50
CA SER B 73 14.48 16.57 28.93
C SER B 73 15.17 15.80 27.80
N ASP B 74 15.67 14.59 28.12
CA ASP B 74 16.31 13.67 27.15
C ASP B 74 15.29 13.31 26.06
N GLU B 75 14.05 13.00 26.45
CA GLU B 75 12.95 12.61 25.52
C GLU B 75 12.49 13.83 24.71
N CYS B 76 12.52 15.02 25.30
CA CYS B 76 11.92 16.27 24.75
C CYS B 76 12.96 17.16 24.06
N HIS B 77 14.13 16.61 23.71
CA HIS B 77 15.20 17.33 22.95
C HIS B 77 14.67 17.72 21.56
N VAL B 78 13.75 16.91 21.01
CA VAL B 78 13.13 17.08 19.66
C VAL B 78 12.55 18.49 19.51
N PHE B 79 12.01 19.09 20.58
CA PHE B 79 11.33 20.42 20.56
C PHE B 79 12.33 21.54 20.24
N ALA B 80 13.63 21.31 20.46
CA ALA B 80 14.72 22.26 20.10
C ALA B 80 14.86 22.34 18.59
N ASN B 81 14.56 21.25 17.86
CA ASN B 81 14.61 21.16 16.39
C ASN B 81 13.26 21.57 15.80
N PRO B 82 13.17 22.71 15.08
CA PRO B 82 11.91 23.16 14.51
C PRO B 82 11.40 22.32 13.33
N GLU B 83 12.27 21.48 12.75
CA GLU B 83 11.93 20.59 11.60
C GLU B 83 11.66 19.15 12.09
N SER B 84 11.61 18.93 13.42
CA SER B 84 11.30 17.62 14.03
C SER B 84 9.83 17.27 13.79
N PHE B 85 9.52 15.97 13.76
CA PHE B 85 8.15 15.42 13.54
C PHE B 85 7.23 15.87 14.69
N GLU B 86 7.76 15.95 15.91
CA GLU B 86 7.02 16.34 17.14
C GLU B 86 6.62 17.83 17.07
N SER B 87 7.44 18.67 16.44
CA SER B 87 7.21 20.13 16.29
C SER B 87 6.02 20.39 15.35
N PHE B 88 5.93 19.62 14.25
CA PHE B 88 4.82 19.70 13.26
C PHE B 88 3.54 19.12 13.88
N MET B 89 3.69 18.08 14.72
CA MET B 89 2.56 17.38 15.38
C MET B 89 1.76 18.36 16.23
N ILE B 90 2.41 19.08 17.15
CA ILE B 90 1.76 20.01 18.11
C ILE B 90 1.20 21.23 17.36
N LYS B 91 1.86 21.66 16.28
CA LYS B 91 1.42 22.82 15.44
C LYS B 91 0.06 22.50 14.79
N LEU B 92 -0.18 21.24 14.43
CA LEU B 92 -1.47 20.76 13.86
C LEU B 92 -2.46 20.41 14.98
N GLU B 93 -1.96 19.81 16.08
CA GLU B 93 -2.78 19.12 17.11
C GLU B 93 -3.90 20.03 17.62
N ILE B 94 -3.59 21.27 18.01
CA ILE B 94 -4.57 22.21 18.63
C ILE B 94 -4.76 23.45 17.75
N CYS B 95 -4.55 23.35 16.44
CA CYS B 95 -4.84 24.43 15.46
C CYS B 95 -6.36 24.58 15.33
N SER B 96 -6.84 25.78 14.95
CA SER B 96 -8.27 26.17 14.91
C SER B 96 -9.10 25.12 14.15
N HIS B 97 -8.56 24.60 13.03
CA HIS B 97 -9.24 23.61 12.14
C HIS B 97 -9.50 22.31 12.91
N TYR B 98 -8.50 21.82 13.65
CA TYR B 98 -8.60 20.60 14.50
C TYR B 98 -9.59 20.86 15.65
N SER B 99 -9.45 22.01 16.32
CA SER B 99 -10.32 22.47 17.44
C SER B 99 -11.79 22.43 17.01
N ASN B 100 -12.09 23.00 15.83
CA ASN B 100 -13.46 23.09 15.26
C ASN B 100 -13.95 21.69 14.86
N ALA B 101 -13.05 20.82 14.40
CA ALA B 101 -13.33 19.41 14.04
C ALA B 101 -13.75 18.64 15.30
N TRP B 102 -13.00 18.81 16.40
CA TRP B 102 -13.27 18.15 17.71
C TRP B 102 -14.63 18.60 18.26
N LEU B 103 -15.02 19.87 18.04
CA LEU B 103 -16.28 20.46 18.54
C LEU B 103 -17.49 19.92 17.76
N MET B 104 -17.26 19.29 16.59
CA MET B 104 -18.31 18.63 15.78
C MET B 104 -18.28 17.11 15.97
N TYR B 105 -17.33 16.59 16.76
CA TYR B 105 -17.12 15.13 16.97
C TYR B 105 -18.35 14.52 17.66
N GLY B 106 -18.80 15.15 18.75
CA GLY B 106 -20.01 14.74 19.49
C GLY B 106 -21.22 14.64 18.57
N LYS B 107 -21.47 15.69 17.77
CA LYS B 107 -22.62 15.79 16.84
C LYS B 107 -22.47 14.75 15.71
N SER B 108 -21.24 14.47 15.28
CA SER B 108 -20.92 13.59 14.12
C SER B 108 -21.31 12.12 14.42
N LEU B 109 -21.36 11.73 15.70
CA LEU B 109 -21.68 10.34 16.13
C LEU B 109 -23.14 10.01 15.78
N PHE B 110 -24.04 11.01 15.81
CA PHE B 110 -25.50 10.84 15.61
C PHE B 110 -25.87 10.91 14.13
N GLU B 111 -24.95 11.38 13.27
CA GLU B 111 -25.15 11.46 11.80
C GLU B 111 -24.75 10.13 11.16
N ASP B 112 -25.52 9.69 10.15
CA ASP B 112 -25.17 8.54 9.28
C ASP B 112 -25.05 9.05 7.84
N ASP B 113 -24.39 10.21 7.67
CA ASP B 113 -24.30 10.97 6.41
C ASP B 113 -23.06 10.54 5.62
N GLY B 114 -22.10 9.88 6.28
CA GLY B 114 -20.79 9.52 5.70
C GLY B 114 -19.82 10.69 5.71
N LYS B 115 -20.14 11.73 6.49
CA LYS B 115 -19.30 12.95 6.65
C LYS B 115 -18.51 12.85 7.97
N SER B 116 -17.21 13.16 7.91
CA SER B 116 -16.32 13.29 9.11
C SER B 116 -16.69 14.56 9.86
N ALA B 117 -16.31 14.62 11.15
CA ALA B 117 -16.48 15.81 12.03
C ALA B 117 -15.73 17.00 11.42
N PHE B 118 -14.57 16.75 10.79
CA PHE B 118 -13.77 17.76 10.06
C PHE B 118 -14.60 18.36 8.92
N GLU B 119 -15.21 17.51 8.09
CA GLU B 119 -16.03 17.92 6.92
C GLU B 119 -17.25 18.73 7.39
N MET B 120 -17.85 18.32 8.51
CA MET B 120 -19.05 18.99 9.11
C MET B 120 -18.67 20.40 9.57
N ALA B 121 -17.44 20.58 10.08
CA ALA B 121 -16.92 21.86 10.60
C ALA B 121 -16.52 22.78 9.43
N HIS B 122 -15.96 22.22 8.34
CA HIS B 122 -15.19 22.97 7.31
C HIS B 122 -15.85 22.92 5.93
N GLY B 123 -16.71 21.93 5.64
CA GLY B 123 -17.55 21.87 4.44
C GLY B 123 -16.97 20.97 3.35
N ARG B 124 -15.79 20.38 3.56
CA ARG B 124 -15.15 19.43 2.61
C ARG B 124 -14.38 18.37 3.39
N PRO B 125 -14.17 17.16 2.82
CA PRO B 125 -13.32 16.15 3.44
C PRO B 125 -11.86 16.63 3.54
N PHE B 126 -11.10 16.06 4.48
CA PHE B 126 -9.79 16.56 4.96
C PHE B 126 -8.89 16.95 3.79
N PHE B 127 -8.52 15.99 2.93
CA PHE B 127 -7.49 16.15 1.87
C PHE B 127 -7.96 17.16 0.80
N GLU B 128 -9.26 17.15 0.48
CA GLU B 128 -9.86 18.11 -0.48
C GLU B 128 -9.78 19.54 0.10
N TYR B 129 -9.92 19.69 1.42
CA TYR B 129 -9.82 21.00 2.12
C TYR B 129 -8.36 21.47 2.13
N LEU B 130 -7.41 20.55 2.26
CA LEU B 130 -5.95 20.82 2.30
C LEU B 130 -5.49 21.43 0.96
N ASP B 131 -6.22 21.18 -0.14
CA ASP B 131 -5.93 21.78 -1.47
C ASP B 131 -6.03 23.31 -1.40
N GLY B 132 -7.00 23.83 -0.64
CA GLY B 132 -7.28 25.28 -0.50
C GLY B 132 -6.84 25.82 0.85
N ASN B 133 -5.86 25.17 1.51
CA ASN B 133 -5.27 25.62 2.80
C ASN B 133 -3.82 25.16 2.88
N LYS B 134 -2.87 26.09 2.70
CA LYS B 134 -1.41 25.81 2.66
C LYS B 134 -0.91 25.47 4.08
N PHE B 135 -1.44 26.14 5.10
CA PHE B 135 -1.03 25.93 6.52
C PHE B 135 -1.18 24.44 6.89
N LEU B 136 -2.37 23.88 6.67
CA LEU B 136 -2.68 22.45 6.99
C LEU B 136 -1.84 21.53 6.11
N LYS B 137 -1.77 21.79 4.80
CA LYS B 137 -1.11 20.89 3.82
C LYS B 137 0.40 20.84 4.08
N SER B 138 1.05 21.99 4.18
CA SER B 138 2.53 22.13 4.34
C SER B 138 2.98 21.48 5.65
N ASN B 139 2.22 21.68 6.74
CA ASN B 139 2.51 21.11 8.08
C ASN B 139 2.25 19.60 8.07
N PHE B 140 1.14 19.16 7.46
CA PHE B 140 0.75 17.72 7.37
C PHE B 140 1.78 16.97 6.51
N ASP B 141 2.03 17.46 5.29
CA ASP B 141 3.01 16.88 4.33
C ASP B 141 4.39 16.82 4.99
N ALA B 142 4.78 17.87 5.72
CA ALA B 142 6.06 17.95 6.47
C ALA B 142 6.10 16.87 7.55
N LEU B 143 5.01 16.71 8.32
CA LEU B 143 4.92 15.69 9.40
C LEU B 143 5.09 14.29 8.77
N MET B 144 4.35 14.00 7.70
CA MET B 144 4.39 12.68 6.98
C MET B 144 5.80 12.43 6.45
N THR B 145 6.48 13.48 5.99
CA THR B 145 7.87 13.42 5.44
C THR B 145 8.85 13.02 6.55
N ARG B 146 8.72 13.62 7.75
CA ARG B 146 9.66 13.42 8.89
C ARG B 146 9.53 11.98 9.40
N VAL B 147 8.30 11.47 9.58
CA VAL B 147 8.03 10.09 10.10
C VAL B 147 8.48 9.05 9.05
N SER B 148 8.39 9.39 7.75
CA SER B 148 8.91 8.57 6.63
C SER B 148 10.44 8.50 6.72
N ASN B 149 11.09 9.60 7.06
CA ASN B 149 12.57 9.72 7.19
C ASN B 149 13.06 8.90 8.39
N LEU B 150 12.25 8.77 9.43
CA LEU B 150 12.59 8.06 10.69
C LEU B 150 12.60 6.54 10.46
N ILE B 151 11.64 6.01 9.70
CA ILE B 151 11.37 4.54 9.58
C ILE B 151 12.24 3.90 8.49
N VAL B 152 12.66 4.67 7.48
CA VAL B 152 13.32 4.13 6.24
C VAL B 152 14.49 3.23 6.61
N GLU B 153 15.29 3.59 7.62
CA GLU B 153 16.50 2.83 8.05
C GLU B 153 16.10 1.37 8.36
N LYS B 154 15.08 1.19 9.21
CA LYS B 154 14.60 -0.15 9.66
C LYS B 154 13.93 -0.88 8.50
N LEU B 155 13.23 -0.15 7.62
CA LEU B 155 12.48 -0.73 6.47
C LEU B 155 13.45 -1.37 5.47
N LEU B 156 14.60 -0.72 5.20
CA LEU B 156 15.67 -1.25 4.32
C LEU B 156 16.27 -2.52 4.95
N GLY B 157 16.34 -2.58 6.27
CA GLY B 157 16.96 -3.68 7.04
C GLY B 157 16.18 -4.98 6.91
N ILE B 158 14.84 -4.93 6.94
CA ILE B 158 13.96 -6.13 7.10
C ILE B 158 13.40 -6.59 5.75
N TYR B 159 13.66 -5.87 4.66
CA TYR B 159 13.19 -6.25 3.29
C TYR B 159 14.26 -5.98 2.24
N ASP B 160 14.43 -6.92 1.31
CA ASP B 160 15.38 -6.86 0.18
C ASP B 160 14.72 -6.07 -0.98
N PHE B 161 15.09 -4.80 -1.13
CA PHE B 161 14.57 -3.88 -2.18
C PHE B 161 15.37 -4.08 -3.48
N ASN B 162 16.56 -4.69 -3.40
CA ASN B 162 17.49 -4.91 -4.55
C ASN B 162 16.89 -5.91 -5.54
N GLN B 163 15.96 -6.79 -5.09
CA GLN B 163 15.32 -7.82 -5.95
C GLN B 163 14.39 -7.17 -6.97
N HIS B 164 13.84 -5.98 -6.66
CA HIS B 164 12.79 -5.29 -7.45
C HIS B 164 13.43 -4.36 -8.50
N ASN B 165 12.66 -4.03 -9.54
CA ASN B 165 13.08 -3.23 -10.73
C ASN B 165 12.30 -1.91 -10.77
N ARG B 166 10.97 -1.99 -10.79
CA ARG B 166 10.03 -0.84 -10.91
C ARG B 166 9.21 -0.70 -9.63
N ILE B 167 9.36 0.42 -8.92
CA ILE B 167 8.77 0.67 -7.58
C ILE B 167 7.84 1.88 -7.65
N LEU B 168 6.61 1.74 -7.17
CA LEU B 168 5.60 2.82 -7.06
C LEU B 168 5.18 2.99 -5.60
N ASP B 169 5.35 4.18 -5.05
CA ASP B 169 4.87 4.56 -3.69
C ASP B 169 3.51 5.26 -3.84
N VAL B 170 2.42 4.53 -3.59
CA VAL B 170 1.02 5.02 -3.74
C VAL B 170 0.65 5.84 -2.50
N GLY B 171 0.21 7.09 -2.70
CA GLY B 171 -0.05 8.07 -1.64
C GLY B 171 1.23 8.40 -0.87
N GLY B 172 2.32 8.65 -1.59
CA GLY B 172 3.68 8.80 -1.03
C GLY B 172 3.97 10.21 -0.54
N GLY B 173 3.00 11.13 -0.66
CA GLY B 173 3.12 12.53 -0.20
C GLY B 173 4.19 13.28 -0.99
N GLU B 174 5.16 13.89 -0.28
CA GLU B 174 6.29 14.64 -0.89
C GLU B 174 7.31 13.65 -1.47
N GLY B 175 7.22 12.37 -1.10
CA GLY B 175 7.94 11.25 -1.73
C GLY B 175 9.28 10.96 -1.07
N GLU B 176 9.43 11.30 0.22
CA GLU B 176 10.72 11.22 0.97
C GLU B 176 11.11 9.75 1.19
N LEU B 177 10.14 8.82 1.21
CA LEU B 177 10.41 7.38 1.45
C LEU B 177 11.24 6.81 0.30
N LEU B 178 10.82 7.03 -0.95
CA LEU B 178 11.51 6.48 -2.16
C LEU B 178 12.81 7.25 -2.42
N VAL B 179 12.85 8.56 -2.14
CA VAL B 179 14.07 9.40 -2.30
C VAL B 179 15.19 8.81 -1.44
N ARG B 180 14.88 8.45 -0.20
CA ARG B 180 15.85 7.89 0.79
C ARG B 180 16.19 6.44 0.42
N ILE B 181 15.23 5.68 -0.12
CA ILE B 181 15.43 4.28 -0.60
C ILE B 181 16.30 4.31 -1.86
N SER B 182 16.07 5.28 -2.75
CA SER B 182 16.79 5.43 -4.06
C SER B 182 18.26 5.83 -3.81
N GLU B 183 18.54 6.52 -2.71
CA GLU B 183 19.91 6.98 -2.33
C GLU B 183 20.80 5.77 -2.00
N LYS B 184 20.23 4.71 -1.44
CA LYS B 184 20.97 3.51 -0.97
C LYS B 184 20.74 2.32 -1.92
N VAL B 185 19.53 2.16 -2.45
CA VAL B 185 19.18 1.13 -3.46
C VAL B 185 19.14 1.81 -4.84
N LYS B 186 20.24 1.74 -5.58
CA LYS B 186 20.48 2.52 -6.83
C LYS B 186 20.11 1.68 -8.06
N GLY B 187 19.89 2.35 -9.20
CA GLY B 187 19.73 1.75 -10.53
C GLY B 187 18.34 1.17 -10.77
N LYS B 188 17.34 1.59 -9.96
CA LYS B 188 15.93 1.17 -10.09
C LYS B 188 15.10 2.34 -10.65
N HIS B 189 13.93 2.04 -11.22
CA HIS B 189 12.91 3.06 -11.59
C HIS B 189 12.06 3.36 -10.36
N TYR B 190 11.85 4.65 -10.06
CA TYR B 190 11.13 5.15 -8.87
C TYR B 190 9.99 6.08 -9.31
N ALA B 191 8.82 5.93 -8.69
CA ALA B 191 7.60 6.73 -8.96
C ALA B 191 6.79 6.91 -7.67
N VAL B 192 6.28 8.13 -7.45
CA VAL B 192 5.46 8.50 -6.26
C VAL B 192 4.10 9.01 -6.77
N LEU B 193 3.03 8.26 -6.52
CA LEU B 193 1.64 8.63 -6.87
C LEU B 193 0.99 9.34 -5.68
N ASP B 194 0.33 10.48 -5.94
CA ASP B 194 -0.43 11.27 -4.94
C ASP B 194 -1.32 12.26 -5.68
N ARG B 195 -2.07 13.09 -4.95
CA ARG B 195 -2.90 14.19 -5.50
C ARG B 195 -2.02 15.44 -5.60
N TYR B 196 -1.53 15.73 -6.81
CA TYR B 196 -0.63 16.88 -7.13
C TYR B 196 -1.34 17.85 -8.08
N SER B 197 -1.60 19.08 -7.61
CA SER B 197 -1.97 20.23 -8.47
C SER B 197 -0.75 20.62 -9.31
N GLU B 198 0.41 20.64 -8.66
CA GLU B 198 1.75 20.96 -9.23
C GLU B 198 2.70 19.82 -8.87
N LEU B 199 3.28 19.13 -9.87
CA LEU B 199 4.15 17.94 -9.66
C LEU B 199 5.41 18.36 -8.89
N PRO B 200 5.72 17.69 -7.74
CA PRO B 200 7.03 17.84 -7.12
C PRO B 200 8.16 17.45 -8.08
N VAL B 201 9.36 18.00 -7.86
CA VAL B 201 10.55 17.77 -8.72
C VAL B 201 11.69 17.18 -7.87
N SER B 202 12.30 16.10 -8.33
CA SER B 202 13.42 15.39 -7.66
C SER B 202 14.18 14.53 -8.67
N ASP B 203 15.45 14.23 -8.40
CA ASP B 203 16.35 13.44 -9.29
C ASP B 203 15.83 12.00 -9.39
N ASN B 204 15.53 11.56 -10.61
CA ASN B 204 15.03 10.19 -10.97
C ASN B 204 13.95 9.72 -9.99
N ILE B 205 12.94 10.57 -9.74
CA ILE B 205 11.61 10.18 -9.16
C ILE B 205 10.53 10.62 -10.15
N ASP B 206 9.72 9.66 -10.63
CA ASP B 206 8.59 9.90 -11.56
C ASP B 206 7.33 10.21 -10.73
N PHE B 207 7.08 11.49 -10.45
CA PHE B 207 5.88 11.97 -9.71
C PHE B 207 4.67 11.91 -10.63
N ILE B 208 3.61 11.23 -10.18
CA ILE B 208 2.35 11.01 -10.94
C ILE B 208 1.19 11.65 -10.17
N ASN B 209 0.42 12.52 -10.82
CA ASN B 209 -0.89 13.00 -10.30
C ASN B 209 -1.92 11.88 -10.56
N GLY B 210 -2.57 11.39 -9.49
CA GLY B 210 -3.48 10.24 -9.58
C GLY B 210 -4.47 10.18 -8.45
N ASN B 211 -5.26 9.10 -8.41
CA ASN B 211 -6.36 8.85 -7.44
C ASN B 211 -6.48 7.34 -7.22
N PHE B 212 -6.07 6.83 -6.05
CA PHE B 212 -6.02 5.38 -5.76
C PHE B 212 -7.45 4.83 -5.54
N LEU B 213 -8.44 5.71 -5.34
CA LEU B 213 -9.88 5.35 -5.31
C LEU B 213 -10.33 4.97 -6.73
N ASN B 214 -9.80 5.66 -7.74
CA ASN B 214 -10.13 5.45 -9.17
C ASN B 214 -9.38 4.22 -9.70
N SER B 215 -8.04 4.25 -9.67
CA SER B 215 -7.16 3.15 -10.15
C SER B 215 -5.70 3.37 -9.74
N ILE B 216 -4.94 2.28 -9.61
CA ILE B 216 -3.45 2.26 -9.49
C ILE B 216 -2.91 1.92 -10.88
N PRO B 217 -1.83 2.58 -11.36
CA PRO B 217 -1.23 2.22 -12.64
C PRO B 217 -0.51 0.87 -12.56
N SER B 218 -0.67 0.03 -13.59
CA SER B 218 -0.04 -1.32 -13.71
C SER B 218 1.37 -1.17 -14.27
N GLY B 219 2.15 -2.26 -14.26
CA GLY B 219 3.50 -2.34 -14.86
C GLY B 219 4.61 -2.10 -13.85
N TYR B 220 4.34 -2.26 -12.55
CA TYR B 220 5.34 -2.22 -11.46
C TYR B 220 5.33 -3.57 -10.73
N ASP B 221 6.51 -4.04 -10.31
CA ASP B 221 6.68 -5.34 -9.60
C ASP B 221 6.74 -5.10 -8.08
N LEU B 222 6.91 -3.86 -7.63
CA LEU B 222 6.81 -3.46 -6.20
C LEU B 222 5.85 -2.27 -6.07
N TYR B 223 4.90 -2.39 -5.14
CA TYR B 223 3.96 -1.31 -4.72
C TYR B 223 4.13 -1.07 -3.22
N ILE B 224 4.11 0.21 -2.81
CA ILE B 224 4.18 0.63 -1.38
C ILE B 224 2.93 1.46 -1.08
N LEU B 225 2.37 1.28 0.13
CA LEU B 225 1.17 1.99 0.63
C LEU B 225 1.34 2.20 2.14
N LYS B 226 2.04 3.27 2.54
CA LYS B 226 2.39 3.54 3.96
C LYS B 226 1.44 4.60 4.54
N ASN B 227 0.79 4.27 5.66
CA ASN B 227 -0.05 5.20 6.47
C ASN B 227 -1.13 5.82 5.59
N VAL B 228 -1.83 5.00 4.80
CA VAL B 228 -2.96 5.43 3.93
C VAL B 228 -4.27 4.88 4.51
N LEU B 229 -4.34 3.55 4.71
CA LEU B 229 -5.59 2.81 5.04
C LEU B 229 -6.26 3.34 6.31
N HIS B 230 -5.49 3.88 7.26
CA HIS B 230 -6.02 4.39 8.55
C HIS B 230 -6.67 5.78 8.35
N ASN B 231 -6.64 6.31 7.13
CA ASN B 231 -7.37 7.55 6.73
C ASN B 231 -8.69 7.20 6.03
N TRP B 232 -9.06 5.91 5.95
CA TRP B 232 -10.23 5.43 5.18
C TRP B 232 -11.08 4.44 5.97
N SER B 233 -12.34 4.28 5.56
CA SER B 233 -13.29 3.24 6.04
C SER B 233 -12.88 1.87 5.49
N ASP B 234 -13.55 0.81 5.94
CA ASP B 234 -13.29 -0.60 5.51
C ASP B 234 -13.58 -0.74 4.02
N SER B 235 -14.71 -0.19 3.55
CA SER B 235 -15.19 -0.28 2.14
C SER B 235 -14.23 0.45 1.20
N ASP B 236 -13.79 1.66 1.59
CA ASP B 236 -12.82 2.48 0.82
C ASP B 236 -11.44 1.81 0.84
N SER B 237 -11.06 1.22 1.99
CA SER B 237 -9.81 0.44 2.15
C SER B 237 -9.81 -0.76 1.20
N ILE B 238 -10.95 -1.46 1.09
CA ILE B 238 -11.14 -2.63 0.17
C ILE B 238 -11.04 -2.14 -1.27
N LEU B 239 -11.65 -0.99 -1.59
CA LEU B 239 -11.66 -0.40 -2.96
C LEU B 239 -10.22 -0.13 -3.42
N ILE B 240 -9.38 0.39 -2.53
CA ILE B 240 -7.94 0.73 -2.81
C ILE B 240 -7.18 -0.58 -3.08
N LEU B 241 -7.32 -1.57 -2.20
CA LEU B 241 -6.63 -2.89 -2.30
C LEU B 241 -7.13 -3.65 -3.53
N GLU B 242 -8.40 -3.46 -3.92
CA GLU B 242 -9.00 -4.03 -5.16
C GLU B 242 -8.30 -3.41 -6.39
N ASN B 243 -8.06 -2.09 -6.35
CA ASN B 243 -7.39 -1.34 -7.45
C ASN B 243 -5.93 -1.78 -7.57
N PHE B 244 -5.31 -2.19 -6.46
CA PHE B 244 -3.93 -2.78 -6.43
C PHE B 244 -3.95 -4.14 -7.16
N ARG B 245 -4.92 -4.99 -6.85
CA ARG B 245 -5.07 -6.34 -7.46
C ARG B 245 -5.20 -6.21 -8.98
N LYS B 246 -6.05 -5.28 -9.44
CA LYS B 246 -6.33 -5.06 -10.89
C LYS B 246 -5.06 -4.53 -11.58
N ALA B 247 -4.24 -3.76 -10.88
CA ALA B 247 -2.95 -3.19 -11.37
C ALA B 247 -1.87 -4.27 -11.36
N MET B 248 -1.80 -5.04 -10.27
CA MET B 248 -0.71 -6.04 -10.00
C MET B 248 -0.90 -7.29 -10.87
N ASP B 249 0.21 -7.97 -11.17
CA ASP B 249 0.25 -9.29 -11.86
C ASP B 249 0.80 -10.32 -10.85
N LYS B 250 1.09 -11.55 -11.32
CA LYS B 250 1.47 -12.69 -10.46
C LYS B 250 2.82 -12.43 -9.77
N ASN B 251 3.73 -11.71 -10.44
CA ASN B 251 5.12 -11.47 -9.97
C ASN B 251 5.19 -10.20 -9.10
N SER B 252 4.14 -9.38 -9.10
CA SER B 252 4.07 -8.09 -8.34
C SER B 252 3.97 -8.36 -6.84
N SER B 253 4.35 -7.37 -6.02
CA SER B 253 4.28 -7.40 -4.54
C SER B 253 3.85 -6.03 -4.00
N LEU B 254 2.91 -6.02 -3.06
CA LEU B 254 2.40 -4.80 -2.37
C LEU B 254 2.86 -4.83 -0.90
N LEU B 255 3.68 -3.85 -0.49
CA LEU B 255 4.09 -3.67 0.92
C LEU B 255 3.08 -2.74 1.60
N LEU B 256 2.09 -3.32 2.28
CA LEU B 256 1.13 -2.58 3.15
C LEU B 256 1.84 -2.28 4.49
N ILE B 257 2.28 -1.04 4.66
CA ILE B 257 2.99 -0.53 5.87
C ILE B 257 2.06 0.48 6.56
N ASN B 258 1.82 0.33 7.87
CA ASN B 258 0.87 1.18 8.62
C ASN B 258 1.07 1.02 10.13
N MET B 259 0.81 2.08 10.89
CA MET B 259 0.66 2.04 12.37
C MET B 259 -0.44 1.02 12.70
N VAL B 260 -0.17 0.13 13.66
CA VAL B 260 -1.06 -1.03 13.98
C VAL B 260 -1.63 -0.85 15.40
N LYS B 261 -2.87 -1.31 15.60
CA LYS B 261 -3.57 -1.32 16.91
C LYS B 261 -2.99 -2.46 17.76
N GLU B 262 -2.22 -2.11 18.79
CA GLU B 262 -1.79 -3.03 19.88
C GLU B 262 -2.50 -2.60 21.17
N PRO B 263 -3.13 -3.55 21.91
CA PRO B 263 -3.79 -3.22 23.17
C PRO B 263 -2.98 -2.37 24.17
N GLU B 264 -1.65 -2.55 24.20
CA GLU B 264 -0.72 -1.89 25.16
C GLU B 264 -0.77 -0.36 24.98
N PHE B 265 -0.86 0.12 23.73
CA PHE B 265 -0.74 1.56 23.36
C PHE B 265 -2.11 2.25 23.41
N SER B 266 -2.09 3.58 23.37
CA SER B 266 -3.27 4.48 23.53
C SER B 266 -4.23 4.36 22.35
N ARG B 267 -5.52 4.58 22.59
CA ARG B 267 -6.61 4.58 21.57
C ARG B 267 -6.84 6.01 21.05
N SER B 268 -6.06 6.99 21.53
CA SER B 268 -6.25 8.44 21.25
C SER B 268 -6.18 8.70 19.74
N PHE B 269 -5.24 8.06 19.04
CA PHE B 269 -5.02 8.24 17.58
C PHE B 269 -6.22 7.70 16.81
N ASP B 270 -6.79 6.57 17.25
CA ASP B 270 -7.99 5.93 16.64
C ASP B 270 -9.14 6.95 16.56
N ILE B 271 -9.29 7.78 17.60
CA ILE B 271 -10.38 8.81 17.70
C ILE B 271 -10.05 9.97 16.74
N LEU B 272 -8.78 10.35 16.62
CA LEU B 272 -8.33 11.44 15.71
C LEU B 272 -8.65 11.06 14.26
N MET B 273 -8.41 9.80 13.87
CA MET B 273 -8.68 9.26 12.51
C MET B 273 -10.19 9.29 12.24
N ASP B 274 -11.01 9.07 13.27
CA ASP B 274 -12.49 9.15 13.19
C ASP B 274 -12.90 10.61 12.91
N VAL B 275 -12.34 11.55 13.68
CA VAL B 275 -12.67 13.01 13.62
C VAL B 275 -12.24 13.56 12.25
N LEU B 276 -11.00 13.33 11.84
CA LEU B 276 -10.39 13.95 10.63
C LEU B 276 -10.91 13.28 9.36
N PHE B 277 -10.98 11.94 9.32
CA PHE B 277 -11.12 11.14 8.07
C PHE B 277 -12.34 10.21 8.09
N LEU B 278 -12.99 9.99 9.24
CA LEU B 278 -13.91 8.84 9.46
C LEU B 278 -13.15 7.53 9.24
N GLY B 279 -11.83 7.53 9.49
CA GLY B 279 -10.96 6.34 9.40
C GLY B 279 -10.93 5.59 10.72
N LYS B 280 -9.98 4.67 10.89
CA LYS B 280 -9.83 3.89 12.14
C LYS B 280 -8.44 3.25 12.22
N GLU B 281 -8.01 2.96 13.45
CA GLU B 281 -6.87 2.08 13.80
C GLU B 281 -7.27 0.64 13.50
N ARG B 282 -6.33 -0.20 13.04
CA ARG B 282 -6.58 -1.63 12.70
C ARG B 282 -5.43 -2.50 13.21
N SER B 283 -5.75 -3.74 13.58
CA SER B 283 -4.78 -4.80 13.97
C SER B 283 -4.25 -5.51 12.72
N PHE B 284 -3.30 -6.43 12.89
CA PHE B 284 -2.71 -7.27 11.82
C PHE B 284 -3.84 -8.04 11.10
N THR B 285 -4.66 -8.76 11.87
CA THR B 285 -5.75 -9.64 11.37
C THR B 285 -6.82 -8.81 10.65
N GLU B 286 -7.12 -7.60 11.15
CA GLU B 286 -8.12 -6.67 10.55
C GLU B 286 -7.62 -6.19 9.19
N PHE B 287 -6.34 -5.78 9.10
CA PHE B 287 -5.64 -5.45 7.83
C PHE B 287 -5.68 -6.69 6.92
N GLU B 288 -5.38 -7.86 7.50
CA GLU B 288 -5.33 -9.17 6.80
C GLU B 288 -6.69 -9.48 6.16
N TYR B 289 -7.78 -9.20 6.89
CA TYR B 289 -9.17 -9.46 6.46
C TYR B 289 -9.50 -8.62 5.22
N LEU B 290 -9.23 -7.32 5.26
CA LEU B 290 -9.52 -6.35 4.16
C LEU B 290 -8.77 -6.76 2.89
N ALA B 291 -7.52 -7.21 3.03
CA ALA B 291 -6.66 -7.70 1.93
C ALA B 291 -7.30 -8.93 1.28
N ASN B 292 -7.83 -9.85 2.09
CA ASN B 292 -8.47 -11.12 1.63
C ASN B 292 -9.78 -10.80 0.89
N GLN B 293 -10.53 -9.80 1.35
CA GLN B 293 -11.79 -9.32 0.70
C GLN B 293 -11.47 -8.76 -0.68
N ALA B 294 -10.34 -8.05 -0.81
CA ALA B 294 -9.89 -7.36 -2.05
C ALA B 294 -9.32 -8.37 -3.06
N GLY B 295 -9.03 -9.60 -2.62
CA GLY B 295 -8.50 -10.70 -3.46
C GLY B 295 -6.99 -10.76 -3.43
N LEU B 296 -6.38 -10.35 -2.31
CA LEU B 296 -4.91 -10.40 -2.07
C LEU B 296 -4.61 -11.47 -1.02
N VAL B 297 -3.43 -12.10 -1.12
CA VAL B 297 -2.95 -13.16 -0.20
C VAL B 297 -1.66 -12.65 0.48
N VAL B 298 -1.53 -12.93 1.77
CA VAL B 298 -0.37 -12.50 2.62
C VAL B 298 0.77 -13.49 2.39
N GLN B 299 1.98 -12.98 2.13
CA GLN B 299 3.22 -13.78 1.90
C GLN B 299 4.08 -13.78 3.17
N GLU B 300 4.25 -12.60 3.76
CA GLU B 300 5.30 -12.30 4.78
C GLU B 300 4.84 -11.11 5.63
N THR B 301 4.55 -11.34 6.91
CA THR B 301 4.18 -10.32 7.91
C THR B 301 5.32 -10.13 8.91
N LYS B 302 5.69 -8.88 9.19
CA LYS B 302 6.74 -8.51 10.19
C LYS B 302 6.26 -7.30 10.99
N VAL B 303 6.89 -7.07 12.14
CA VAL B 303 6.63 -5.92 13.05
C VAL B 303 7.84 -4.98 12.99
N ILE B 304 7.60 -3.68 12.78
CA ILE B 304 8.64 -2.60 12.87
C ILE B 304 8.33 -1.76 14.11
N ASP B 305 9.29 -1.67 15.04
CA ASP B 305 9.20 -0.85 16.26
C ASP B 305 9.59 0.60 15.90
N GLN B 306 8.73 1.57 16.23
CA GLN B 306 9.03 3.02 16.16
C GLN B 306 8.78 3.65 17.54
N SER B 307 9.40 4.80 17.79
CA SER B 307 9.37 5.54 19.08
C SER B 307 7.92 5.75 19.55
N TYR B 308 7.02 6.10 18.63
CA TYR B 308 5.67 6.65 18.92
C TYR B 308 4.58 5.56 18.81
N SER B 309 4.79 4.52 18.01
CA SER B 309 3.78 3.48 17.72
C SER B 309 4.43 2.24 17.09
N PRO B 310 3.86 1.03 17.30
CA PRO B 310 4.27 -0.15 16.51
C PRO B 310 3.75 -0.04 15.07
N TYR B 311 4.50 -0.58 14.12
CA TYR B 311 4.16 -0.62 12.67
C TYR B 311 3.93 -2.06 12.23
N SER B 312 2.92 -2.27 11.38
CA SER B 312 2.61 -3.55 10.70
C SER B 312 3.20 -3.53 9.29
N PHE B 313 4.13 -4.42 9.00
CA PHE B 313 4.73 -4.65 7.66
C PHE B 313 4.11 -5.92 7.05
N ILE B 314 3.22 -5.75 6.07
CA ILE B 314 2.49 -6.88 5.41
C ILE B 314 2.83 -6.88 3.91
N LYS B 315 3.56 -7.91 3.46
CA LYS B 315 3.82 -8.20 2.03
C LYS B 315 2.57 -8.91 1.46
N LEU B 316 1.99 -8.35 0.40
CA LEU B 316 0.75 -8.87 -0.25
C LEU B 316 1.02 -9.14 -1.73
N GLN B 317 0.48 -10.26 -2.24
CA GLN B 317 0.47 -10.64 -3.68
C GLN B 317 -0.95 -11.06 -4.05
N ILE B 318 -1.27 -11.10 -5.35
CA ILE B 318 -2.62 -11.47 -5.85
C ILE B 318 -2.77 -13.00 -5.86
N LYS B 319 -4.01 -13.49 -5.80
CA LYS B 319 -4.40 -14.91 -5.97
C LYS B 319 -5.93 -15.00 -5.98
N SER C 1 4.94 -48.39 -40.59
CA SER C 1 3.47 -48.13 -40.72
C SER C 1 2.95 -47.48 -39.44
N MET C 2 1.64 -47.20 -39.39
CA MET C 2 0.96 -46.64 -38.20
C MET C 2 1.02 -47.65 -37.05
N LEU C 3 0.68 -48.92 -37.33
CA LEU C 3 0.50 -49.98 -36.29
C LEU C 3 1.85 -50.30 -35.64
N THR C 4 2.90 -50.54 -36.44
CA THR C 4 4.23 -51.00 -35.95
C THR C 4 4.83 -49.95 -35.01
N GLU C 5 4.66 -48.65 -35.30
CA GLU C 5 5.20 -47.55 -34.46
C GLU C 5 4.31 -47.37 -33.21
N LEU C 6 3.02 -47.73 -33.30
CA LEU C 6 2.12 -47.77 -32.11
C LEU C 6 2.55 -48.90 -31.19
N ILE C 7 2.80 -50.09 -31.74
CA ILE C 7 3.35 -51.28 -31.01
C ILE C 7 4.66 -50.87 -30.33
N ALA C 8 5.47 -50.05 -31.02
CA ALA C 8 6.81 -49.59 -30.57
C ALA C 8 6.72 -48.28 -29.78
N SER C 9 5.55 -47.96 -29.20
CA SER C 9 5.31 -46.72 -28.40
C SER C 9 6.23 -46.70 -27.16
N ASN C 10 6.52 -47.87 -26.58
CA ASN C 10 7.38 -48.01 -25.38
C ASN C 10 8.78 -47.47 -25.65
N ARG C 11 9.25 -47.49 -26.91
CA ARG C 11 10.60 -47.02 -27.30
C ARG C 11 10.72 -45.52 -27.02
N ARG C 12 9.64 -44.76 -27.18
CA ARG C 12 9.58 -43.30 -26.91
C ARG C 12 9.83 -43.04 -25.42
N SER C 13 9.15 -43.81 -24.55
CA SER C 13 9.27 -43.71 -23.07
C SER C 13 10.69 -44.08 -22.62
N ALA C 14 11.20 -45.20 -23.14
CA ALA C 14 12.54 -45.77 -22.81
C ALA C 14 13.65 -44.79 -23.25
N ALA C 15 13.49 -44.17 -24.43
CA ALA C 15 14.43 -43.17 -24.98
C ALA C 15 14.50 -41.96 -24.05
N ILE C 16 13.35 -41.43 -23.64
CA ILE C 16 13.23 -40.27 -22.71
C ILE C 16 13.82 -40.66 -21.35
N HIS C 17 13.54 -41.88 -20.88
CA HIS C 17 14.05 -42.40 -19.58
C HIS C 17 15.59 -42.39 -19.58
N ALA C 18 16.21 -42.98 -20.60
CA ALA C 18 17.69 -43.06 -20.78
C ALA C 18 18.29 -41.65 -20.77
N PHE C 19 17.62 -40.69 -21.44
CA PHE C 19 18.06 -39.28 -21.55
C PHE C 19 18.01 -38.60 -20.18
N VAL C 20 16.94 -38.83 -19.40
CA VAL C 20 16.66 -38.11 -18.12
C VAL C 20 17.33 -38.86 -16.95
N ASP C 21 17.18 -40.18 -16.87
CA ASP C 21 17.60 -41.00 -15.70
C ASP C 21 19.13 -40.94 -15.53
N THR C 22 19.88 -40.87 -16.65
CA THR C 22 21.37 -40.81 -16.66
C THR C 22 21.85 -39.43 -16.18
N GLY C 23 20.98 -38.41 -16.26
CA GLY C 23 21.30 -37.02 -15.87
C GLY C 23 21.79 -36.20 -17.05
N LEU C 24 21.86 -36.79 -18.25
CA LEU C 24 22.35 -36.13 -19.49
C LEU C 24 21.46 -34.92 -19.84
N SER C 25 20.17 -34.97 -19.46
CA SER C 25 19.17 -33.91 -19.73
C SER C 25 19.48 -32.65 -18.91
N THR C 26 20.22 -32.77 -17.80
CA THR C 26 20.56 -31.64 -16.88
C THR C 26 21.64 -30.74 -17.50
N HIS C 27 22.28 -31.17 -18.59
CA HIS C 27 23.27 -30.37 -19.36
C HIS C 27 22.57 -29.42 -20.34
N PHE C 28 21.23 -29.51 -20.45
CA PHE C 28 20.40 -28.75 -21.41
C PHE C 28 19.58 -27.67 -20.68
N LYS C 29 20.17 -27.07 -19.63
CA LYS C 29 19.52 -26.03 -18.78
C LYS C 29 19.36 -24.72 -19.57
N ASP C 30 18.29 -23.98 -19.30
CA ASP C 30 18.05 -22.58 -19.76
C ASP C 30 17.97 -22.52 -21.30
N GLY C 31 17.52 -23.61 -21.93
CA GLY C 31 17.30 -23.69 -23.39
C GLY C 31 18.56 -23.48 -24.21
N ILE C 32 19.74 -23.80 -23.67
CA ILE C 32 21.05 -23.69 -24.39
C ILE C 32 21.15 -24.84 -25.40
N TYR C 33 21.86 -24.61 -26.50
CA TYR C 33 22.20 -25.63 -27.53
C TYR C 33 23.47 -26.36 -27.09
N VAL C 34 23.41 -27.70 -27.07
CA VAL C 34 24.51 -28.59 -26.60
C VAL C 34 25.19 -29.21 -27.82
N ASP C 35 26.51 -29.01 -27.93
CA ASP C 35 27.39 -29.73 -28.88
C ASP C 35 27.63 -31.12 -28.30
N ILE C 36 27.24 -32.18 -29.03
CA ILE C 36 27.28 -33.59 -28.53
C ILE C 36 28.74 -34.06 -28.47
N SER C 37 29.60 -33.61 -29.39
CA SER C 37 31.07 -33.87 -29.36
C SER C 37 31.65 -33.33 -28.06
N GLU C 38 31.26 -32.11 -27.66
CA GLU C 38 31.72 -31.43 -26.42
C GLU C 38 31.15 -32.17 -25.20
N LEU C 39 29.87 -32.56 -25.25
CA LEU C 39 29.16 -33.28 -24.15
C LEU C 39 29.82 -34.65 -23.95
N SER C 40 30.14 -35.35 -25.05
CA SER C 40 30.83 -36.66 -25.06
C SER C 40 32.18 -36.54 -24.33
N ARG C 41 32.93 -35.48 -24.59
CA ARG C 41 34.27 -35.21 -23.98
C ARG C 41 34.10 -34.94 -22.48
N LYS C 42 33.13 -34.12 -22.09
CA LYS C 42 32.90 -33.67 -20.69
C LYS C 42 32.37 -34.82 -19.84
N SER C 43 31.27 -35.45 -20.26
CA SER C 43 30.47 -36.43 -19.46
C SER C 43 31.01 -37.86 -19.65
N GLY C 44 31.64 -38.15 -20.80
CA GLY C 44 32.13 -39.49 -21.15
C GLY C 44 31.05 -40.36 -21.79
N VAL C 45 29.92 -39.77 -22.18
CA VAL C 45 28.84 -40.46 -22.94
C VAL C 45 29.36 -40.72 -24.37
N ASN C 46 28.97 -41.85 -24.96
CA ASN C 46 29.37 -42.24 -26.34
C ASN C 46 28.76 -41.25 -27.33
N TYR C 47 29.59 -40.69 -28.22
CA TYR C 47 29.19 -39.62 -29.17
C TYR C 47 28.16 -40.15 -30.18
N ALA C 48 28.55 -41.15 -30.97
CA ALA C 48 27.78 -41.67 -32.12
C ALA C 48 26.43 -42.22 -31.66
N ARG C 49 26.41 -42.91 -30.51
CA ARG C 49 25.22 -43.65 -30.00
C ARG C 49 24.24 -42.66 -29.33
N PHE C 50 24.74 -41.64 -28.63
CA PHE C 50 23.89 -40.59 -28.00
C PHE C 50 23.37 -39.63 -29.07
N SER C 51 24.19 -39.33 -30.09
CA SER C 51 23.79 -38.53 -31.29
C SER C 51 22.56 -39.17 -31.93
N ARG C 52 22.54 -40.49 -32.06
CA ARG C 52 21.43 -41.28 -32.65
C ARG C 52 20.19 -41.20 -31.74
N LEU C 53 20.39 -41.19 -30.42
CA LEU C 53 19.30 -41.03 -29.42
C LEU C 53 18.70 -39.62 -29.55
N CYS C 54 19.56 -38.60 -29.69
CA CYS C 54 19.15 -37.18 -29.87
C CYS C 54 18.30 -37.03 -31.13
N ASP C 55 18.68 -37.71 -32.22
CA ASP C 55 17.92 -37.70 -33.51
C ASP C 55 16.51 -38.22 -33.26
N PHE C 56 16.36 -39.27 -32.44
CA PHE C 56 15.06 -39.88 -32.08
C PHE C 56 14.27 -38.93 -31.17
N LEU C 57 14.96 -38.22 -30.26
CA LEU C 57 14.35 -37.22 -29.34
C LEU C 57 13.86 -36.00 -30.13
N VAL C 58 14.52 -35.66 -31.25
CA VAL C 58 14.09 -34.56 -32.16
C VAL C 58 12.79 -34.98 -32.86
N GLU C 59 12.73 -36.22 -33.37
CA GLU C 59 11.54 -36.84 -34.00
C GLU C 59 10.36 -36.76 -33.03
N MET C 60 10.58 -37.01 -31.74
CA MET C 60 9.56 -37.00 -30.66
C MET C 60 9.14 -35.56 -30.33
N GLY C 61 10.02 -34.58 -30.57
CA GLY C 61 9.79 -33.16 -30.26
C GLY C 61 10.33 -32.77 -28.89
N VAL C 62 11.14 -33.64 -28.27
CA VAL C 62 11.79 -33.39 -26.95
C VAL C 62 12.96 -32.42 -27.15
N LEU C 63 13.79 -32.68 -28.17
CA LEU C 63 14.93 -31.81 -28.57
C LEU C 63 14.60 -31.07 -29.86
N VAL C 64 15.21 -29.90 -30.05
CA VAL C 64 15.19 -29.11 -31.32
C VAL C 64 16.62 -29.11 -31.87
N SER C 65 16.78 -29.42 -33.17
CA SER C 65 18.08 -29.55 -33.87
C SER C 65 18.36 -28.29 -34.69
N ASN C 66 19.52 -27.65 -34.45
CA ASN C 66 20.00 -26.47 -35.22
C ASN C 66 21.52 -26.37 -35.09
N ASP C 67 22.21 -26.15 -36.23
CA ASP C 67 23.68 -25.88 -36.29
C ASP C 67 24.45 -27.07 -35.72
N ASN C 68 23.98 -28.30 -36.01
CA ASN C 68 24.59 -29.58 -35.55
C ASN C 68 24.66 -29.61 -34.02
N LYS C 69 23.70 -28.97 -33.34
CA LYS C 69 23.57 -28.94 -31.85
C LYS C 69 22.12 -29.27 -31.49
N PHE C 70 21.85 -29.51 -30.21
CA PHE C 70 20.53 -29.91 -29.67
C PHE C 70 20.23 -29.11 -28.41
N ARG C 71 19.02 -28.53 -28.34
CA ARG C 71 18.44 -27.93 -27.12
C ARG C 71 17.13 -28.65 -26.80
N LEU C 72 16.69 -28.58 -25.54
CA LEU C 72 15.33 -29.02 -25.14
C LEU C 72 14.31 -28.07 -25.77
N SER C 73 13.16 -28.61 -26.21
CA SER C 73 11.96 -27.84 -26.60
C SER C 73 11.50 -26.99 -25.41
N ASP C 74 10.80 -25.89 -25.67
CA ASP C 74 10.20 -25.01 -24.63
C ASP C 74 9.37 -25.89 -23.68
N GLU C 75 8.53 -26.77 -24.24
CA GLU C 75 7.62 -27.68 -23.50
C GLU C 75 8.44 -28.62 -22.59
N CYS C 76 9.57 -29.12 -23.08
CA CYS C 76 10.38 -30.19 -22.42
C CYS C 76 11.56 -29.60 -21.63
N HIS C 77 11.52 -28.30 -21.29
CA HIS C 77 12.54 -27.61 -20.46
C HIS C 77 12.61 -28.26 -19.07
N VAL C 78 11.50 -28.85 -18.61
CA VAL C 78 11.34 -29.52 -17.29
C VAL C 78 12.38 -30.63 -17.11
N PHE C 79 12.78 -31.31 -18.20
CA PHE C 79 13.73 -32.46 -18.15
C PHE C 79 15.13 -32.01 -17.74
N ALA C 80 15.45 -30.71 -17.86
CA ALA C 80 16.72 -30.11 -17.41
C ALA C 80 16.78 -30.06 -15.87
N ASN C 81 15.61 -30.01 -15.23
CA ASN C 81 15.45 -30.00 -13.75
C ASN C 81 15.17 -31.42 -13.27
N PRO C 82 16.08 -32.07 -12.52
CA PRO C 82 15.85 -33.43 -12.04
C PRO C 82 14.82 -33.49 -10.90
N GLU C 83 14.48 -32.34 -10.31
CA GLU C 83 13.50 -32.20 -9.20
C GLU C 83 12.09 -31.92 -9.76
N SER C 84 11.93 -31.85 -11.08
CA SER C 84 10.63 -31.56 -11.75
C SER C 84 9.72 -32.78 -11.66
N PHE C 85 8.40 -32.54 -11.73
CA PHE C 85 7.33 -33.57 -11.69
C PHE C 85 7.54 -34.57 -12.84
N GLU C 86 7.90 -34.08 -14.04
CA GLU C 86 8.04 -34.90 -15.28
C GLU C 86 9.25 -35.83 -15.15
N SER C 87 10.31 -35.39 -14.46
CA SER C 87 11.55 -36.17 -14.20
C SER C 87 11.21 -37.39 -13.34
N PHE C 88 10.48 -37.20 -12.24
CA PHE C 88 10.02 -38.28 -11.33
C PHE C 88 9.03 -39.20 -12.05
N MET C 89 8.21 -38.63 -12.95
CA MET C 89 7.17 -39.37 -13.71
C MET C 89 7.84 -40.48 -14.54
N ILE C 90 8.80 -40.12 -15.40
CA ILE C 90 9.44 -41.08 -16.36
C ILE C 90 10.26 -42.12 -15.58
N LYS C 91 10.88 -41.73 -14.47
CA LYS C 91 11.72 -42.62 -13.63
C LYS C 91 10.87 -43.78 -13.08
N LEU C 92 9.60 -43.51 -12.73
CA LEU C 92 8.63 -44.53 -12.26
C LEU C 92 8.00 -45.24 -13.46
N GLU C 93 7.70 -44.49 -14.53
CA GLU C 93 6.84 -44.93 -15.67
C GLU C 93 7.31 -46.29 -16.20
N ILE C 94 8.62 -46.47 -16.46
CA ILE C 94 9.15 -47.72 -17.08
C ILE C 94 10.19 -48.39 -16.16
N CYS C 95 10.15 -48.14 -14.84
CA CYS C 95 10.96 -48.90 -13.85
C CYS C 95 10.50 -50.36 -13.86
N SER C 96 11.39 -51.29 -13.46
CA SER C 96 11.17 -52.76 -13.54
C SER C 96 9.88 -53.15 -12.81
N HIS C 97 9.56 -52.51 -11.69
CA HIS C 97 8.36 -52.78 -10.85
C HIS C 97 7.08 -52.50 -11.66
N TYR C 98 7.02 -51.35 -12.32
CA TYR C 98 5.89 -50.95 -13.21
C TYR C 98 5.80 -51.91 -14.40
N SER C 99 6.94 -52.16 -15.06
CA SER C 99 7.07 -53.07 -16.23
C SER C 99 6.48 -54.44 -15.91
N ASN C 100 6.85 -55.01 -14.76
CA ASN C 100 6.41 -56.36 -14.31
C ASN C 100 4.92 -56.32 -13.96
N ALA C 101 4.44 -55.18 -13.44
CA ALA C 101 3.01 -54.93 -13.15
C ALA C 101 2.21 -54.95 -14.46
N TRP C 102 2.72 -54.29 -15.51
CA TRP C 102 2.11 -54.24 -16.86
C TRP C 102 2.09 -55.64 -17.49
N LEU C 103 3.08 -56.48 -17.20
CA LEU C 103 3.20 -57.87 -17.75
C LEU C 103 2.18 -58.79 -17.09
N MET C 104 1.64 -58.43 -15.91
CA MET C 104 0.58 -59.20 -15.21
C MET C 104 -0.80 -58.57 -15.47
N TYR C 105 -0.86 -57.43 -16.17
CA TYR C 105 -2.11 -56.67 -16.44
C TYR C 105 -3.11 -57.57 -17.18
N GLY C 106 -2.67 -58.15 -18.30
CA GLY C 106 -3.49 -59.09 -19.11
C GLY C 106 -4.06 -60.20 -18.26
N LYS C 107 -3.23 -60.82 -17.42
CA LYS C 107 -3.60 -61.99 -16.58
C LYS C 107 -4.55 -61.54 -15.46
N SER C 108 -4.38 -60.31 -14.95
CA SER C 108 -5.19 -59.74 -13.83
C SER C 108 -6.66 -59.58 -14.24
N LEU C 109 -6.95 -59.48 -15.55
CA LEU C 109 -8.32 -59.28 -16.08
C LEU C 109 -9.16 -60.55 -15.93
N PHE C 110 -8.54 -61.71 -15.68
CA PHE C 110 -9.23 -63.02 -15.55
C PHE C 110 -9.32 -63.45 -14.08
N GLU C 111 -8.88 -62.60 -13.15
CA GLU C 111 -8.93 -62.84 -11.68
C GLU C 111 -10.01 -61.95 -11.06
N ASP C 112 -10.77 -62.49 -10.09
CA ASP C 112 -11.83 -61.78 -9.34
C ASP C 112 -11.49 -61.85 -7.84
N ASP C 113 -10.21 -61.65 -7.50
CA ASP C 113 -9.64 -61.88 -6.14
C ASP C 113 -9.33 -60.53 -5.46
N GLY C 114 -9.52 -59.41 -6.16
CA GLY C 114 -9.21 -58.07 -5.65
C GLY C 114 -7.71 -57.80 -5.60
N LYS C 115 -6.91 -58.54 -6.39
CA LYS C 115 -5.44 -58.37 -6.52
C LYS C 115 -5.14 -57.56 -7.79
N SER C 116 -4.51 -56.40 -7.63
CA SER C 116 -3.99 -55.56 -8.75
C SER C 116 -2.87 -56.33 -9.47
N ALA C 117 -2.63 -55.98 -10.73
CA ALA C 117 -1.51 -56.50 -11.55
C ALA C 117 -0.19 -56.30 -10.81
N PHE C 118 -0.03 -55.15 -10.14
CA PHE C 118 1.15 -54.81 -9.30
C PHE C 118 1.32 -55.85 -8.18
N GLU C 119 0.22 -56.23 -7.51
CA GLU C 119 0.23 -57.19 -6.39
C GLU C 119 0.56 -58.59 -6.90
N MET C 120 0.05 -58.97 -8.07
CA MET C 120 0.31 -60.28 -8.72
C MET C 120 1.79 -60.39 -9.11
N ALA C 121 2.40 -59.26 -9.48
CA ALA C 121 3.82 -59.16 -9.89
C ALA C 121 4.73 -59.20 -8.65
N HIS C 122 4.36 -58.49 -7.57
CA HIS C 122 5.27 -58.11 -6.45
C HIS C 122 4.83 -58.66 -5.09
N GLY C 123 3.65 -59.28 -4.98
CA GLY C 123 3.23 -60.04 -3.79
C GLY C 123 2.47 -59.22 -2.76
N ARG C 124 2.50 -57.88 -2.87
CA ARG C 124 1.78 -56.95 -1.95
C ARG C 124 1.08 -55.86 -2.76
N PRO C 125 -0.02 -55.26 -2.24
CA PRO C 125 -0.61 -54.08 -2.88
C PRO C 125 0.35 -52.88 -2.80
N PHE C 126 0.14 -51.89 -3.68
CA PHE C 126 1.12 -50.82 -4.02
C PHE C 126 1.74 -50.20 -2.77
N PHE C 127 0.92 -49.56 -1.92
CA PHE C 127 1.38 -48.71 -0.77
C PHE C 127 2.04 -49.59 0.31
N GLU C 128 1.56 -50.83 0.48
CA GLU C 128 2.16 -51.81 1.41
C GLU C 128 3.57 -52.17 0.91
N TYR C 129 3.75 -52.33 -0.40
CA TYR C 129 5.04 -52.70 -1.04
C TYR C 129 6.04 -51.54 -0.91
N LEU C 130 5.55 -50.29 -1.04
CA LEU C 130 6.37 -49.05 -0.99
C LEU C 130 7.04 -48.91 0.40
N ASP C 131 6.43 -49.48 1.45
CA ASP C 131 6.98 -49.49 2.83
C ASP C 131 8.33 -50.23 2.88
N GLY C 132 8.53 -51.21 2.00
CA GLY C 132 9.75 -52.05 1.96
C GLY C 132 10.65 -51.77 0.76
N ASN C 133 10.36 -50.70 -0.01
CA ASN C 133 11.14 -50.33 -1.22
C ASN C 133 11.35 -48.80 -1.22
N LYS C 134 12.59 -48.36 -0.98
CA LYS C 134 12.96 -46.92 -0.84
C LYS C 134 12.91 -46.24 -2.21
N PHE C 135 13.30 -46.92 -3.30
CA PHE C 135 13.31 -46.37 -4.67
C PHE C 135 11.89 -45.93 -5.05
N LEU C 136 10.92 -46.86 -4.97
CA LEU C 136 9.50 -46.62 -5.37
C LEU C 136 8.89 -45.54 -4.48
N LYS C 137 9.07 -45.64 -3.15
CA LYS C 137 8.41 -44.73 -2.18
C LYS C 137 8.92 -43.30 -2.36
N SER C 138 10.24 -43.10 -2.37
CA SER C 138 10.90 -41.76 -2.45
C SER C 138 10.52 -41.07 -3.76
N ASN C 139 10.46 -41.82 -4.87
CA ASN C 139 10.13 -41.28 -6.21
C ASN C 139 8.62 -40.98 -6.30
N PHE C 140 7.77 -41.83 -5.71
CA PHE C 140 6.30 -41.65 -5.71
C PHE C 140 5.93 -40.44 -4.82
N ASP C 141 6.45 -40.41 -3.59
CA ASP C 141 6.19 -39.32 -2.61
C ASP C 141 6.69 -37.99 -3.16
N ALA C 142 7.85 -38.01 -3.85
CA ALA C 142 8.42 -36.82 -4.54
C ALA C 142 7.50 -36.40 -5.68
N LEU C 143 7.03 -37.34 -6.50
CA LEU C 143 6.10 -37.07 -7.63
C LEU C 143 4.83 -36.41 -7.12
N MET C 144 4.24 -36.94 -6.03
CA MET C 144 3.00 -36.41 -5.40
C MET C 144 3.29 -35.03 -4.79
N THR C 145 4.48 -34.84 -4.22
CA THR C 145 4.96 -33.56 -3.61
C THR C 145 5.00 -32.46 -4.68
N ARG C 146 5.56 -32.74 -5.85
CA ARG C 146 5.77 -31.74 -6.93
C ARG C 146 4.41 -31.28 -7.46
N VAL C 147 3.52 -32.22 -7.82
CA VAL C 147 2.17 -31.90 -8.40
C VAL C 147 1.32 -31.20 -7.34
N SER C 148 1.51 -31.54 -6.05
CA SER C 148 0.88 -30.84 -4.90
C SER C 148 1.35 -29.38 -4.87
N ASN C 149 2.65 -29.15 -5.03
CA ASN C 149 3.30 -27.81 -5.01
C ASN C 149 2.74 -26.94 -6.14
N LEU C 150 2.44 -27.54 -7.30
CA LEU C 150 2.01 -26.82 -8.53
C LEU C 150 0.55 -26.35 -8.38
N ILE C 151 -0.31 -27.09 -7.68
CA ILE C 151 -1.78 -26.83 -7.62
C ILE C 151 -2.13 -25.86 -6.48
N VAL C 152 -1.19 -25.59 -5.56
CA VAL C 152 -1.46 -24.77 -4.33
C VAL C 152 -2.03 -23.40 -4.73
N GLU C 153 -1.37 -22.70 -5.66
CA GLU C 153 -1.75 -21.32 -6.09
C GLU C 153 -3.17 -21.32 -6.68
N LYS C 154 -3.56 -22.41 -7.32
CA LYS C 154 -4.90 -22.56 -7.97
C LYS C 154 -5.96 -22.75 -6.89
N LEU C 155 -5.68 -23.58 -5.87
CA LEU C 155 -6.58 -23.84 -4.71
C LEU C 155 -6.84 -22.53 -3.95
N LEU C 156 -5.77 -21.83 -3.56
CA LEU C 156 -5.83 -20.58 -2.74
C LEU C 156 -6.68 -19.52 -3.46
N GLY C 157 -6.66 -19.51 -4.79
CA GLY C 157 -7.41 -18.54 -5.62
C GLY C 157 -8.92 -18.77 -5.58
N ILE C 158 -9.37 -20.03 -5.62
CA ILE C 158 -10.80 -20.40 -5.84
C ILE C 158 -11.48 -20.82 -4.53
N TYR C 159 -10.78 -20.79 -3.38
CA TYR C 159 -11.36 -21.12 -2.06
C TYR C 159 -10.72 -20.28 -0.96
N ASP C 160 -11.54 -19.85 0.01
CA ASP C 160 -11.13 -19.07 1.21
C ASP C 160 -10.82 -20.03 2.35
N PHE C 161 -9.53 -20.23 2.66
CA PHE C 161 -9.03 -21.06 3.77
C PHE C 161 -8.97 -20.24 5.07
N ASN C 162 -9.08 -18.91 4.96
CA ASN C 162 -8.99 -17.95 6.09
C ASN C 162 -10.19 -18.12 7.03
N GLN C 163 -11.34 -18.55 6.51
CA GLN C 163 -12.59 -18.73 7.28
C GLN C 163 -12.42 -19.87 8.30
N HIS C 164 -11.64 -20.90 7.94
CA HIS C 164 -11.45 -22.14 8.75
C HIS C 164 -10.42 -21.91 9.86
N ASN C 165 -10.27 -22.90 10.76
CA ASN C 165 -9.40 -22.84 11.97
C ASN C 165 -8.49 -24.06 12.00
N ARG C 166 -9.07 -25.27 12.01
CA ARG C 166 -8.35 -26.57 12.10
C ARG C 166 -8.49 -27.32 10.77
N ILE C 167 -7.36 -27.63 10.12
CA ILE C 167 -7.31 -28.22 8.75
C ILE C 167 -6.54 -29.55 8.82
N LEU C 168 -7.18 -30.63 8.35
CA LEU C 168 -6.56 -31.98 8.23
C LEU C 168 -6.52 -32.40 6.75
N ASP C 169 -5.33 -32.66 6.23
CA ASP C 169 -5.11 -33.26 4.88
C ASP C 169 -4.98 -34.78 5.04
N VAL C 170 -6.02 -35.51 4.66
CA VAL C 170 -6.10 -37.00 4.79
C VAL C 170 -5.40 -37.63 3.58
N GLY C 171 -4.41 -38.48 3.82
CA GLY C 171 -3.53 -39.06 2.78
C GLY C 171 -2.70 -37.99 2.09
N GLY C 172 -2.10 -37.10 2.88
CA GLY C 172 -1.38 -35.90 2.41
C GLY C 172 0.08 -36.19 2.05
N GLY C 173 0.53 -37.43 2.18
CA GLY C 173 1.89 -37.87 1.83
C GLY C 173 2.93 -37.18 2.70
N GLU C 174 3.90 -36.51 2.08
CA GLU C 174 4.96 -35.73 2.77
C GLU C 174 4.36 -34.45 3.37
N GLY C 175 3.14 -34.09 2.98
CA GLY C 175 2.35 -32.99 3.57
C GLY C 175 2.69 -31.65 2.94
N GLU C 176 3.09 -31.65 1.66
CA GLU C 176 3.54 -30.46 0.91
C GLU C 176 2.38 -29.47 0.75
N LEU C 177 1.15 -29.98 0.58
CA LEU C 177 -0.07 -29.17 0.30
C LEU C 177 -0.30 -28.16 1.44
N LEU C 178 -0.26 -28.61 2.70
CA LEU C 178 -0.56 -27.78 3.89
C LEU C 178 0.66 -26.97 4.32
N VAL C 179 1.88 -27.40 3.94
CA VAL C 179 3.14 -26.65 4.22
C VAL C 179 3.08 -25.30 3.48
N ARG C 180 2.61 -25.30 2.23
CA ARG C 180 2.55 -24.09 1.36
C ARG C 180 1.31 -23.25 1.70
N ILE C 181 0.20 -23.88 2.10
CA ILE C 181 -1.03 -23.18 2.55
C ILE C 181 -0.74 -22.48 3.89
N SER C 182 0.02 -23.13 4.78
CA SER C 182 0.37 -22.62 6.14
C SER C 182 1.27 -21.38 6.06
N GLU C 183 2.05 -21.24 4.98
CA GLU C 183 2.89 -20.04 4.71
C GLU C 183 1.99 -18.82 4.48
N LYS C 184 1.00 -18.96 3.61
CA LYS C 184 0.09 -17.86 3.17
C LYS C 184 -1.00 -17.62 4.24
N VAL C 185 -1.65 -18.71 4.68
CA VAL C 185 -2.77 -18.67 5.67
C VAL C 185 -2.16 -18.89 7.06
N LYS C 186 -1.86 -17.80 7.77
CA LYS C 186 -1.00 -17.79 8.98
C LYS C 186 -1.85 -18.00 10.25
N GLY C 187 -1.24 -18.60 11.28
CA GLY C 187 -1.79 -18.69 12.65
C GLY C 187 -3.02 -19.58 12.73
N LYS C 188 -2.92 -20.81 12.22
CA LYS C 188 -3.99 -21.84 12.24
C LYS C 188 -3.37 -23.20 12.50
N HIS C 189 -4.16 -24.18 12.94
CA HIS C 189 -3.70 -25.57 13.21
C HIS C 189 -3.79 -26.40 11.92
N TYR C 190 -2.67 -26.97 11.50
CA TYR C 190 -2.53 -27.87 10.32
C TYR C 190 -2.06 -29.24 10.77
N ALA C 191 -2.72 -30.29 10.28
CA ALA C 191 -2.36 -31.71 10.51
C ALA C 191 -2.41 -32.46 9.18
N VAL C 192 -1.51 -33.42 8.98
CA VAL C 192 -1.49 -34.33 7.80
C VAL C 192 -1.58 -35.77 8.30
N LEU C 193 -2.55 -36.53 7.80
CA LEU C 193 -2.76 -37.97 8.13
C LEU C 193 -2.28 -38.82 6.96
N ASP C 194 -1.42 -39.80 7.24
CA ASP C 194 -0.94 -40.80 6.26
C ASP C 194 -0.38 -42.01 7.03
N ARG C 195 0.14 -43.00 6.31
CA ARG C 195 0.81 -44.20 6.88
C ARG C 195 2.30 -43.88 7.01
N TYR C 196 2.77 -43.60 8.24
CA TYR C 196 4.16 -43.21 8.56
C TYR C 196 4.82 -44.28 9.43
N SER C 197 5.94 -44.84 8.96
CA SER C 197 6.88 -45.67 9.76
C SER C 197 7.51 -44.78 10.85
N GLU C 198 8.15 -43.70 10.42
CA GLU C 198 8.62 -42.58 11.27
C GLU C 198 7.87 -41.31 10.83
N LEU C 199 7.39 -40.50 11.79
CA LEU C 199 6.61 -39.26 11.51
C LEU C 199 7.53 -38.22 10.87
N PRO C 200 7.15 -37.63 9.72
CA PRO C 200 7.82 -36.44 9.20
C PRO C 200 7.77 -35.28 10.20
N VAL C 201 8.71 -34.34 10.10
CA VAL C 201 8.79 -33.14 10.98
C VAL C 201 8.83 -31.89 10.09
N SER C 202 8.02 -30.88 10.43
CA SER C 202 7.92 -29.57 9.74
C SER C 202 7.42 -28.51 10.73
N ASP C 203 7.65 -27.24 10.43
CA ASP C 203 7.23 -26.09 11.29
C ASP C 203 5.70 -25.99 11.27
N ASN C 204 5.08 -26.09 12.45
CA ASN C 204 3.61 -25.99 12.70
C ASN C 204 2.82 -26.87 11.73
N ILE C 205 3.24 -28.12 11.55
CA ILE C 205 2.45 -29.22 10.93
C ILE C 205 2.41 -30.39 11.93
N ASP C 206 1.21 -30.87 12.26
CA ASP C 206 1.00 -32.04 13.15
C ASP C 206 0.82 -33.30 12.30
N PHE C 207 1.89 -34.09 12.12
CA PHE C 207 1.89 -35.34 11.32
C PHE C 207 1.29 -36.48 12.15
N ILE C 208 0.19 -37.06 11.66
CA ILE C 208 -0.57 -38.16 12.34
C ILE C 208 -0.35 -39.45 11.55
N ASN C 209 0.08 -40.51 12.23
CA ASN C 209 0.09 -41.89 11.68
C ASN C 209 -1.32 -42.47 11.86
N GLY C 210 -2.02 -42.75 10.75
CA GLY C 210 -3.43 -43.20 10.76
C GLY C 210 -3.75 -44.13 9.60
N ASN C 211 -5.04 -44.36 9.38
CA ASN C 211 -5.59 -45.31 8.35
C ASN C 211 -7.02 -44.88 8.03
N PHE C 212 -7.23 -44.24 6.87
CA PHE C 212 -8.53 -43.62 6.49
C PHE C 212 -9.57 -44.70 6.13
N LEU C 213 -9.14 -45.94 5.89
CA LEU C 213 -10.05 -47.11 5.69
C LEU C 213 -10.70 -47.46 7.04
N ASN C 214 -10.00 -47.21 8.15
CA ASN C 214 -10.43 -47.59 9.52
C ASN C 214 -11.23 -46.44 10.14
N SER C 215 -10.64 -45.25 10.26
CA SER C 215 -11.27 -44.05 10.88
C SER C 215 -10.56 -42.76 10.44
N ILE C 216 -11.31 -41.65 10.45
CA ILE C 216 -10.81 -40.25 10.28
C ILE C 216 -10.97 -39.56 11.62
N PRO C 217 -9.94 -38.87 12.16
CA PRO C 217 -10.09 -38.17 13.45
C PRO C 217 -11.01 -36.95 13.35
N SER C 218 -11.91 -36.81 14.32
CA SER C 218 -12.89 -35.69 14.43
C SER C 218 -12.20 -34.46 15.03
N GLY C 219 -12.88 -33.30 15.02
CA GLY C 219 -12.42 -32.05 15.64
C GLY C 219 -11.67 -31.15 14.67
N TYR C 220 -11.97 -31.26 13.37
CA TYR C 220 -11.48 -30.37 12.29
C TYR C 220 -12.67 -29.85 11.50
N ASP C 221 -12.71 -28.54 11.23
CA ASP C 221 -13.79 -27.86 10.49
C ASP C 221 -13.49 -27.87 8.98
N LEU C 222 -12.27 -28.24 8.59
CA LEU C 222 -11.86 -28.42 7.17
C LEU C 222 -11.08 -29.73 6.99
N TYR C 223 -11.54 -30.59 6.08
CA TYR C 223 -10.86 -31.83 5.64
C TYR C 223 -10.47 -31.69 4.16
N ILE C 224 -9.31 -32.21 3.79
CA ILE C 224 -8.80 -32.27 2.38
C ILE C 224 -8.48 -33.72 2.05
N LEU C 225 -8.91 -34.17 0.86
CA LEU C 225 -8.66 -35.54 0.33
C LEU C 225 -8.26 -35.40 -1.15
N LYS C 226 -6.99 -35.08 -1.40
CA LYS C 226 -6.46 -34.83 -2.77
C LYS C 226 -5.85 -36.11 -3.34
N ASN C 227 -6.29 -36.52 -4.53
CA ASN C 227 -5.71 -37.62 -5.33
C ASN C 227 -5.58 -38.88 -4.48
N VAL C 228 -6.67 -39.29 -3.83
CA VAL C 228 -6.78 -40.56 -3.05
C VAL C 228 -7.75 -41.51 -3.77
N LEU C 229 -8.99 -41.07 -3.98
CA LEU C 229 -10.14 -41.90 -4.44
C LEU C 229 -9.79 -42.70 -5.71
N HIS C 230 -8.98 -42.14 -6.63
CA HIS C 230 -8.62 -42.80 -7.90
C HIS C 230 -7.64 -43.97 -7.66
N ASN C 231 -7.18 -44.18 -6.41
CA ASN C 231 -6.35 -45.34 -6.00
C ASN C 231 -7.23 -46.48 -5.48
N TRP C 232 -8.57 -46.30 -5.40
CA TRP C 232 -9.49 -47.23 -4.69
C TRP C 232 -10.71 -47.58 -5.54
N SER C 233 -11.35 -48.70 -5.22
CA SER C 233 -12.64 -49.17 -5.78
C SER C 233 -13.78 -48.28 -5.28
N ASP C 234 -14.98 -48.45 -5.85
CA ASP C 234 -16.19 -47.65 -5.50
C ASP C 234 -16.56 -47.88 -4.04
N SER C 235 -16.57 -49.14 -3.58
CA SER C 235 -16.93 -49.54 -2.20
C SER C 235 -15.93 -48.96 -1.19
N ASP C 236 -14.63 -49.10 -1.47
CA ASP C 236 -13.53 -48.56 -0.63
C ASP C 236 -13.61 -47.03 -0.60
N SER C 237 -13.93 -46.40 -1.75
CA SER C 237 -14.13 -44.94 -1.89
C SER C 237 -15.31 -44.50 -1.00
N ILE C 238 -16.42 -45.24 -1.04
CA ILE C 238 -17.62 -45.01 -0.19
C ILE C 238 -17.23 -45.17 1.28
N LEU C 239 -16.47 -46.22 1.62
CA LEU C 239 -16.00 -46.49 3.00
C LEU C 239 -15.19 -45.30 3.53
N ILE C 240 -14.31 -44.73 2.71
CA ILE C 240 -13.45 -43.55 3.06
C ILE C 240 -14.36 -42.34 3.30
N LEU C 241 -15.28 -42.06 2.38
CA LEU C 241 -16.23 -40.91 2.46
C LEU C 241 -17.21 -41.11 3.63
N GLU C 242 -17.53 -42.36 3.97
CA GLU C 242 -18.40 -42.70 5.14
C GLU C 242 -17.65 -42.38 6.43
N ASN C 243 -16.35 -42.69 6.50
CA ASN C 243 -15.47 -42.41 7.67
C ASN C 243 -15.34 -40.91 7.87
N PHE C 244 -15.43 -40.11 6.80
CA PHE C 244 -15.43 -38.62 6.84
C PHE C 244 -16.72 -38.12 7.52
N ARG C 245 -17.88 -38.66 7.13
CA ARG C 245 -19.20 -38.28 7.69
C ARG C 245 -19.17 -38.46 9.21
N LYS C 246 -18.69 -39.60 9.69
CA LYS C 246 -18.63 -39.97 11.13
C LYS C 246 -17.81 -38.94 11.91
N ALA C 247 -16.73 -38.43 11.30
CA ALA C 247 -15.75 -37.51 11.94
C ALA C 247 -16.25 -36.05 11.88
N MET C 248 -17.08 -35.72 10.89
CA MET C 248 -17.52 -34.33 10.58
C MET C 248 -18.78 -33.98 11.39
N ASP C 249 -18.89 -32.72 11.83
CA ASP C 249 -20.11 -32.13 12.43
C ASP C 249 -20.83 -31.33 11.35
N LYS C 250 -21.85 -30.54 11.72
CA LYS C 250 -22.74 -29.80 10.79
C LYS C 250 -21.95 -28.69 10.08
N ASN C 251 -20.98 -28.07 10.75
CA ASN C 251 -20.23 -26.87 10.26
C ASN C 251 -18.93 -27.29 9.57
N SER C 252 -18.58 -28.58 9.57
CA SER C 252 -17.35 -29.13 8.95
C SER C 252 -17.50 -29.14 7.42
N SER C 253 -16.37 -29.13 6.70
CA SER C 253 -16.30 -29.18 5.21
C SER C 253 -15.19 -30.14 4.77
N LEU C 254 -15.43 -30.89 3.69
CA LEU C 254 -14.46 -31.82 3.06
C LEU C 254 -14.23 -31.39 1.60
N LEU C 255 -13.01 -30.95 1.28
CA LEU C 255 -12.58 -30.59 -0.10
C LEU C 255 -12.03 -31.85 -0.78
N LEU C 256 -12.86 -32.51 -1.59
CA LEU C 256 -12.46 -33.66 -2.45
C LEU C 256 -11.80 -33.09 -3.72
N ILE C 257 -10.46 -33.03 -3.71
CA ILE C 257 -9.61 -32.55 -4.84
C ILE C 257 -9.09 -33.78 -5.58
N ASN C 258 -9.36 -33.91 -6.88
CA ASN C 258 -8.95 -35.12 -7.65
C ASN C 258 -8.91 -34.81 -9.15
N MET C 259 -7.94 -35.42 -9.86
CA MET C 259 -7.93 -35.53 -11.33
C MET C 259 -9.29 -36.09 -11.76
N VAL C 260 -9.95 -35.46 -12.73
CA VAL C 260 -11.35 -35.79 -13.14
C VAL C 260 -11.34 -36.27 -14.60
N LYS C 261 -12.19 -37.25 -14.90
CA LYS C 261 -12.37 -37.84 -16.25
C LYS C 261 -13.13 -36.86 -17.15
N GLU C 262 -12.48 -36.36 -18.19
CA GLU C 262 -13.10 -35.57 -19.29
C GLU C 262 -12.89 -36.34 -20.59
N PRO C 263 -13.96 -36.60 -21.38
CA PRO C 263 -13.87 -37.38 -22.61
C PRO C 263 -12.69 -37.05 -23.55
N GLU C 264 -12.33 -35.77 -23.67
CA GLU C 264 -11.38 -35.25 -24.68
C GLU C 264 -9.93 -35.63 -24.32
N PHE C 265 -9.63 -35.90 -23.05
CA PHE C 265 -8.28 -36.27 -22.54
C PHE C 265 -8.10 -37.79 -22.62
N SER C 266 -6.86 -38.26 -22.46
CA SER C 266 -6.45 -39.68 -22.66
C SER C 266 -6.99 -40.57 -21.54
N ARG C 267 -7.23 -41.85 -21.86
CA ARG C 267 -7.71 -42.90 -20.93
C ARG C 267 -6.53 -43.66 -20.31
N SER C 268 -5.29 -43.35 -20.73
CA SER C 268 -4.06 -44.11 -20.36
C SER C 268 -3.88 -44.13 -18.84
N PHE C 269 -4.16 -43.01 -18.16
CA PHE C 269 -4.05 -42.86 -16.69
C PHE C 269 -5.06 -43.77 -15.98
N ASP C 270 -6.24 -43.97 -16.58
CA ASP C 270 -7.32 -44.86 -16.06
C ASP C 270 -6.78 -46.30 -16.03
N ILE C 271 -6.05 -46.71 -17.06
CA ILE C 271 -5.48 -48.08 -17.19
C ILE C 271 -4.33 -48.25 -16.20
N LEU C 272 -3.56 -47.19 -15.93
CA LEU C 272 -2.44 -47.21 -14.96
C LEU C 272 -3.01 -47.42 -13.54
N MET C 273 -4.07 -46.69 -13.18
CA MET C 273 -4.74 -46.79 -11.87
C MET C 273 -5.28 -48.22 -11.66
N ASP C 274 -5.80 -48.84 -12.72
CA ASP C 274 -6.26 -50.26 -12.70
C ASP C 274 -5.06 -51.18 -12.41
N VAL C 275 -3.94 -50.97 -13.12
CA VAL C 275 -2.71 -51.82 -13.03
C VAL C 275 -2.09 -51.68 -11.64
N LEU C 276 -1.92 -50.46 -11.13
CA LEU C 276 -1.17 -50.18 -9.88
C LEU C 276 -2.05 -50.43 -8.65
N PHE C 277 -3.34 -50.09 -8.71
CA PHE C 277 -4.21 -49.95 -7.50
C PHE C 277 -5.54 -50.72 -7.59
N LEU C 278 -5.94 -51.21 -8.77
CA LEU C 278 -7.34 -51.61 -9.09
C LEU C 278 -8.26 -50.40 -8.90
N GLY C 279 -7.73 -49.19 -9.08
CA GLY C 279 -8.48 -47.92 -9.01
C GLY C 279 -8.96 -47.52 -10.39
N LYS C 280 -9.46 -46.29 -10.53
CA LYS C 280 -9.98 -45.74 -11.82
C LYS C 280 -10.20 -44.24 -11.70
N GLU C 281 -10.15 -43.54 -12.84
CA GLU C 281 -10.60 -42.14 -12.97
C GLU C 281 -12.13 -42.12 -12.91
N ARG C 282 -12.71 -41.03 -12.40
CA ARG C 282 -14.18 -40.86 -12.27
C ARG C 282 -14.57 -39.45 -12.73
N SER C 283 -15.76 -39.32 -13.33
CA SER C 283 -16.40 -38.03 -13.67
C SER C 283 -16.88 -37.35 -12.39
N PHE C 284 -17.32 -36.10 -12.48
CA PHE C 284 -17.91 -35.33 -11.35
C PHE C 284 -19.14 -36.07 -10.81
N THR C 285 -20.04 -36.47 -11.72
CA THR C 285 -21.33 -37.15 -11.38
C THR C 285 -21.03 -38.47 -10.66
N GLU C 286 -20.00 -39.20 -11.07
CA GLU C 286 -19.56 -40.48 -10.44
C GLU C 286 -19.01 -40.18 -9.04
N PHE C 287 -18.27 -39.08 -8.86
CA PHE C 287 -17.74 -38.63 -7.55
C PHE C 287 -18.91 -38.22 -6.63
N GLU C 288 -19.89 -37.49 -7.18
CA GLU C 288 -21.09 -37.03 -6.44
C GLU C 288 -21.88 -38.25 -5.93
N TYR C 289 -22.01 -39.29 -6.77
CA TYR C 289 -22.77 -40.53 -6.46
C TYR C 289 -22.16 -41.23 -5.23
N LEU C 290 -20.83 -41.35 -5.19
CA LEU C 290 -20.09 -42.01 -4.07
C LEU C 290 -20.30 -41.19 -2.78
N ALA C 291 -20.26 -39.86 -2.89
CA ALA C 291 -20.49 -38.90 -1.77
C ALA C 291 -21.94 -39.02 -1.28
N ASN C 292 -22.90 -39.15 -2.20
CA ASN C 292 -24.34 -39.34 -1.90
C ASN C 292 -24.53 -40.64 -1.13
N GLN C 293 -23.96 -41.75 -1.62
CA GLN C 293 -24.03 -43.09 -0.99
C GLN C 293 -23.42 -43.06 0.42
N ALA C 294 -22.41 -42.22 0.64
CA ALA C 294 -21.67 -42.08 1.92
C ALA C 294 -22.41 -41.14 2.88
N GLY C 295 -23.46 -40.47 2.41
CA GLY C 295 -24.31 -39.56 3.23
C GLY C 295 -23.78 -38.14 3.23
N LEU C 296 -23.05 -37.73 2.18
CA LEU C 296 -22.50 -36.36 2.01
C LEU C 296 -23.21 -35.68 0.84
N VAL C 297 -23.28 -34.34 0.88
CA VAL C 297 -23.96 -33.49 -0.14
C VAL C 297 -22.94 -32.50 -0.72
N VAL C 298 -23.03 -32.23 -2.02
CA VAL C 298 -22.16 -31.27 -2.76
C VAL C 298 -22.71 -29.86 -2.54
N GLN C 299 -21.96 -29.01 -1.82
CA GLN C 299 -22.28 -27.58 -1.59
C GLN C 299 -21.73 -26.74 -2.75
N GLU C 300 -20.49 -27.02 -3.16
CA GLU C 300 -19.74 -26.23 -4.17
C GLU C 300 -18.95 -27.18 -5.08
N THR C 301 -19.05 -26.99 -6.40
CA THR C 301 -18.26 -27.72 -7.43
C THR C 301 -17.45 -26.69 -8.25
N LYS C 302 -16.23 -27.05 -8.65
CA LYS C 302 -15.34 -26.21 -9.49
C LYS C 302 -14.37 -27.11 -10.28
N VAL C 303 -13.90 -26.62 -11.43
CA VAL C 303 -12.91 -27.30 -12.31
C VAL C 303 -11.61 -26.49 -12.28
N ILE C 304 -10.54 -27.09 -11.75
CA ILE C 304 -9.15 -26.52 -11.74
C ILE C 304 -8.41 -27.08 -12.96
N ASP C 305 -7.71 -26.21 -13.70
CA ASP C 305 -6.91 -26.58 -14.91
C ASP C 305 -5.43 -26.65 -14.52
N GLN C 306 -4.84 -27.85 -14.59
CA GLN C 306 -3.37 -28.08 -14.58
C GLN C 306 -2.95 -28.53 -15.98
N SER C 307 -1.68 -28.31 -16.34
CA SER C 307 -1.11 -28.59 -17.68
C SER C 307 -1.41 -30.04 -18.11
N TYR C 308 -1.28 -31.00 -17.18
CA TYR C 308 -1.27 -32.46 -17.45
C TYR C 308 -2.68 -33.05 -17.42
N SER C 309 -3.60 -32.47 -16.64
CA SER C 309 -4.97 -33.01 -16.45
C SER C 309 -5.91 -31.96 -15.86
N PRO C 310 -7.21 -32.01 -16.19
CA PRO C 310 -8.23 -31.25 -15.45
C PRO C 310 -8.49 -31.86 -14.07
N TYR C 311 -8.83 -31.02 -13.09
CA TYR C 311 -9.11 -31.42 -11.69
C TYR C 311 -10.58 -31.12 -11.34
N SER C 312 -11.11 -31.85 -10.36
CA SER C 312 -12.43 -31.63 -9.72
C SER C 312 -12.19 -31.05 -8.32
N PHE C 313 -12.72 -29.85 -8.06
CA PHE C 313 -12.81 -29.23 -6.70
C PHE C 313 -14.26 -29.40 -6.20
N ILE C 314 -14.49 -30.38 -5.32
CA ILE C 314 -15.84 -30.72 -4.77
C ILE C 314 -15.82 -30.46 -3.26
N LYS C 315 -16.52 -29.40 -2.82
CA LYS C 315 -16.77 -29.10 -1.39
C LYS C 315 -17.95 -29.95 -0.90
N LEU C 316 -17.72 -30.80 0.11
CA LEU C 316 -18.72 -31.75 0.65
C LEU C 316 -19.06 -31.39 2.10
N GLN C 317 -20.33 -31.57 2.48
CA GLN C 317 -20.85 -31.39 3.86
C GLN C 317 -21.82 -32.55 4.16
N ILE C 318 -22.09 -32.79 5.45
CA ILE C 318 -23.02 -33.88 5.90
C ILE C 318 -24.45 -33.50 5.49
N LYS C 319 -25.28 -34.52 5.23
CA LYS C 319 -26.66 -34.36 4.70
C LYS C 319 -27.58 -33.77 5.77
N SER D 1 17.51 -12.72 -71.95
CA SER D 1 16.07 -13.00 -71.62
C SER D 1 15.64 -12.21 -70.39
N MET D 2 14.39 -11.74 -70.37
CA MET D 2 13.80 -11.00 -69.23
C MET D 2 13.46 -11.99 -68.10
N LEU D 3 13.12 -13.23 -68.44
CA LEU D 3 12.76 -14.29 -67.45
C LEU D 3 14.01 -14.76 -66.70
N THR D 4 15.09 -15.06 -67.42
CA THR D 4 16.36 -15.55 -66.83
C THR D 4 16.96 -14.47 -65.92
N GLU D 5 16.87 -13.20 -66.31
CA GLU D 5 17.38 -12.05 -65.51
C GLU D 5 16.43 -11.81 -64.32
N LEU D 6 15.15 -12.17 -64.44
CA LEU D 6 14.19 -12.17 -63.29
C LEU D 6 14.56 -13.31 -62.34
N ILE D 7 14.85 -14.51 -62.88
CA ILE D 7 15.33 -15.68 -62.10
C ILE D 7 16.63 -15.29 -61.37
N ALA D 8 17.49 -14.49 -62.03
CA ALA D 8 18.81 -14.05 -61.54
C ALA D 8 18.72 -12.71 -60.80
N SER D 9 17.57 -12.39 -60.21
CA SER D 9 17.32 -11.10 -59.49
C SER D 9 18.22 -11.00 -58.24
N ASN D 10 18.45 -12.12 -57.56
CA ASN D 10 19.31 -12.22 -56.35
C ASN D 10 20.72 -11.66 -56.63
N ARG D 11 21.21 -11.78 -57.86
CA ARG D 11 22.57 -11.31 -58.26
C ARG D 11 22.69 -9.80 -58.05
N ARG D 12 21.59 -9.05 -58.27
CA ARG D 12 21.55 -7.58 -58.08
C ARG D 12 21.79 -7.26 -56.59
N SER D 13 21.06 -7.93 -55.69
CA SER D 13 21.17 -7.78 -54.22
C SER D 13 22.58 -8.17 -53.75
N ALA D 14 23.08 -9.33 -54.22
CA ALA D 14 24.39 -9.90 -53.84
C ALA D 14 25.53 -8.97 -54.30
N ALA D 15 25.39 -8.36 -55.48
CA ALA D 15 26.36 -7.40 -56.06
C ALA D 15 26.43 -6.15 -55.17
N ILE D 16 25.28 -5.59 -54.79
CA ILE D 16 25.18 -4.38 -53.91
C ILE D 16 25.74 -4.73 -52.53
N HIS D 17 25.46 -5.95 -52.05
CA HIS D 17 25.93 -6.45 -50.72
C HIS D 17 27.46 -6.41 -50.66
N ALA D 18 28.12 -7.01 -51.65
CA ALA D 18 29.60 -7.08 -51.78
C ALA D 18 30.19 -5.66 -51.81
N PHE D 19 29.52 -4.74 -52.50
CA PHE D 19 29.93 -3.32 -52.66
C PHE D 19 29.80 -2.58 -51.33
N VAL D 20 28.78 -2.89 -50.53
CA VAL D 20 28.43 -2.16 -49.26
C VAL D 20 29.11 -2.86 -48.06
N ASP D 21 28.97 -4.17 -47.94
CA ASP D 21 29.39 -4.95 -46.74
C ASP D 21 30.90 -4.83 -46.54
N THR D 22 31.69 -4.77 -47.62
CA THR D 22 33.17 -4.65 -47.63
C THR D 22 33.59 -3.24 -47.19
N GLY D 23 32.71 -2.25 -47.33
CA GLY D 23 33.00 -0.84 -47.03
C GLY D 23 33.56 -0.10 -48.24
N LEU D 24 33.57 -0.74 -49.42
CA LEU D 24 34.05 -0.13 -50.69
C LEU D 24 33.18 1.07 -51.04
N SER D 25 31.89 1.04 -50.71
CA SER D 25 30.89 2.11 -50.99
C SER D 25 31.22 3.39 -50.21
N THR D 26 31.97 3.28 -49.10
CA THR D 26 32.33 4.43 -48.22
C THR D 26 33.41 5.31 -48.88
N HIS D 27 34.07 4.81 -49.94
CA HIS D 27 35.07 5.57 -50.73
C HIS D 27 34.38 6.46 -51.77
N PHE D 28 33.04 6.41 -51.87
CA PHE D 28 32.24 7.14 -52.88
C PHE D 28 31.41 8.25 -52.23
N LYS D 29 31.94 8.84 -51.14
CA LYS D 29 31.27 9.91 -50.35
C LYS D 29 31.17 11.21 -51.17
N ASP D 30 30.13 12.01 -50.92
CA ASP D 30 29.96 13.39 -51.43
C ASP D 30 29.96 13.39 -52.97
N GLY D 31 29.42 12.33 -53.59
CA GLY D 31 29.22 12.20 -55.04
C GLY D 31 30.50 12.37 -55.84
N ILE D 32 31.66 12.01 -55.27
CA ILE D 32 32.98 12.10 -55.97
C ILE D 32 33.07 10.97 -56.99
N TYR D 33 33.72 11.22 -58.12
CA TYR D 33 34.07 10.21 -59.16
C TYR D 33 35.35 9.50 -58.73
N VAL D 34 35.23 8.20 -58.42
CA VAL D 34 36.36 7.35 -57.93
C VAL D 34 37.05 6.70 -59.13
N ASP D 35 38.37 6.90 -59.23
CA ASP D 35 39.27 6.17 -60.15
C ASP D 35 39.54 4.79 -59.55
N ILE D 36 39.17 3.71 -60.25
CA ILE D 36 39.18 2.31 -59.70
C ILE D 36 40.64 1.83 -59.60
N SER D 37 41.50 2.21 -60.55
CA SER D 37 42.96 1.95 -60.51
C SER D 37 43.55 2.51 -59.21
N GLU D 38 43.18 3.75 -58.86
CA GLU D 38 43.62 4.45 -57.62
C GLU D 38 43.04 3.73 -56.40
N LEU D 39 41.75 3.37 -56.45
CA LEU D 39 41.04 2.66 -55.35
C LEU D 39 41.70 1.29 -55.11
N SER D 40 42.04 0.58 -56.19
CA SER D 40 42.72 -0.74 -56.16
C SER D 40 44.07 -0.62 -55.45
N ARG D 41 44.82 0.47 -55.71
CA ARG D 41 46.14 0.75 -55.08
C ARG D 41 45.96 1.04 -53.59
N LYS D 42 44.98 1.88 -53.24
CA LYS D 42 44.72 2.37 -51.86
C LYS D 42 44.16 1.24 -50.99
N SER D 43 43.03 0.64 -51.40
CA SER D 43 42.23 -0.32 -50.60
C SER D 43 42.82 -1.74 -50.69
N GLY D 44 43.41 -2.09 -51.84
CA GLY D 44 43.94 -3.43 -52.12
C GLY D 44 42.93 -4.33 -52.79
N VAL D 45 41.76 -3.79 -53.17
CA VAL D 45 40.70 -4.52 -53.92
C VAL D 45 41.25 -4.83 -55.32
N ASN D 46 40.89 -5.99 -55.87
CA ASN D 46 41.32 -6.44 -57.23
C ASN D 46 40.69 -5.52 -58.27
N TYR D 47 41.52 -4.87 -59.10
CA TYR D 47 41.10 -3.84 -60.08
C TYR D 47 40.13 -4.42 -61.10
N ALA D 48 40.55 -5.46 -61.82
CA ALA D 48 39.84 -6.05 -62.99
C ALA D 48 38.47 -6.57 -62.55
N ARG D 49 38.41 -7.26 -61.41
CA ARG D 49 37.19 -7.94 -60.90
C ARG D 49 36.22 -6.90 -60.33
N PHE D 50 36.71 -5.89 -59.60
CA PHE D 50 35.87 -4.82 -59.02
C PHE D 50 35.36 -3.90 -60.13
N SER D 51 36.18 -3.63 -61.15
CA SER D 51 35.80 -2.85 -62.36
C SER D 51 34.57 -3.51 -63.02
N ARG D 52 34.58 -4.84 -63.13
CA ARG D 52 33.47 -5.65 -63.70
C ARG D 52 32.23 -5.55 -62.81
N LEU D 53 32.40 -5.49 -61.48
CA LEU D 53 31.30 -5.31 -60.50
C LEU D 53 30.70 -3.91 -60.69
N CYS D 54 31.56 -2.89 -60.83
CA CYS D 54 31.15 -1.48 -61.08
C CYS D 54 30.32 -1.38 -62.35
N ASP D 55 30.71 -2.10 -63.41
CA ASP D 55 29.98 -2.16 -64.71
C ASP D 55 28.56 -2.68 -64.47
N PHE D 56 28.41 -3.66 -63.57
CA PHE D 56 27.09 -4.26 -63.20
C PHE D 56 26.31 -3.27 -62.34
N LEU D 57 27.00 -2.52 -61.46
CA LEU D 57 26.38 -1.49 -60.57
C LEU D 57 25.90 -0.30 -61.41
N VAL D 58 26.58 0.01 -62.52
CA VAL D 58 26.16 1.07 -63.49
C VAL D 58 24.85 0.61 -64.16
N GLU D 59 24.81 -0.64 -64.62
CA GLU D 59 23.61 -1.28 -65.25
C GLU D 59 22.41 -1.18 -64.30
N MET D 60 22.62 -1.37 -62.99
CA MET D 60 21.56 -1.36 -61.95
C MET D 60 21.13 0.07 -61.62
N GLY D 61 22.00 1.07 -61.85
CA GLY D 61 21.74 2.49 -61.59
C GLY D 61 22.32 2.94 -60.26
N VAL D 62 23.09 2.08 -59.58
CA VAL D 62 23.74 2.38 -58.27
C VAL D 62 24.89 3.37 -58.51
N LEU D 63 25.75 3.06 -59.50
CA LEU D 63 26.90 3.91 -59.91
C LEU D 63 26.57 4.63 -61.22
N VAL D 64 27.16 5.80 -61.43
CA VAL D 64 27.12 6.58 -62.70
C VAL D 64 28.55 6.66 -63.24
N SER D 65 28.74 6.28 -64.51
CA SER D 65 30.05 6.21 -65.20
C SER D 65 30.31 7.51 -65.97
N ASN D 66 31.52 8.07 -65.85
CA ASN D 66 31.99 9.26 -66.61
C ASN D 66 33.51 9.35 -66.53
N ASP D 67 34.18 9.41 -67.68
CA ASP D 67 35.65 9.57 -67.80
C ASP D 67 36.35 8.34 -67.19
N ASN D 68 35.77 7.16 -67.37
CA ASN D 68 36.27 5.86 -66.84
C ASN D 68 36.36 5.92 -65.31
N LYS D 69 35.54 6.75 -64.67
CA LYS D 69 35.42 6.88 -63.19
C LYS D 69 33.96 6.62 -62.81
N PHE D 70 33.72 6.34 -61.53
CA PHE D 70 32.40 5.93 -60.99
C PHE D 70 32.07 6.75 -59.74
N ARG D 71 30.89 7.37 -59.72
CA ARG D 71 30.27 7.97 -58.51
C ARG D 71 28.99 7.20 -58.20
N LEU D 72 28.55 7.23 -56.93
CA LEU D 72 27.18 6.80 -56.54
C LEU D 72 26.18 7.76 -57.20
N SER D 73 25.07 7.24 -57.73
CA SER D 73 23.90 8.03 -58.17
C SER D 73 23.35 8.82 -56.97
N ASP D 74 22.64 9.93 -57.24
CA ASP D 74 22.08 10.81 -56.18
C ASP D 74 21.20 9.99 -55.23
N GLU D 75 20.40 9.06 -55.76
CA GLU D 75 19.48 8.19 -54.99
C GLU D 75 20.28 7.23 -54.10
N CYS D 76 21.42 6.72 -54.59
CA CYS D 76 22.23 5.67 -53.92
C CYS D 76 23.41 6.27 -53.15
N HIS D 77 23.40 7.58 -52.89
CA HIS D 77 24.42 8.30 -52.07
C HIS D 77 24.46 7.71 -50.65
N VAL D 78 23.33 7.18 -50.19
CA VAL D 78 23.14 6.57 -48.83
C VAL D 78 24.17 5.48 -48.57
N PHE D 79 24.63 4.75 -49.59
CA PHE D 79 25.58 3.62 -49.47
C PHE D 79 26.98 4.12 -49.08
N ALA D 80 27.27 5.41 -49.26
CA ALA D 80 28.50 6.08 -48.78
C ALA D 80 28.51 6.10 -47.24
N ASN D 81 27.33 6.20 -46.63
CA ASN D 81 27.12 6.21 -45.16
C ASN D 81 26.89 4.77 -44.69
N PRO D 82 27.81 4.19 -43.89
CA PRO D 82 27.63 2.85 -43.37
C PRO D 82 26.57 2.75 -42.25
N GLU D 83 26.09 3.91 -41.77
CA GLU D 83 25.10 4.04 -40.66
C GLU D 83 23.70 4.38 -41.24
N SER D 84 23.53 4.32 -42.57
CA SER D 84 22.26 4.65 -43.26
C SER D 84 21.29 3.46 -43.17
N PHE D 85 19.99 3.74 -43.23
CA PHE D 85 18.88 2.75 -43.27
C PHE D 85 19.17 1.70 -44.34
N GLU D 86 19.55 2.14 -45.55
CA GLU D 86 19.76 1.28 -46.74
C GLU D 86 20.97 0.37 -46.53
N SER D 87 22.00 0.83 -45.82
CA SER D 87 23.25 0.07 -45.53
C SER D 87 22.92 -1.12 -44.63
N PHE D 88 22.14 -0.91 -43.56
CA PHE D 88 21.67 -1.97 -42.63
C PHE D 88 20.72 -2.92 -43.38
N MET D 89 19.89 -2.40 -44.28
CA MET D 89 18.88 -3.18 -45.03
C MET D 89 19.57 -4.28 -45.84
N ILE D 90 20.56 -3.92 -46.66
CA ILE D 90 21.26 -4.87 -47.60
C ILE D 90 22.04 -5.91 -46.79
N LYS D 91 22.62 -5.52 -45.65
CA LYS D 91 23.44 -6.42 -44.78
C LYS D 91 22.56 -7.55 -44.24
N LEU D 92 21.31 -7.25 -43.85
CA LEU D 92 20.33 -8.24 -43.36
C LEU D 92 19.73 -9.02 -44.54
N GLU D 93 19.45 -8.33 -45.65
CA GLU D 93 18.61 -8.84 -46.78
C GLU D 93 19.09 -10.22 -47.24
N ILE D 94 20.38 -10.39 -47.55
CA ILE D 94 20.91 -11.66 -48.14
C ILE D 94 21.91 -12.34 -47.19
N CYS D 95 21.87 -12.03 -45.89
CA CYS D 95 22.68 -12.74 -44.86
C CYS D 95 22.27 -14.21 -44.81
N SER D 96 23.17 -15.08 -44.34
CA SER D 96 23.00 -16.56 -44.26
C SER D 96 21.65 -16.92 -43.64
N HIS D 97 21.28 -16.22 -42.56
CA HIS D 97 20.05 -16.48 -41.76
C HIS D 97 18.81 -16.23 -42.63
N TYR D 98 18.75 -15.11 -43.34
CA TYR D 98 17.64 -14.74 -44.25
C TYR D 98 17.57 -15.74 -45.41
N SER D 99 18.72 -16.02 -46.04
CA SER D 99 18.87 -16.99 -47.15
C SER D 99 18.27 -18.35 -46.77
N ASN D 100 18.62 -18.85 -45.58
CA ASN D 100 18.17 -20.16 -45.05
C ASN D 100 16.68 -20.10 -44.72
N ALA D 101 16.19 -18.94 -44.27
CA ALA D 101 14.75 -18.69 -44.01
C ALA D 101 13.99 -18.80 -45.34
N TRP D 102 14.49 -18.16 -46.40
CA TRP D 102 13.90 -18.20 -47.78
C TRP D 102 13.89 -19.63 -48.31
N LEU D 103 14.90 -20.44 -47.96
CA LEU D 103 15.04 -21.85 -48.45
C LEU D 103 14.05 -22.77 -47.75
N MET D 104 13.51 -22.35 -46.60
CA MET D 104 12.45 -23.11 -45.85
C MET D 104 11.06 -22.54 -46.17
N TYR D 105 10.99 -21.44 -46.94
CA TYR D 105 9.72 -20.73 -47.28
C TYR D 105 8.79 -21.68 -48.05
N GLY D 106 9.32 -22.40 -49.04
CA GLY D 106 8.59 -23.41 -49.81
C GLY D 106 7.93 -24.44 -48.92
N LYS D 107 8.69 -25.00 -47.98
CA LYS D 107 8.20 -26.05 -47.03
C LYS D 107 7.20 -25.45 -46.05
N SER D 108 7.41 -24.20 -45.62
CA SER D 108 6.59 -23.49 -44.60
C SER D 108 5.13 -23.38 -45.06
N LEU D 109 4.88 -23.32 -46.37
CA LEU D 109 3.52 -23.14 -46.95
C LEU D 109 2.67 -24.41 -46.77
N PHE D 110 3.30 -25.57 -46.50
CA PHE D 110 2.61 -26.89 -46.37
C PHE D 110 2.44 -27.29 -44.89
N GLU D 111 3.11 -26.60 -43.96
CA GLU D 111 2.99 -26.84 -42.49
C GLU D 111 1.88 -25.95 -41.93
N ASP D 112 1.37 -26.29 -40.74
CA ASP D 112 0.27 -25.57 -40.05
C ASP D 112 0.51 -25.61 -38.53
N ASP D 113 1.77 -25.47 -38.09
CA ASP D 113 2.20 -25.54 -36.67
C ASP D 113 2.41 -24.13 -36.11
N GLY D 114 2.25 -23.09 -36.93
CA GLY D 114 2.54 -21.69 -36.56
C GLY D 114 4.03 -21.42 -36.49
N LYS D 115 4.84 -22.23 -37.18
CA LYS D 115 6.32 -22.05 -37.30
C LYS D 115 6.61 -21.27 -38.58
N SER D 116 7.23 -20.10 -38.46
CA SER D 116 7.74 -19.28 -39.60
C SER D 116 8.87 -20.06 -40.29
N ALA D 117 9.06 -19.82 -41.59
CA ALA D 117 10.19 -20.35 -42.39
C ALA D 117 11.50 -20.10 -41.65
N PHE D 118 11.64 -18.93 -41.02
CA PHE D 118 12.80 -18.53 -40.19
C PHE D 118 12.97 -19.52 -39.03
N GLU D 119 11.89 -19.80 -38.29
CA GLU D 119 11.89 -20.73 -37.13
C GLU D 119 12.25 -22.15 -37.61
N MET D 120 11.75 -22.56 -38.78
CA MET D 120 12.00 -23.90 -39.37
C MET D 120 13.48 -24.04 -39.72
N ALA D 121 14.13 -22.94 -40.11
CA ALA D 121 15.55 -22.89 -40.51
C ALA D 121 16.45 -22.83 -39.27
N HIS D 122 16.03 -22.10 -38.23
CA HIS D 122 16.91 -21.62 -37.12
C HIS D 122 16.48 -22.11 -35.73
N GLY D 123 15.34 -22.81 -35.62
CA GLY D 123 14.92 -23.53 -34.39
C GLY D 123 14.18 -22.66 -33.38
N ARG D 124 14.06 -21.35 -33.63
CA ARG D 124 13.32 -20.39 -32.76
C ARG D 124 12.68 -19.31 -33.62
N PRO D 125 11.59 -18.66 -33.13
CA PRO D 125 11.02 -17.49 -33.83
C PRO D 125 12.00 -16.31 -33.82
N PHE D 126 11.79 -15.34 -34.70
CA PHE D 126 12.75 -14.26 -35.06
C PHE D 126 13.31 -13.59 -33.79
N PHE D 127 12.45 -12.94 -33.01
CA PHE D 127 12.84 -12.04 -31.88
C PHE D 127 13.50 -12.84 -30.75
N GLU D 128 13.03 -14.07 -30.49
CA GLU D 128 13.65 -15.00 -29.51
C GLU D 128 15.06 -15.37 -30.00
N TYR D 129 15.23 -15.60 -31.30
CA TYR D 129 16.53 -16.00 -31.92
C TYR D 129 17.53 -14.84 -31.85
N LEU D 130 17.05 -13.60 -32.03
CA LEU D 130 17.89 -12.36 -32.03
C LEU D 130 18.51 -12.15 -30.64
N ASP D 131 17.88 -12.64 -29.57
CA ASP D 131 18.38 -12.54 -28.17
C ASP D 131 19.76 -13.17 -28.07
N GLY D 132 20.02 -14.26 -28.81
CA GLY D 132 21.29 -15.02 -28.78
C GLY D 132 22.10 -14.89 -30.06
N ASN D 133 21.86 -13.84 -30.87
CA ASN D 133 22.62 -13.56 -32.11
C ASN D 133 22.93 -12.07 -32.19
N LYS D 134 24.20 -11.70 -32.05
CA LYS D 134 24.68 -10.29 -31.97
C LYS D 134 24.53 -9.60 -33.34
N PHE D 135 24.87 -10.29 -34.43
CA PHE D 135 24.85 -9.75 -35.81
C PHE D 135 23.41 -9.36 -36.19
N LEU D 136 22.47 -10.30 -36.12
CA LEU D 136 21.04 -10.10 -36.51
C LEU D 136 20.42 -9.00 -35.63
N LYS D 137 20.66 -9.07 -34.32
CA LYS D 137 20.04 -8.19 -33.29
C LYS D 137 20.47 -6.74 -33.50
N SER D 138 21.78 -6.48 -33.56
CA SER D 138 22.39 -5.12 -33.67
C SER D 138 21.98 -4.47 -35.01
N ASN D 139 22.01 -5.24 -36.10
CA ASN D 139 21.70 -4.74 -37.47
C ASN D 139 20.19 -4.47 -37.59
N PHE D 140 19.35 -5.33 -37.01
CA PHE D 140 17.87 -5.17 -37.03
C PHE D 140 17.46 -3.95 -36.20
N ASP D 141 17.95 -3.87 -34.96
CA ASP D 141 17.65 -2.77 -34.01
C ASP D 141 18.12 -1.44 -34.61
N ALA D 142 19.30 -1.42 -35.24
CA ALA D 142 19.88 -0.26 -35.93
C ALA D 142 18.99 0.13 -37.12
N LEU D 143 18.59 -0.87 -37.93
CA LEU D 143 17.72 -0.66 -39.13
C LEU D 143 16.40 0.00 -38.69
N MET D 144 15.81 -0.44 -37.57
CA MET D 144 14.56 0.11 -37.00
C MET D 144 14.81 1.52 -36.45
N THR D 145 15.97 1.73 -35.82
CA THR D 145 16.41 3.03 -35.24
C THR D 145 16.50 4.10 -36.34
N ARG D 146 17.00 3.74 -37.52
CA ARG D 146 17.21 4.68 -38.65
C ARG D 146 15.87 5.11 -39.24
N VAL D 147 14.96 4.18 -39.50
CA VAL D 147 13.62 4.45 -40.11
C VAL D 147 12.75 5.23 -39.11
N SER D 148 12.92 5.00 -37.80
CA SER D 148 12.29 5.81 -36.72
C SER D 148 12.76 7.26 -36.84
N ASN D 149 14.06 7.47 -37.05
CA ASN D 149 14.71 8.80 -37.13
C ASN D 149 14.16 9.58 -38.34
N LEU D 150 13.91 8.88 -39.46
CA LEU D 150 13.50 9.49 -40.75
C LEU D 150 12.06 10.01 -40.68
N ILE D 151 11.18 9.38 -39.90
CA ILE D 151 9.71 9.66 -39.90
C ILE D 151 9.35 10.69 -38.81
N VAL D 152 10.23 10.98 -37.86
CA VAL D 152 9.95 11.84 -36.68
C VAL D 152 9.45 13.21 -37.15
N GLU D 153 10.12 13.81 -38.16
CA GLU D 153 9.81 15.18 -38.66
C GLU D 153 8.34 15.25 -39.09
N LYS D 154 7.87 14.27 -39.88
CA LYS D 154 6.50 14.23 -40.43
C LYS D 154 5.49 13.93 -39.32
N LEU D 155 5.86 13.06 -38.36
CA LEU D 155 5.00 12.69 -37.21
C LEU D 155 4.66 13.93 -36.38
N LEU D 156 5.67 14.75 -36.05
CA LEU D 156 5.52 16.00 -35.24
C LEU D 156 4.73 17.04 -36.05
N GLY D 157 4.83 16.99 -37.38
CA GLY D 157 4.12 17.90 -38.30
C GLY D 157 2.62 17.67 -38.30
N ILE D 158 2.18 16.40 -38.33
CA ILE D 158 0.75 16.01 -38.52
C ILE D 158 0.00 16.02 -37.18
N TYR D 159 0.66 15.62 -36.09
CA TYR D 159 0.01 15.41 -34.76
C TYR D 159 0.64 16.32 -33.71
N ASP D 160 -0.18 16.79 -32.77
CA ASP D 160 0.21 17.65 -31.61
C ASP D 160 0.55 16.73 -30.42
N PHE D 161 1.84 16.57 -30.12
CA PHE D 161 2.35 15.77 -28.98
C PHE D 161 2.42 16.64 -27.72
N ASN D 162 2.34 17.96 -27.89
CA ASN D 162 2.46 18.98 -26.79
C ASN D 162 1.28 18.86 -25.83
N GLN D 163 0.13 18.37 -26.28
CA GLN D 163 -1.11 18.23 -25.46
C GLN D 163 -0.93 17.12 -24.43
N HIS D 164 -0.27 16.01 -24.80
CA HIS D 164 -0.05 14.81 -23.95
C HIS D 164 1.06 15.11 -22.93
N ASN D 165 1.11 14.35 -21.82
CA ASN D 165 2.08 14.56 -20.71
C ASN D 165 2.77 13.25 -20.29
N ARG D 166 2.11 12.09 -20.45
CA ARG D 166 2.71 10.75 -20.17
C ARG D 166 2.59 9.87 -21.42
N ILE D 167 3.73 9.55 -22.04
CA ILE D 167 3.83 8.88 -23.37
C ILE D 167 4.60 7.57 -23.20
N LEU D 168 4.02 6.46 -23.68
CA LEU D 168 4.67 5.12 -23.75
C LEU D 168 4.73 4.68 -25.22
N ASP D 169 5.93 4.35 -25.71
CA ASP D 169 6.15 3.72 -27.04
C ASP D 169 6.30 2.21 -26.83
N VAL D 170 5.26 1.44 -27.18
CA VAL D 170 5.20 -0.04 -27.00
C VAL D 170 5.91 -0.71 -28.17
N GLY D 171 6.86 -1.61 -27.86
CA GLY D 171 7.77 -2.22 -28.85
C GLY D 171 8.62 -1.16 -29.54
N GLY D 172 9.17 -0.23 -28.75
CA GLY D 172 9.86 0.99 -29.24
C GLY D 172 11.33 0.75 -29.58
N GLY D 173 11.80 -0.50 -29.49
CA GLY D 173 13.18 -0.89 -29.83
C GLY D 173 14.19 -0.20 -28.94
N GLU D 174 15.16 0.51 -29.53
CA GLU D 174 16.24 1.24 -28.83
C GLU D 174 15.69 2.58 -28.28
N GLY D 175 14.49 2.97 -28.69
CA GLY D 175 13.75 4.12 -28.13
C GLY D 175 13.92 5.39 -28.94
N GLU D 176 14.53 5.29 -30.14
CA GLU D 176 14.96 6.45 -30.97
C GLU D 176 13.76 7.37 -31.23
N LEU D 177 12.57 6.82 -31.51
CA LEU D 177 11.35 7.61 -31.84
C LEU D 177 11.11 8.63 -30.73
N LEU D 178 10.96 8.18 -29.48
CA LEU D 178 10.61 9.05 -28.32
C LEU D 178 11.83 9.90 -27.92
N VAL D 179 13.05 9.38 -28.07
CA VAL D 179 14.30 10.16 -27.82
C VAL D 179 14.26 11.40 -28.71
N ARG D 180 13.94 11.23 -29.98
CA ARG D 180 13.86 12.33 -31.00
C ARG D 180 12.66 13.24 -30.68
N ILE D 181 11.50 12.65 -30.35
CA ILE D 181 10.25 13.42 -30.00
C ILE D 181 10.51 14.22 -28.71
N SER D 182 11.24 13.64 -27.75
CA SER D 182 11.53 14.25 -26.41
C SER D 182 12.44 15.48 -26.56
N GLU D 183 13.24 15.54 -27.63
CA GLU D 183 14.17 16.67 -27.92
C GLU D 183 13.40 17.87 -28.49
N LYS D 184 12.23 17.62 -29.09
CA LYS D 184 11.37 18.65 -29.73
C LYS D 184 10.22 19.03 -28.78
N VAL D 185 9.64 18.04 -28.11
CA VAL D 185 8.50 18.18 -27.15
C VAL D 185 9.04 17.88 -25.74
N LYS D 186 9.29 18.92 -24.94
CA LYS D 186 10.01 18.82 -23.64
C LYS D 186 9.03 18.98 -22.48
N GLY D 187 9.50 18.65 -21.26
CA GLY D 187 8.75 18.78 -20.00
C GLY D 187 7.67 17.73 -19.84
N LYS D 188 7.81 16.59 -20.53
CA LYS D 188 6.84 15.45 -20.51
C LYS D 188 7.55 14.20 -20.00
N HIS D 189 6.78 13.22 -19.50
CA HIS D 189 7.29 11.89 -19.09
C HIS D 189 7.32 10.95 -20.31
N TYR D 190 8.47 10.32 -20.55
CA TYR D 190 8.73 9.41 -21.70
C TYR D 190 9.12 8.03 -21.18
N ALA D 191 8.54 6.99 -21.77
CA ALA D 191 8.82 5.57 -21.46
C ALA D 191 8.78 4.74 -22.75
N VAL D 192 9.66 3.74 -22.85
CA VAL D 192 9.77 2.81 -24.01
C VAL D 192 9.69 1.38 -23.47
N LEU D 193 8.77 0.58 -24.01
CA LEU D 193 8.59 -0.86 -23.64
C LEU D 193 9.11 -1.73 -24.78
N ASP D 194 9.90 -2.75 -24.45
CA ASP D 194 10.41 -3.78 -25.40
C ASP D 194 10.98 -4.96 -24.60
N ARG D 195 11.51 -5.97 -25.30
CA ARG D 195 12.16 -7.16 -24.71
C ARG D 195 13.65 -6.85 -24.51
N TYR D 196 14.04 -6.47 -23.29
CA TYR D 196 15.43 -6.07 -22.92
C TYR D 196 16.03 -7.10 -21.99
N SER D 197 17.19 -7.66 -22.36
CA SER D 197 18.09 -8.45 -21.47
C SER D 197 18.77 -7.51 -20.48
N GLU D 198 19.20 -6.34 -20.97
CA GLU D 198 19.75 -5.21 -20.17
C GLU D 198 19.06 -3.92 -20.62
N LEU D 199 18.50 -3.15 -19.66
CA LEU D 199 17.78 -1.88 -19.95
C LEU D 199 18.72 -0.91 -20.64
N PRO D 200 18.37 -0.37 -21.83
CA PRO D 200 19.07 0.77 -22.40
C PRO D 200 19.04 1.98 -21.46
N VAL D 201 20.08 2.81 -21.48
CA VAL D 201 20.19 4.04 -20.64
C VAL D 201 20.16 5.27 -21.56
N SER D 202 19.40 6.29 -21.17
CA SER D 202 19.26 7.60 -21.86
C SER D 202 18.62 8.61 -20.92
N ASP D 203 19.00 9.89 -21.02
CA ASP D 203 18.51 10.99 -20.17
C ASP D 203 17.01 11.17 -20.40
N ASN D 204 16.23 11.23 -19.31
CA ASN D 204 14.75 11.43 -19.25
C ASN D 204 14.04 10.50 -20.25
N ILE D 205 14.43 9.23 -20.31
CA ILE D 205 13.68 8.12 -20.97
C ILE D 205 13.58 6.95 -19.98
N ASP D 206 12.36 6.46 -19.73
CA ASP D 206 12.09 5.33 -18.79
C ASP D 206 11.92 4.04 -19.60
N PHE D 207 13.00 3.27 -19.76
CA PHE D 207 13.01 1.98 -20.51
C PHE D 207 12.41 0.87 -19.63
N ILE D 208 11.43 0.15 -20.16
CA ILE D 208 10.65 -0.91 -19.45
C ILE D 208 10.87 -2.25 -20.17
N ASN D 209 11.38 -3.25 -19.47
CA ASN D 209 11.39 -4.66 -19.93
C ASN D 209 9.97 -5.21 -19.75
N GLY D 210 9.33 -5.66 -20.84
CA GLY D 210 7.94 -6.14 -20.81
C GLY D 210 7.60 -7.03 -21.99
N ASN D 211 6.32 -7.42 -22.07
CA ASN D 211 5.76 -8.34 -23.09
C ASN D 211 4.35 -7.86 -23.44
N PHE D 212 4.16 -7.23 -24.60
CA PHE D 212 2.88 -6.63 -25.03
C PHE D 212 1.86 -7.71 -25.40
N LEU D 213 2.30 -8.97 -25.53
CA LEU D 213 1.41 -10.15 -25.70
C LEU D 213 0.65 -10.42 -24.39
N ASN D 214 1.28 -10.14 -23.24
CA ASN D 214 0.72 -10.41 -21.90
C ASN D 214 -0.06 -9.19 -21.39
N SER D 215 0.59 -8.02 -21.30
CA SER D 215 -0.02 -6.77 -20.77
C SER D 215 0.71 -5.52 -21.27
N ILE D 216 -0.03 -4.41 -21.37
CA ILE D 216 0.48 -3.02 -21.59
C ILE D 216 0.31 -2.27 -20.27
N PRO D 217 1.35 -1.56 -19.76
CA PRO D 217 1.19 -0.78 -18.53
C PRO D 217 0.16 0.35 -18.68
N SER D 218 -0.72 0.50 -17.69
CA SER D 218 -1.74 1.58 -17.61
C SER D 218 -1.08 2.85 -17.03
N GLY D 219 -1.77 3.99 -17.16
CA GLY D 219 -1.35 5.28 -16.57
C GLY D 219 -0.58 6.14 -17.56
N TYR D 220 -0.90 6.05 -18.85
CA TYR D 220 -0.35 6.90 -19.94
C TYR D 220 -1.52 7.41 -20.81
N ASP D 221 -1.57 8.72 -21.05
CA ASP D 221 -2.62 9.39 -21.86
C ASP D 221 -2.28 9.28 -23.35
N LEU D 222 -1.05 8.91 -23.70
CA LEU D 222 -0.63 8.63 -25.10
C LEU D 222 0.12 7.30 -25.17
N TYR D 223 -0.28 6.45 -26.11
CA TYR D 223 0.42 5.19 -26.49
C TYR D 223 0.84 5.27 -27.95
N ILE D 224 2.00 4.69 -28.28
CA ILE D 224 2.51 4.55 -29.69
C ILE D 224 2.84 3.07 -29.92
N LEU D 225 2.33 2.52 -31.01
CA LEU D 225 2.67 1.16 -31.52
C LEU D 225 3.10 1.29 -32.99
N LYS D 226 4.40 1.44 -33.23
CA LYS D 226 4.99 1.72 -34.57
C LYS D 226 5.66 0.46 -35.12
N ASN D 227 5.21 -0.02 -36.28
CA ASN D 227 5.81 -1.14 -37.05
C ASN D 227 5.93 -2.37 -36.15
N VAL D 228 4.84 -2.75 -35.46
CA VAL D 228 4.75 -3.98 -34.63
C VAL D 228 3.80 -4.97 -35.33
N LEU D 229 2.55 -4.55 -35.59
CA LEU D 229 1.43 -5.43 -35.98
C LEU D 229 1.78 -6.24 -37.24
N HIS D 230 2.62 -5.73 -38.14
CA HIS D 230 3.02 -6.43 -39.39
C HIS D 230 3.95 -7.61 -39.07
N ASN D 231 4.36 -7.80 -37.80
CA ASN D 231 5.18 -8.94 -37.33
C ASN D 231 4.30 -10.07 -36.77
N TRP D 232 2.97 -9.88 -36.72
CA TRP D 232 2.04 -10.81 -36.00
C TRP D 232 0.83 -11.18 -36.87
N SER D 233 0.20 -12.30 -36.53
CA SER D 233 -1.08 -12.79 -37.11
C SER D 233 -2.23 -11.87 -36.68
N ASP D 234 -3.40 -12.05 -37.28
CA ASP D 234 -4.62 -11.24 -37.01
C ASP D 234 -5.03 -11.43 -35.53
N SER D 235 -5.03 -12.66 -35.04
CA SER D 235 -5.42 -13.02 -33.65
C SER D 235 -4.43 -12.42 -32.64
N ASP D 236 -3.13 -12.57 -32.89
CA ASP D 236 -2.05 -12.00 -32.03
C ASP D 236 -2.11 -10.47 -32.08
N SER D 237 -2.44 -9.88 -33.22
CA SER D 237 -2.64 -8.42 -33.41
C SER D 237 -3.84 -7.94 -32.57
N ILE D 238 -4.95 -8.70 -32.59
CA ILE D 238 -6.16 -8.43 -31.76
C ILE D 238 -5.77 -8.53 -30.28
N LEU D 239 -4.99 -9.55 -29.91
CA LEU D 239 -4.52 -9.79 -28.51
C LEU D 239 -3.75 -8.56 -28.01
N ILE D 240 -2.89 -7.97 -28.86
CA ILE D 240 -2.07 -6.78 -28.53
C ILE D 240 -2.99 -5.56 -28.36
N LEU D 241 -3.88 -5.32 -29.32
CA LEU D 241 -4.83 -4.17 -29.30
C LEU D 241 -5.84 -4.34 -28.14
N GLU D 242 -6.18 -5.58 -27.78
CA GLU D 242 -7.03 -5.90 -26.60
C GLU D 242 -6.31 -5.46 -25.32
N ASN D 243 -5.00 -5.71 -25.23
CA ASN D 243 -4.15 -5.36 -24.05
C ASN D 243 -4.04 -3.83 -23.93
N PHE D 244 -4.15 -3.09 -25.05
CA PHE D 244 -4.16 -1.62 -25.08
C PHE D 244 -5.46 -1.09 -24.45
N ARG D 245 -6.61 -1.64 -24.84
CA ARG D 245 -7.95 -1.25 -24.31
C ARG D 245 -7.94 -1.35 -22.78
N LYS D 246 -7.46 -2.47 -22.24
CA LYS D 246 -7.45 -2.78 -20.79
C LYS D 246 -6.51 -1.84 -20.04
N ALA D 247 -5.47 -1.32 -20.71
CA ALA D 247 -4.47 -0.38 -20.14
C ALA D 247 -4.99 1.05 -20.22
N MET D 248 -5.84 1.36 -21.20
CA MET D 248 -6.28 2.75 -21.54
C MET D 248 -7.56 3.10 -20.76
N ASP D 249 -7.79 4.39 -20.56
CA ASP D 249 -9.05 4.98 -20.00
C ASP D 249 -9.67 5.87 -21.09
N LYS D 250 -10.74 6.60 -20.74
CA LYS D 250 -11.52 7.47 -21.66
C LYS D 250 -10.59 8.48 -22.34
N ASN D 251 -9.67 9.08 -21.59
CA ASN D 251 -8.83 10.23 -22.01
C ASN D 251 -7.62 9.76 -22.82
N SER D 252 -7.23 8.47 -22.70
CA SER D 252 -6.02 7.88 -23.33
C SER D 252 -6.21 7.76 -24.85
N SER D 253 -5.13 7.93 -25.60
CA SER D 253 -5.07 7.78 -27.09
C SER D 253 -3.95 6.80 -27.47
N LEU D 254 -4.16 6.03 -28.55
CA LEU D 254 -3.17 5.08 -29.11
C LEU D 254 -2.87 5.47 -30.57
N LEU D 255 -1.62 5.81 -30.88
CA LEU D 255 -1.15 6.11 -32.25
C LEU D 255 -0.61 4.82 -32.88
N LEU D 256 -1.43 4.14 -33.68
CA LEU D 256 -1.02 2.96 -34.49
C LEU D 256 -0.34 3.46 -35.77
N ILE D 257 0.99 3.50 -35.77
CA ILE D 257 1.86 3.95 -36.90
C ILE D 257 2.41 2.69 -37.59
N ASN D 258 2.22 2.54 -38.89
CA ASN D 258 2.63 1.29 -39.60
C ASN D 258 2.69 1.52 -41.11
N MET D 259 3.63 0.83 -41.77
CA MET D 259 3.64 0.63 -43.25
C MET D 259 2.29 0.02 -43.63
N VAL D 260 1.68 0.51 -44.72
CA VAL D 260 0.29 0.15 -45.12
C VAL D 260 0.31 -0.39 -46.56
N LYS D 261 -0.54 -1.38 -46.85
CA LYS D 261 -0.70 -2.01 -48.18
C LYS D 261 -1.43 -1.05 -49.12
N GLU D 262 -0.77 -0.65 -50.22
CA GLU D 262 -1.38 0.08 -51.35
C GLU D 262 -1.12 -0.72 -52.62
N PRO D 263 -2.13 -0.91 -53.51
CA PRO D 263 -1.94 -1.71 -54.72
C PRO D 263 -0.77 -1.27 -55.60
N GLU D 264 -0.42 0.03 -55.57
CA GLU D 264 0.67 0.64 -56.40
C GLU D 264 2.03 0.03 -56.02
N PHE D 265 2.32 -0.04 -54.72
CA PHE D 265 3.64 -0.44 -54.15
C PHE D 265 3.80 -1.96 -54.19
N SER D 266 5.03 -2.43 -53.97
CA SER D 266 5.45 -3.85 -54.16
C SER D 266 4.89 -4.73 -53.03
N ARG D 267 4.62 -6.00 -53.35
CA ARG D 267 4.12 -7.04 -52.42
C ARG D 267 5.29 -7.76 -51.73
N SER D 268 6.53 -7.46 -52.13
CA SER D 268 7.76 -8.20 -51.69
C SER D 268 7.86 -8.18 -50.16
N PHE D 269 7.58 -7.04 -49.52
CA PHE D 269 7.68 -6.85 -48.05
C PHE D 269 6.67 -7.75 -47.33
N ASP D 270 5.48 -7.93 -47.91
CA ASP D 270 4.40 -8.82 -47.38
C ASP D 270 4.93 -10.26 -47.26
N ILE D 271 5.72 -10.70 -48.26
CA ILE D 271 6.29 -12.07 -48.34
C ILE D 271 7.44 -12.20 -47.33
N LEU D 272 8.20 -11.12 -47.10
CA LEU D 272 9.31 -11.11 -46.12
C LEU D 272 8.74 -11.26 -44.71
N MET D 273 7.64 -10.55 -44.40
CA MET D 273 6.93 -10.61 -43.10
C MET D 273 6.41 -12.04 -42.86
N ASP D 274 5.96 -12.72 -43.92
CA ASP D 274 5.50 -14.14 -43.86
C ASP D 274 6.68 -15.04 -43.50
N VAL D 275 7.81 -14.87 -44.20
CA VAL D 275 9.04 -15.71 -44.07
C VAL D 275 9.64 -15.53 -42.66
N LEU D 276 9.77 -14.28 -42.20
CA LEU D 276 10.49 -13.95 -40.94
C LEU D 276 9.58 -14.16 -39.72
N PHE D 277 8.29 -13.79 -39.81
CA PHE D 277 7.40 -13.59 -38.63
C PHE D 277 6.08 -14.36 -38.72
N LEU D 278 5.71 -14.91 -39.88
CA LEU D 278 4.32 -15.33 -40.22
C LEU D 278 3.39 -14.12 -40.07
N GLY D 279 3.92 -12.92 -40.31
CA GLY D 279 3.16 -11.66 -40.32
C GLY D 279 2.67 -11.34 -41.73
N LYS D 280 2.18 -10.11 -41.94
CA LYS D 280 1.61 -9.67 -43.23
C LYS D 280 1.50 -8.14 -43.23
N GLU D 281 1.43 -7.54 -44.43
CA GLU D 281 1.04 -6.13 -44.61
C GLU D 281 -0.50 -6.05 -44.53
N ARG D 282 -1.03 -4.91 -44.06
CA ARG D 282 -2.48 -4.67 -43.93
C ARG D 282 -2.83 -3.26 -44.42
N SER D 283 -4.00 -3.11 -45.05
CA SER D 283 -4.61 -1.82 -45.43
C SER D 283 -5.16 -1.13 -44.18
N PHE D 284 -5.60 0.12 -44.32
CA PHE D 284 -6.23 0.92 -43.23
C PHE D 284 -7.48 0.21 -42.72
N THR D 285 -8.33 -0.26 -43.64
CA THR D 285 -9.63 -0.94 -43.33
C THR D 285 -9.37 -2.25 -42.58
N GLU D 286 -8.30 -2.96 -42.95
CA GLU D 286 -7.87 -4.23 -42.28
C GLU D 286 -7.34 -3.93 -40.88
N PHE D 287 -6.60 -2.82 -40.71
CA PHE D 287 -6.10 -2.33 -39.40
C PHE D 287 -7.29 -1.91 -38.53
N GLU D 288 -8.25 -1.18 -39.12
CA GLU D 288 -9.48 -0.68 -38.42
C GLU D 288 -10.29 -1.87 -37.90
N TYR D 289 -10.40 -2.95 -38.68
CA TYR D 289 -11.16 -4.18 -38.33
C TYR D 289 -10.56 -4.82 -37.07
N LEU D 290 -9.23 -4.93 -37.01
CA LEU D 290 -8.50 -5.53 -35.85
C LEU D 290 -8.74 -4.67 -34.60
N ALA D 291 -8.70 -3.34 -34.75
CA ALA D 291 -8.98 -2.36 -33.68
C ALA D 291 -10.43 -2.50 -33.21
N ASN D 292 -11.37 -2.67 -34.14
CA ASN D 292 -12.83 -2.85 -33.86
C ASN D 292 -13.03 -4.12 -33.03
N GLN D 293 -12.39 -5.23 -33.42
CA GLN D 293 -12.49 -6.56 -32.74
C GLN D 293 -11.95 -6.44 -31.30
N ALA D 294 -10.94 -5.60 -31.08
CA ALA D 294 -10.29 -5.36 -29.77
C ALA D 294 -11.08 -4.35 -28.95
N GLY D 295 -12.12 -3.74 -29.52
CA GLY D 295 -12.98 -2.74 -28.86
C GLY D 295 -12.33 -1.37 -28.84
N LEU D 296 -11.65 -1.00 -29.94
CA LEU D 296 -11.03 0.34 -30.14
C LEU D 296 -11.69 1.03 -31.33
N VAL D 297 -11.78 2.36 -31.27
CA VAL D 297 -12.48 3.24 -32.25
C VAL D 297 -11.45 4.12 -32.94
N VAL D 298 -11.53 4.23 -34.28
CA VAL D 298 -10.67 5.13 -35.10
C VAL D 298 -11.22 6.56 -34.98
N GLN D 299 -10.50 7.44 -34.27
CA GLN D 299 -10.88 8.85 -34.05
C GLN D 299 -10.35 9.72 -35.20
N GLU D 300 -9.23 9.34 -35.81
CA GLU D 300 -8.54 10.13 -36.86
C GLU D 300 -7.59 9.23 -37.65
N THR D 301 -7.56 9.39 -38.97
CA THR D 301 -6.67 8.65 -39.92
C THR D 301 -5.92 9.66 -40.78
N LYS D 302 -4.61 9.46 -40.95
CA LYS D 302 -3.75 10.25 -41.85
C LYS D 302 -2.76 9.32 -42.55
N VAL D 303 -2.27 9.72 -43.73
CA VAL D 303 -1.21 8.97 -44.48
C VAL D 303 0.07 9.80 -44.43
N ILE D 304 1.14 9.21 -43.89
CA ILE D 304 2.53 9.75 -43.91
C ILE D 304 3.26 9.12 -45.11
N ASP D 305 3.86 9.94 -45.97
CA ASP D 305 4.67 9.49 -47.13
C ASP D 305 6.14 9.43 -46.70
N GLN D 306 6.73 8.23 -46.73
CA GLN D 306 8.20 8.01 -46.63
C GLN D 306 8.69 7.47 -47.98
N SER D 307 9.96 7.71 -48.30
CA SER D 307 10.60 7.36 -49.61
C SER D 307 10.29 5.91 -49.98
N TYR D 308 10.40 4.99 -49.02
CA TYR D 308 10.40 3.51 -49.25
C TYR D 308 8.99 2.92 -49.19
N SER D 309 8.06 3.53 -48.45
CA SER D 309 6.69 3.00 -48.24
C SER D 309 5.74 4.10 -47.77
N PRO D 310 4.43 4.01 -48.13
CA PRO D 310 3.41 4.81 -47.47
C PRO D 310 3.11 4.28 -46.06
N TYR D 311 2.74 5.17 -45.13
CA TYR D 311 2.43 4.84 -43.72
C TYR D 311 0.97 5.18 -43.43
N SER D 312 0.36 4.45 -42.49
CA SER D 312 -0.99 4.70 -41.92
C SER D 312 -0.82 5.29 -40.51
N PHE D 313 -1.34 6.49 -40.29
CA PHE D 313 -1.45 7.16 -38.97
C PHE D 313 -2.89 7.01 -38.46
N ILE D 314 -3.11 6.13 -37.48
CA ILE D 314 -4.46 5.80 -36.94
C ILE D 314 -4.49 6.15 -35.44
N LYS D 315 -5.21 7.22 -35.09
CA LYS D 315 -5.48 7.65 -33.69
C LYS D 315 -6.65 6.81 -33.15
N LEU D 316 -6.36 5.86 -32.25
CA LEU D 316 -7.35 4.93 -31.68
C LEU D 316 -7.72 5.35 -30.25
N GLN D 317 -8.98 5.14 -29.88
CA GLN D 317 -9.52 5.37 -28.51
C GLN D 317 -10.55 4.26 -28.21
N ILE D 318 -10.80 4.00 -26.92
CA ILE D 318 -11.78 2.97 -26.45
C ILE D 318 -13.19 3.42 -26.87
N LYS D 319 -14.03 2.46 -27.26
CA LYS D 319 -15.47 2.71 -27.59
C LYS D 319 -16.19 3.18 -26.31
N SAH E . -17.30 35.23 43.69
CA SAH E . -17.94 34.29 42.73
CB SAH E . -17.54 34.60 41.28
CG SAH E . -16.04 34.61 41.03
SD SAH E . -15.62 34.87 39.30
C SAH E . -17.53 32.84 43.07
O SAH E . -18.14 31.88 42.63
OXT SAH E . -16.56 32.63 43.80
C5' SAH E . -15.23 36.64 39.26
C4' SAH E . -16.46 37.51 39.36
O4' SAH E . -16.07 38.91 39.40
C3' SAH E . -17.43 37.38 38.17
O3' SAH E . -18.75 37.11 38.64
C2' SAH E . -17.35 38.74 37.47
O2' SAH E . -18.57 39.13 36.88
C1' SAH E . -16.97 39.65 38.63
N9 SAH E . -16.33 40.90 38.23
C8 SAH E . -15.33 41.04 37.31
N7 SAH E . -14.93 42.28 37.15
C5 SAH E . -15.72 43.00 38.02
C6 SAH E . -15.77 44.37 38.33
N6 SAH E . -14.99 45.29 37.77
N1 SAH E . -16.67 44.77 39.27
C2 SAH E . -17.45 43.84 39.84
N3 SAH E . -17.48 42.52 39.63
C4 SAH E . -16.58 42.16 38.71
C4 QOI F . -12.92 27.02 38.28
C5 QOI F . -13.13 26.09 39.29
C6 QOI F . -13.12 26.47 40.63
C7 QOI F . -12.49 29.31 37.61
C8 QOI F . -12.50 28.91 36.28
C10 QOI F . -12.94 26.61 36.95
C13 QOI F . -12.31 29.43 33.91
O16 QOI F . -13.13 25.43 36.67
C9 QOI F . -12.72 27.56 35.94
C11 QOI F . -12.73 27.16 34.61
C12 QOI F . -12.53 28.10 33.59
O19 QOI F . -12.55 27.69 32.30
C14 QOI F . -12.29 29.82 35.24
O18 QOI F . -12.08 31.12 35.59
O15 QOI F . -12.29 30.49 37.91
C3 QOI F . -12.70 28.36 38.62
C1 QOI F . -12.91 27.81 40.97
C2 QOI F . -12.69 28.74 39.97
O17 QOI F . -12.48 30.05 40.26
NA NA G . -28.85 11.48 24.36
C CO3 H . 0.22 9.92 17.78
O1 CO3 H . 1.28 9.23 17.62
O2 CO3 H . -0.46 9.79 18.85
O3 CO3 H . -0.16 10.71 16.87
N SAH I . 2.68 7.55 2.50
CA SAH I . 3.05 8.85 3.14
CB SAH I . 1.84 9.77 3.31
CG SAH I . 0.66 9.12 4.02
SD SAH I . -0.60 10.33 4.53
C SAH I . 3.66 8.57 4.52
O SAH I . 3.44 7.52 5.12
OXT SAH I . 4.39 9.41 5.06
C5' SAH I . -1.89 10.04 3.30
C4' SAH I . -1.48 10.46 1.90
O4' SAH I . -2.46 9.97 0.95
C3' SAH I . -1.39 11.97 1.70
O3' SAH I . -0.14 12.31 1.13
C2' SAH I . -2.56 12.28 0.76
O2' SAH I . -2.31 13.37 -0.10
C1' SAH I . -2.68 10.98 -0.01
N9 SAH I . -3.97 10.75 -0.63
C8 SAH I . -5.20 10.96 -0.07
N7 SAH I . -6.21 10.68 -0.86
C5 SAH I . -5.60 10.25 -2.03
C6 SAH I . -6.12 9.81 -3.26
N6 SAH I . -7.42 9.71 -3.52
N1 SAH I . -5.23 9.45 -4.22
C2 SAH I . -3.93 9.55 -3.96
N3 SAH I . -3.33 9.95 -2.84
C4 SAH I . -4.22 10.29 -1.90
C4 QOI J . 1.17 10.77 12.52
C5 QOI J . 2.36 10.19 12.97
C6 QOI J . 2.84 9.02 12.37
C7 QOI J . -0.71 10.77 10.99
C8 QOI J . -1.19 11.93 11.60
C10 QOI J . 0.69 11.93 13.12
C13 QOI J . -2.86 13.69 11.76
O16 QOI J . 1.32 12.44 14.06
C9 QOI J . -0.49 12.51 12.67
C11 QOI J . -0.98 13.69 13.27
C12 QOI J . -2.15 14.27 12.82
O19 QOI J . -2.62 15.40 13.41
C14 QOI J . -2.38 12.54 11.16
O18 QOI J . -3.04 11.95 10.13
O15 QOI J . -1.32 10.25 10.05
C3 QOI J . 0.48 10.19 11.46
C1 QOI J . 2.16 8.44 11.31
C2 QOI J . 0.98 9.03 10.86
O17 QOI J . 0.27 8.49 9.82
C1 GOL K . 19.46 29.94 24.56
O1 GOL K . 20.84 29.64 24.74
C2 GOL K . 19.17 31.41 24.73
O2 GOL K . 19.65 32.13 23.59
C3 GOL K . 19.77 31.99 25.98
O3 GOL K . 19.34 33.34 26.20
C CO3 L . -9.00 23.23 37.70
O1 CO3 L . -7.84 23.01 37.24
O2 CO3 L . -9.82 23.94 37.06
O3 CO3 L . -9.34 22.72 38.82
N SAH M . -2.75 -36.33 -1.20
CA SAH M . -1.38 -36.35 -1.79
CB SAH M . -0.90 -37.79 -2.04
CG SAH M . -1.82 -38.61 -2.93
SD SAH M . -1.17 -40.26 -3.29
C SAH M . -1.37 -35.57 -3.11
O SAH M . -2.42 -35.19 -3.62
OXT SAH M . -0.31 -35.34 -3.71
C5' SAH M . -2.15 -41.29 -2.16
C4' SAH M . -1.73 -41.14 -0.72
O4' SAH M . -2.61 -41.92 0.13
C3' SAH M . -0.30 -41.62 -0.41
O3' SAH M . 0.43 -40.60 0.24
C2' SAH M . -0.51 -42.83 0.50
O2' SAH M . 0.51 -42.98 1.46
C1' SAH M . -1.84 -42.48 1.15
N9 SAH M . -2.56 -43.62 1.71
C8 SAH M . -2.82 -44.82 1.09
N7 SAH M . -3.49 -45.66 1.84
C5 SAH M . -3.68 -44.98 3.04
C6 SAH M . -4.32 -45.33 4.24
N6 SAH M . -4.92 -46.51 4.44
N1 SAH M . -4.33 -44.42 5.24
C2 SAH M . -3.74 -43.24 5.02
N3 SAH M . -3.10 -42.80 3.95
C4 SAH M . -3.10 -43.72 2.98
C4 QOI N . 0.36 -38.31 -11.28
C5 QOI N . 0.32 -36.98 -11.72
C6 QOI N . -0.59 -36.09 -11.17
C7 QOI N . -0.48 -40.08 -9.87
C8 QOI N . 0.45 -40.95 -10.42
C10 QOI N . 1.28 -39.18 -11.85
C13 QOI N . 1.44 -43.18 -10.57
O16 QOI N . 2.05 -38.79 -12.72
C9 QOI N . 1.33 -40.51 -11.42
C11 QOI N . 2.25 -41.39 -11.98
C12 QOI N . 2.31 -42.72 -11.56
O19 QOI N . 3.22 -43.55 -12.13
C14 QOI N . 0.52 -42.29 -10.01
O18 QOI N . -0.35 -42.70 -9.04
O15 QOI N . -1.25 -40.47 -8.98
C3 QOI N . -0.53 -38.74 -10.30
C1 QOI N . -1.48 -36.51 -10.18
C2 QOI N . -1.44 -37.84 -9.75
O17 QOI N . -2.29 -38.28 -8.79
CL CL O . 28.45 -29.63 -22.96
C CO3 P . -0.27 -38.76 -16.25
O1 CO3 P . -0.87 -39.26 -17.26
O2 CO3 P . -0.17 -37.50 -16.13
O3 CO3 P . 0.23 -39.53 -15.36
N SAH Q . 8.76 0.40 -32.90
CA SAH Q . 10.13 0.31 -33.48
CB SAH Q . 10.59 -1.15 -33.65
CG SAH Q . 9.67 -2.00 -34.51
SD SAH Q . 10.32 -3.65 -34.83
C SAH Q . 10.16 1.02 -34.84
O SAH Q . 11.22 1.33 -35.38
OXT SAH Q . 9.12 1.28 -35.42
C5' SAH Q . 9.37 -4.67 -33.69
C4' SAH Q . 9.75 -4.46 -32.25
O4' SAH Q . 8.86 -5.20 -31.39
C3' SAH Q . 11.17 -4.92 -31.88
O3' SAH Q . 11.88 -3.87 -31.22
C2' SAH Q . 10.94 -6.11 -30.95
O2' SAH Q . 11.95 -6.26 -29.97
C1' SAH Q . 9.60 -5.73 -30.32
N9 SAH Q . 8.87 -6.85 -29.74
C8 SAH Q . 8.65 -8.08 -30.30
N7 SAH Q . 7.96 -8.89 -29.53
C5 SAH Q . 7.71 -8.15 -28.39
C6 SAH Q . 7.02 -8.45 -27.20
N6 SAH Q . 6.43 -9.61 -26.96
N1 SAH Q . 6.95 -7.47 -26.26
C2 SAH Q . 7.54 -6.30 -26.51
N3 SAH Q . 8.22 -5.91 -27.58
C4 SAH Q . 8.28 -6.88 -28.50
C4 QOI R . 11.96 -2.08 -42.67
C5 QOI R . 11.90 -0.75 -43.11
C6 QOI R . 10.95 0.12 -42.59
C7 QOI R . 11.10 -3.85 -41.24
C8 QOI R . 12.07 -4.73 -41.77
C10 QOI R . 12.91 -2.94 -43.19
C13 QOI R . 13.13 -6.92 -41.86
O16 QOI R . 13.72 -2.54 -44.04
C9 QOI R . 12.97 -4.27 -42.74
C11 QOI R . 13.94 -5.13 -43.26
C12 QOI R . 14.01 -6.45 -42.83
O19 QOI R . 14.95 -7.27 -43.36
C14 QOI R . 12.16 -6.05 -41.35
O18 QOI R . 11.27 -6.47 -40.40
O15 QOI R . 10.32 -4.26 -40.39
C3 QOI R . 11.05 -2.53 -41.70
C1 QOI R . 10.04 -0.31 -41.64
C2 QOI R . 10.10 -1.63 -41.19
O17 QOI R . 9.24 -2.08 -40.25
CL CL S . 21.98 10.36 -60.80
CL CL T . 40.31 6.55 -54.17
C CO3 U . 11.31 -2.52 -47.74
O1 CO3 U . 11.15 -3.35 -48.68
O2 CO3 U . 10.76 -1.38 -47.79
O3 CO3 U . 12.03 -2.83 -46.74
#